data_1B6C
#
_entry.id   1B6C
#
_cell.length_a   75.580
_cell.length_b   81.060
_cell.length_c   90.530
_cell.angle_alpha   86.23
_cell.angle_beta   81.86
_cell.angle_gamma   63.92
#
_symmetry.space_group_name_H-M   'P 1'
#
loop_
_entity.id
_entity.type
_entity.pdbx_description
1 polymer 'FK506-BINDING PROTEIN'
2 polymer 'TGF-B SUPERFAMILY RECEPTOR TYPE I'
3 non-polymer 'SULFATE ION'
4 water water
#
loop_
_entity_poly.entity_id
_entity_poly.type
_entity_poly.pdbx_seq_one_letter_code
_entity_poly.pdbx_strand_id
1 'polypeptide(L)'
;GVQVETISPGDGRTFPKRGQTCVVHYTGMLEDGKKFDSSRDRNKPFKFMLGKQEVIRGWEEGVAQMSVGQRAKLTISPDY
AYGATGHPGIIPPHATLVFDVELLKLE
;
A,C,E,G
2 'polypeptide(L)'
;EDPSLDRPFISEGTTLKDLIYDMTTSGSGSGLPLLVQRTIARTIVLQESIGKGRFGEVWRGKWRGEEVAVKIFSSREERS
WFREAEIYQTVMLRHENILGFIAADNKDNGTWTQLWLVSDYHEHGSLFDYLNRYTVTVEGMIKLALSTASGLAHLHMEIV
GTQGKPAIAHRDLKSKNILVKKNGTCCIADLGLAVRHDSATDTIDIAPNHRVGTKRYMAPEVLDDSINMKHFESFKRADI
YAMGLVFWEIARRCSIGGIHEDYQLPYYDLVPSDPSVEEMRKVVCEQKLRPNIPNRWQSCEALRVMAKIMRECWYANGAA
RLTALRIKKTLSQLSQQEGIKM
;
B,D,F,H
#
# COMPACT_ATOMS: atom_id res chain seq x y z
N GLY A 1 -30.84 -29.73 24.20
CA GLY A 1 -30.25 -29.54 22.84
C GLY A 1 -31.35 -29.26 21.84
N VAL A 2 -31.43 -30.06 20.78
CA VAL A 2 -32.46 -29.86 19.78
C VAL A 2 -33.23 -31.11 19.47
N GLN A 3 -34.53 -30.95 19.27
CA GLN A 3 -35.40 -32.05 18.92
C GLN A 3 -35.85 -31.74 17.50
N VAL A 4 -35.84 -32.75 16.64
CA VAL A 4 -36.26 -32.55 15.28
C VAL A 4 -37.49 -33.39 15.01
N GLU A 5 -38.60 -32.75 14.69
CA GLU A 5 -39.83 -33.46 14.39
C GLU A 5 -40.17 -33.19 12.93
N THR A 6 -40.24 -34.23 12.12
CA THR A 6 -40.54 -34.02 10.72
C THR A 6 -41.97 -33.59 10.52
N ILE A 7 -42.14 -32.68 9.58
CA ILE A 7 -43.45 -32.15 9.21
C ILE A 7 -43.72 -32.69 7.81
N SER A 8 -42.66 -32.78 7.03
CA SER A 8 -42.73 -33.25 5.66
C SER A 8 -41.36 -33.85 5.31
N PRO A 9 -41.33 -35.12 4.87
CA PRO A 9 -40.15 -35.90 4.50
C PRO A 9 -39.28 -35.35 3.39
N GLY A 10 -37.97 -35.54 3.55
CA GLY A 10 -37.02 -35.10 2.54
C GLY A 10 -36.68 -36.31 1.68
N ASP A 11 -35.58 -36.28 0.94
CA ASP A 11 -35.27 -37.44 0.14
C ASP A 11 -34.73 -38.57 1.03
N GLY A 12 -34.53 -38.28 2.31
CA GLY A 12 -34.05 -39.28 3.25
C GLY A 12 -32.57 -39.63 3.28
N ARG A 13 -31.77 -39.07 2.38
CA ARG A 13 -30.34 -39.42 2.39
C ARG A 13 -29.32 -38.31 2.17
N THR A 14 -29.75 -37.17 1.67
CA THR A 14 -28.83 -36.08 1.41
C THR A 14 -28.76 -35.12 2.60
N PHE A 15 -27.83 -35.41 3.51
CA PHE A 15 -27.66 -34.60 4.69
C PHE A 15 -26.47 -33.65 4.51
N PRO A 16 -26.64 -32.38 4.89
CA PRO A 16 -25.55 -31.42 4.74
C PRO A 16 -24.28 -31.90 5.44
N LYS A 17 -23.14 -31.55 4.85
CA LYS A 17 -21.84 -31.92 5.40
C LYS A 17 -21.09 -30.63 5.71
N ARG A 18 -20.13 -30.70 6.62
CA ARG A 18 -19.35 -29.52 6.99
C ARG A 18 -18.79 -28.88 5.73
N GLY A 19 -18.89 -27.55 5.63
CA GLY A 19 -18.36 -26.86 4.48
C GLY A 19 -19.39 -26.50 3.42
N GLN A 20 -20.47 -27.27 3.35
CA GLN A 20 -21.53 -27.02 2.38
C GLN A 20 -22.41 -25.86 2.83
N THR A 21 -23.05 -25.22 1.86
CA THR A 21 -23.95 -24.12 2.17
C THR A 21 -25.38 -24.60 2.13
N CYS A 22 -26.07 -24.46 3.25
CA CYS A 22 -27.45 -24.86 3.32
C CYS A 22 -28.32 -23.68 2.93
N VAL A 23 -29.36 -23.96 2.16
CA VAL A 23 -30.30 -22.94 1.73
C VAL A 23 -31.60 -23.40 2.37
N VAL A 24 -32.22 -22.55 3.16
CA VAL A 24 -33.44 -22.97 3.84
C VAL A 24 -34.48 -21.88 3.91
N HIS A 25 -35.65 -22.24 4.42
CA HIS A 25 -36.73 -21.32 4.63
C HIS A 25 -37.13 -21.61 6.06
N TYR A 26 -37.26 -20.58 6.89
CA TYR A 26 -37.62 -20.80 8.28
C TYR A 26 -38.57 -19.77 8.86
N THR A 27 -39.02 -20.07 10.06
CA THR A 27 -39.91 -19.22 10.80
C THR A 27 -39.60 -19.57 12.23
N GLY A 28 -39.14 -18.57 12.98
CA GLY A 28 -38.80 -18.81 14.37
C GLY A 28 -39.85 -18.23 15.27
N MET A 29 -40.18 -18.96 16.34
CA MET A 29 -41.17 -18.55 17.32
C MET A 29 -40.66 -18.85 18.71
N LEU A 30 -41.21 -18.15 19.69
CA LEU A 30 -40.83 -18.41 21.07
C LEU A 30 -41.82 -19.49 21.46
N GLU A 31 -41.63 -20.14 22.61
CA GLU A 31 -42.55 -21.18 23.02
C GLU A 31 -44.02 -20.79 22.99
N ASP A 32 -44.34 -19.56 23.38
CA ASP A 32 -45.73 -19.11 23.39
C ASP A 32 -46.32 -18.82 22.01
N GLY A 33 -45.56 -19.07 20.94
CA GLY A 33 -46.09 -18.86 19.60
C GLY A 33 -45.82 -17.54 18.90
N LYS A 34 -45.12 -16.61 19.54
CA LYS A 34 -44.84 -15.34 18.89
C LYS A 34 -43.64 -15.46 17.98
N LYS A 35 -43.88 -15.14 16.72
CA LYS A 35 -42.85 -15.20 15.71
C LYS A 35 -41.83 -14.10 15.94
N PHE A 36 -40.57 -14.35 15.62
CA PHE A 36 -39.53 -13.34 15.81
C PHE A 36 -38.62 -13.18 14.60
N ASP A 37 -38.77 -14.04 13.60
CA ASP A 37 -37.96 -13.97 12.38
C ASP A 37 -38.52 -14.97 11.38
N SER A 38 -38.47 -14.63 10.10
CA SER A 38 -38.99 -15.52 9.08
C SER A 38 -38.51 -15.18 7.68
N SER A 39 -37.64 -16.02 7.12
CA SER A 39 -37.16 -15.78 5.77
C SER A 39 -38.33 -15.92 4.81
N ARG A 40 -39.37 -16.63 5.24
CA ARG A 40 -40.53 -16.80 4.38
C ARG A 40 -41.21 -15.46 4.18
N ASP A 41 -41.41 -14.71 5.27
CA ASP A 41 -42.03 -13.41 5.15
C ASP A 41 -41.21 -12.51 4.22
N ARG A 42 -39.90 -12.75 4.18
CA ARG A 42 -39.02 -11.97 3.31
C ARG A 42 -39.03 -12.48 1.87
N ASN A 43 -39.60 -13.68 1.67
CA ASN A 43 -39.64 -14.31 0.35
C ASN A 43 -38.21 -14.42 -0.22
N LYS A 44 -37.26 -14.77 0.65
CA LYS A 44 -35.87 -14.91 0.26
C LYS A 44 -35.27 -15.97 1.17
N PRO A 45 -34.81 -17.07 0.58
CA PRO A 45 -34.21 -18.17 1.34
C PRO A 45 -32.99 -17.69 2.10
N PHE A 46 -32.75 -18.32 3.25
CA PHE A 46 -31.63 -17.99 4.10
C PHE A 46 -30.48 -18.97 3.83
N LYS A 47 -29.24 -18.48 3.80
CA LYS A 47 -28.10 -19.34 3.51
C LYS A 47 -27.03 -19.32 4.57
N PHE A 48 -26.49 -20.48 4.94
CA PHE A 48 -25.42 -20.49 5.91
C PHE A 48 -24.50 -21.68 5.66
N MET A 49 -23.23 -21.53 6.00
CA MET A 49 -22.29 -22.61 5.82
C MET A 49 -22.16 -23.40 7.09
N LEU A 50 -22.49 -24.67 6.98
CA LEU A 50 -22.44 -25.57 8.12
C LEU A 50 -21.00 -25.68 8.62
N GLY A 51 -20.82 -25.59 9.93
CA GLY A 51 -19.50 -25.72 10.49
C GLY A 51 -18.77 -24.43 10.83
N LYS A 52 -19.18 -23.31 10.27
CA LYS A 52 -18.51 -22.05 10.57
C LYS A 52 -19.23 -21.24 11.65
N GLN A 53 -20.20 -21.90 12.30
CA GLN A 53 -21.00 -21.31 13.37
C GLN A 53 -21.64 -19.97 13.04
N GLU A 54 -22.20 -19.86 11.85
CA GLU A 54 -22.85 -18.63 11.46
C GLU A 54 -24.26 -18.65 12.04
N VAL A 55 -24.64 -19.79 12.61
CA VAL A 55 -25.96 -19.92 13.23
C VAL A 55 -25.82 -20.55 14.61
N ILE A 56 -26.88 -20.50 15.41
CA ILE A 56 -26.81 -21.09 16.74
C ILE A 56 -26.56 -22.58 16.66
N ARG A 57 -26.03 -23.14 17.75
CA ARG A 57 -25.70 -24.55 17.83
C ARG A 57 -26.87 -25.48 17.51
N GLY A 58 -28.03 -25.20 18.08
CA GLY A 58 -29.19 -26.03 17.80
C GLY A 58 -29.54 -26.12 16.31
N TRP A 59 -29.17 -25.10 15.54
CA TRP A 59 -29.45 -25.09 14.10
C TRP A 59 -28.41 -25.91 13.35
N GLU A 60 -27.16 -25.69 13.70
CA GLU A 60 -26.04 -26.36 13.06
C GLU A 60 -26.18 -27.87 13.28
N GLU A 61 -26.72 -28.25 14.43
CA GLU A 61 -26.90 -29.65 14.71
C GLU A 61 -28.27 -30.16 14.28
N GLY A 62 -29.26 -29.27 14.27
CA GLY A 62 -30.60 -29.65 13.86
C GLY A 62 -30.74 -29.84 12.36
N VAL A 63 -30.19 -28.92 11.58
CA VAL A 63 -30.29 -29.02 10.13
C VAL A 63 -29.36 -30.09 9.58
N ALA A 64 -28.34 -30.46 10.34
CA ALA A 64 -27.42 -31.50 9.90
C ALA A 64 -28.15 -32.85 9.86
N GLN A 65 -29.41 -32.86 10.29
CA GLN A 65 -30.21 -34.08 10.31
C GLN A 65 -31.37 -34.16 9.34
N MET A 66 -31.72 -33.04 8.69
CA MET A 66 -32.85 -33.02 7.68
C MET A 66 -32.04 -33.41 6.46
N SER A 67 -32.75 -33.94 5.50
CA SER A 67 -32.18 -34.32 4.24
C SER A 67 -32.84 -33.31 3.32
N VAL A 68 -32.21 -33.01 2.19
CA VAL A 68 -32.78 -32.07 1.25
C VAL A 68 -34.26 -32.32 0.99
N GLY A 69 -35.05 -31.25 1.08
CA GLY A 69 -36.47 -31.33 0.83
C GLY A 69 -37.30 -31.51 2.09
N GLN A 70 -36.62 -31.80 3.18
CA GLN A 70 -37.32 -32.02 4.44
C GLN A 70 -37.80 -30.73 5.12
N ARG A 71 -38.92 -30.82 5.83
CA ARG A 71 -39.45 -29.69 6.55
C ARG A 71 -39.68 -30.20 7.96
N ALA A 72 -39.08 -29.54 8.95
CA ALA A 72 -39.22 -29.98 10.33
C ALA A 72 -39.29 -28.90 11.38
N LYS A 73 -39.72 -29.30 12.58
CA LYS A 73 -39.80 -28.38 13.69
C LYS A 73 -38.60 -28.62 14.58
N LEU A 74 -37.74 -27.62 14.71
CA LEU A 74 -36.59 -27.75 15.57
C LEU A 74 -36.93 -27.02 16.85
N THR A 75 -36.93 -27.71 17.97
CA THR A 75 -37.20 -27.12 19.26
C THR A 75 -35.84 -27.07 19.92
N ILE A 76 -35.35 -25.86 20.11
CA ILE A 76 -34.01 -25.65 20.66
C ILE A 76 -34.01 -25.09 22.08
N SER A 77 -33.25 -25.72 22.96
CA SER A 77 -33.15 -25.26 24.34
C SER A 77 -32.16 -24.10 24.37
N PRO A 78 -32.30 -23.20 25.36
CA PRO A 78 -31.48 -22.02 25.59
C PRO A 78 -29.97 -22.21 25.42
N ASP A 79 -29.42 -23.26 26.03
CA ASP A 79 -27.98 -23.52 25.91
C ASP A 79 -27.57 -23.86 24.47
N TYR A 80 -28.55 -24.13 23.62
CA TYR A 80 -28.30 -24.43 22.22
C TYR A 80 -28.76 -23.28 21.32
N ALA A 81 -29.27 -22.22 21.95
CA ALA A 81 -29.76 -21.05 21.25
C ALA A 81 -29.06 -19.82 21.81
N TYR A 82 -29.80 -18.86 22.36
CA TYR A 82 -29.14 -17.66 22.87
C TYR A 82 -28.88 -17.56 24.36
N GLY A 83 -28.88 -18.72 25.01
CA GLY A 83 -28.61 -18.81 26.42
C GLY A 83 -29.21 -17.78 27.35
N ALA A 84 -28.41 -17.43 28.36
CA ALA A 84 -28.79 -16.48 29.40
C ALA A 84 -28.95 -15.07 28.83
N THR A 85 -28.04 -14.68 27.95
CA THR A 85 -28.11 -13.35 27.38
C THR A 85 -29.36 -13.10 26.55
N GLY A 86 -29.77 -14.08 25.76
CA GLY A 86 -30.91 -13.89 24.88
C GLY A 86 -30.36 -12.97 23.79
N HIS A 87 -31.22 -12.37 22.98
CA HIS A 87 -30.74 -11.45 21.96
C HIS A 87 -31.55 -10.19 22.17
N PRO A 88 -30.87 -9.07 22.50
CA PRO A 88 -31.42 -7.74 22.79
C PRO A 88 -32.59 -7.33 21.93
N GLY A 89 -33.77 -7.23 22.56
CA GLY A 89 -34.96 -6.83 21.83
C GLY A 89 -35.73 -7.90 21.07
N ILE A 90 -35.09 -9.03 20.78
CA ILE A 90 -35.78 -10.08 20.02
C ILE A 90 -36.03 -11.37 20.78
N ILE A 91 -34.97 -11.91 21.37
CA ILE A 91 -35.09 -13.15 22.12
C ILE A 91 -34.79 -13.04 23.60
N PRO A 92 -35.80 -13.32 24.44
CA PRO A 92 -35.70 -13.27 25.90
C PRO A 92 -34.58 -14.15 26.37
N PRO A 93 -34.00 -13.82 27.52
CA PRO A 93 -32.91 -14.64 28.08
C PRO A 93 -33.54 -16.01 28.42
N HIS A 94 -32.74 -17.08 28.39
CA HIS A 94 -33.23 -18.43 28.68
C HIS A 94 -34.44 -18.82 27.85
N ALA A 95 -34.41 -18.50 26.56
CA ALA A 95 -35.55 -18.82 25.71
C ALA A 95 -35.39 -20.12 24.93
N THR A 96 -36.47 -20.87 24.87
CA THR A 96 -36.51 -22.10 24.10
C THR A 96 -37.12 -21.66 22.79
N LEU A 97 -36.42 -21.93 21.70
CA LEU A 97 -36.91 -21.53 20.39
C LEU A 97 -37.51 -22.68 19.62
N VAL A 98 -38.50 -22.37 18.79
CA VAL A 98 -39.14 -23.35 17.97
C VAL A 98 -39.04 -22.85 16.53
N PHE A 99 -38.36 -23.61 15.67
CA PHE A 99 -38.25 -23.23 14.26
C PHE A 99 -38.93 -24.17 13.29
N ASP A 100 -39.51 -23.60 12.25
CA ASP A 100 -40.14 -24.38 11.20
C ASP A 100 -39.11 -24.26 10.09
N VAL A 101 -38.35 -25.32 9.84
CA VAL A 101 -37.30 -25.27 8.84
C VAL A 101 -37.50 -26.19 7.64
N GLU A 102 -37.06 -25.71 6.48
CA GLU A 102 -37.12 -26.49 5.25
C GLU A 102 -35.80 -26.34 4.51
N LEU A 103 -35.09 -27.44 4.37
CA LEU A 103 -33.81 -27.44 3.69
C LEU A 103 -34.06 -27.53 2.20
N LEU A 104 -34.06 -26.39 1.53
CA LEU A 104 -34.32 -26.35 0.09
C LEU A 104 -33.26 -27.03 -0.78
N LYS A 105 -31.99 -26.76 -0.48
CA LYS A 105 -30.91 -27.37 -1.25
C LYS A 105 -29.55 -27.10 -0.62
N LEU A 106 -28.51 -27.70 -1.19
CA LEU A 106 -27.14 -27.54 -0.70
C LEU A 106 -26.29 -26.96 -1.84
N GLU A 107 -25.21 -26.27 -1.52
CA GLU A 107 -24.37 -25.71 -2.57
C GLU A 107 -22.88 -25.90 -2.27
N THR B 14 -25.16 -5.68 -4.48
CA THR B 14 -25.71 -4.47 -3.78
C THR B 14 -25.19 -4.33 -2.33
N THR B 15 -25.44 -3.17 -1.73
CA THR B 15 -24.97 -2.86 -0.39
C THR B 15 -25.75 -3.43 0.76
N LEU B 16 -25.09 -3.39 1.90
CA LEU B 16 -25.61 -3.85 3.17
C LEU B 16 -26.87 -3.03 3.52
N LYS B 17 -26.92 -1.78 3.06
CA LYS B 17 -28.07 -0.93 3.32
C LYS B 17 -29.26 -1.34 2.44
N ASP B 18 -28.96 -1.78 1.21
CA ASP B 18 -29.99 -2.26 0.30
C ASP B 18 -30.60 -3.49 0.96
N LEU B 19 -29.69 -4.35 1.37
CA LEU B 19 -30.02 -5.60 2.02
C LEU B 19 -30.96 -5.33 3.20
N ILE B 20 -30.57 -4.40 4.07
CA ILE B 20 -31.40 -4.08 5.22
C ILE B 20 -32.78 -3.65 4.77
N TYR B 21 -32.84 -2.98 3.63
CA TYR B 21 -34.13 -2.53 3.13
C TYR B 21 -34.98 -3.67 2.57
N ASP B 22 -34.36 -4.54 1.77
CA ASP B 22 -35.07 -5.66 1.17
C ASP B 22 -35.62 -6.62 2.21
N MET B 23 -34.86 -6.87 3.25
CA MET B 23 -35.30 -7.80 4.28
C MET B 23 -36.22 -7.21 5.33
N THR B 24 -36.61 -5.95 5.12
CA THR B 24 -37.48 -5.28 6.06
C THR B 24 -38.89 -5.78 5.97
N THR B 25 -39.49 -6.03 7.12
CA THR B 25 -40.87 -6.50 7.19
C THR B 25 -41.50 -5.81 8.38
N SER B 26 -42.81 -5.56 8.31
CA SER B 26 -43.46 -4.95 9.45
C SER B 26 -43.02 -5.87 10.60
N GLY B 27 -42.42 -5.28 11.61
CA GLY B 27 -41.94 -6.06 12.74
C GLY B 27 -40.43 -6.12 12.81
N SER B 28 -39.73 -5.75 11.74
CA SER B 28 -38.28 -5.81 11.81
C SER B 28 -37.70 -4.57 12.49
N GLY B 29 -36.46 -4.69 12.98
CA GLY B 29 -35.80 -3.59 13.65
C GLY B 29 -35.00 -2.76 12.66
N SER B 30 -34.12 -1.92 13.17
CA SER B 30 -33.34 -1.04 12.33
C SER B 30 -32.38 -1.72 11.37
N GLY B 31 -31.79 -2.84 11.78
CA GLY B 31 -30.82 -3.52 10.94
C GLY B 31 -31.36 -4.81 10.32
N LEU B 32 -30.47 -5.79 10.15
CA LEU B 32 -30.82 -7.09 9.56
C LEU B 32 -31.63 -7.98 10.48
N PRO B 33 -32.33 -8.98 9.90
CA PRO B 33 -33.15 -9.94 10.67
C PRO B 33 -32.23 -10.73 11.62
N LEU B 34 -32.81 -11.27 12.69
CA LEU B 34 -32.06 -12.02 13.70
C LEU B 34 -30.96 -12.93 13.17
N LEU B 35 -31.32 -13.99 12.46
CA LEU B 35 -30.30 -14.91 11.93
C LEU B 35 -29.29 -14.34 10.95
N VAL B 36 -29.73 -13.36 10.16
CA VAL B 36 -28.84 -12.77 9.17
C VAL B 36 -27.77 -11.97 9.88
N GLN B 37 -28.10 -11.48 11.06
CA GLN B 37 -27.13 -10.68 11.80
C GLN B 37 -25.88 -11.48 12.11
N ARG B 38 -26.05 -12.72 12.53
CA ARG B 38 -24.90 -13.57 12.85
C ARG B 38 -24.16 -13.96 11.59
N THR B 39 -24.93 -14.25 10.55
CA THR B 39 -24.37 -14.59 9.24
C THR B 39 -23.35 -13.53 8.84
N ILE B 40 -23.77 -12.27 8.86
CA ILE B 40 -22.89 -11.19 8.48
C ILE B 40 -21.79 -10.89 9.50
N ALA B 41 -22.14 -10.86 10.77
CA ALA B 41 -21.16 -10.59 11.81
C ALA B 41 -19.99 -11.57 11.72
N ARG B 42 -20.29 -12.86 11.52
CA ARG B 42 -19.25 -13.89 11.45
C ARG B 42 -18.45 -13.87 10.15
N THR B 43 -19.00 -13.27 9.10
CA THR B 43 -18.31 -13.20 7.82
C THR B 43 -17.45 -11.95 7.67
N ILE B 44 -17.53 -11.02 8.62
CA ILE B 44 -16.78 -9.78 8.55
C ILE B 44 -15.29 -9.95 8.78
N VAL B 45 -14.48 -9.30 7.95
CA VAL B 45 -13.04 -9.38 8.07
C VAL B 45 -12.51 -8.11 8.73
N LEU B 46 -12.04 -8.21 9.96
CA LEU B 46 -11.50 -7.03 10.64
C LEU B 46 -10.24 -6.52 9.94
N GLN B 47 -10.12 -5.21 9.84
CA GLN B 47 -8.98 -4.59 9.15
C GLN B 47 -8.03 -3.86 10.08
N GLU B 48 -8.54 -2.84 10.78
CA GLU B 48 -7.67 -2.05 11.64
C GLU B 48 -8.39 -1.51 12.84
N SER B 49 -7.66 -1.41 13.95
CA SER B 49 -8.25 -0.84 15.15
C SER B 49 -8.38 0.63 14.81
N ILE B 50 -9.54 1.20 15.07
CA ILE B 50 -9.76 2.61 14.78
C ILE B 50 -9.60 3.43 16.04
N GLY B 51 -10.25 3.00 17.11
CA GLY B 51 -10.16 3.71 18.37
C GLY B 51 -10.35 2.80 19.55
N LYS B 52 -9.70 3.13 20.67
CA LYS B 52 -9.81 2.33 21.87
C LYS B 52 -10.48 3.15 22.97
N GLY B 53 -11.80 3.31 22.85
CA GLY B 53 -12.57 4.09 23.81
C GLY B 53 -12.73 3.49 25.20
N ARG B 54 -13.43 4.21 26.06
CA ARG B 54 -13.66 3.73 27.41
C ARG B 54 -14.42 2.41 27.35
N PHE B 55 -15.31 2.28 26.38
CA PHE B 55 -16.12 1.08 26.23
C PHE B 55 -15.72 0.19 25.05
N GLY B 56 -14.53 -0.39 25.11
CA GLY B 56 -14.08 -1.28 24.05
C GLY B 56 -13.56 -0.65 22.77
N GLU B 57 -12.97 -1.48 21.91
CA GLU B 57 -12.41 -1.04 20.65
C GLU B 57 -13.39 -0.96 19.48
N VAL B 58 -13.06 -0.10 18.53
CA VAL B 58 -13.83 0.09 17.32
C VAL B 58 -12.91 -0.29 16.17
N TRP B 59 -13.35 -1.22 15.36
CA TRP B 59 -12.56 -1.67 14.23
C TRP B 59 -13.22 -1.38 12.90
N ARG B 60 -12.39 -1.16 11.91
CA ARG B 60 -12.86 -0.95 10.56
C ARG B 60 -12.88 -2.37 10.03
N GLY B 61 -14.01 -2.79 9.49
CA GLY B 61 -14.09 -4.13 8.96
C GLY B 61 -14.72 -4.16 7.60
N LYS B 62 -14.51 -5.24 6.86
CA LYS B 62 -15.10 -5.38 5.55
C LYS B 62 -16.00 -6.60 5.50
N TRP B 63 -17.07 -6.48 4.73
CA TRP B 63 -18.01 -7.58 4.53
C TRP B 63 -18.18 -7.68 3.02
N ARG B 64 -17.66 -8.76 2.44
CA ARG B 64 -17.71 -8.95 1.01
C ARG B 64 -17.23 -7.65 0.38
N GLY B 65 -16.09 -7.16 0.85
CA GLY B 65 -15.53 -5.94 0.32
C GLY B 65 -16.02 -4.61 0.91
N GLU B 66 -17.31 -4.53 1.26
CA GLU B 66 -17.87 -3.29 1.80
C GLU B 66 -17.33 -2.93 3.19
N GLU B 67 -16.95 -1.67 3.39
CA GLU B 67 -16.43 -1.23 4.69
C GLU B 67 -17.55 -1.10 5.70
N VAL B 68 -17.27 -1.55 6.91
CA VAL B 68 -18.25 -1.54 7.96
C VAL B 68 -17.52 -1.19 9.26
N ALA B 69 -18.29 -0.84 10.30
CA ALA B 69 -17.68 -0.51 11.57
C ALA B 69 -18.08 -1.55 12.60
N VAL B 70 -17.10 -2.01 13.38
CA VAL B 70 -17.39 -3.01 14.38
C VAL B 70 -16.96 -2.56 15.77
N LYS B 71 -17.91 -2.33 16.66
CA LYS B 71 -17.49 -1.94 17.98
C LYS B 71 -17.50 -3.23 18.79
N ILE B 72 -16.35 -3.52 19.38
CA ILE B 72 -16.22 -4.71 20.21
C ILE B 72 -16.16 -4.24 21.65
N PHE B 73 -17.23 -4.53 22.40
CA PHE B 73 -17.32 -4.13 23.79
C PHE B 73 -16.62 -5.10 24.71
N SER B 74 -16.15 -4.59 25.84
CA SER B 74 -15.49 -5.41 26.84
C SER B 74 -16.52 -5.82 27.91
N SER B 75 -16.22 -6.90 28.62
CA SER B 75 -17.12 -7.44 29.66
C SER B 75 -17.99 -6.43 30.41
N ARG B 76 -17.35 -5.38 30.93
CA ARG B 76 -18.05 -4.35 31.69
C ARG B 76 -19.20 -3.60 31.04
N GLU B 77 -19.17 -3.46 29.71
CA GLU B 77 -20.25 -2.73 29.07
C GLU B 77 -21.26 -3.65 28.43
N GLU B 78 -21.26 -4.92 28.83
CA GLU B 78 -22.22 -5.86 28.29
C GLU B 78 -23.57 -5.14 28.32
N ARG B 79 -23.81 -4.35 29.37
CA ARG B 79 -25.06 -3.62 29.51
C ARG B 79 -25.25 -2.47 28.51
N SER B 80 -24.15 -1.86 28.09
CA SER B 80 -24.21 -0.79 27.10
C SER B 80 -24.40 -1.45 25.73
N TRP B 81 -23.65 -2.51 25.48
CA TRP B 81 -23.78 -3.29 24.25
C TRP B 81 -25.25 -3.71 24.13
N PHE B 82 -25.77 -4.27 25.21
CA PHE B 82 -27.12 -4.75 25.23
C PHE B 82 -28.18 -3.69 24.96
N ARG B 83 -28.05 -2.55 25.64
CA ARG B 83 -29.02 -1.47 25.49
C ARG B 83 -28.96 -0.88 24.08
N GLU B 84 -27.78 -0.55 23.59
CA GLU B 84 -27.72 0.03 22.25
C GLU B 84 -28.39 -0.89 21.24
N ALA B 85 -28.02 -2.16 21.26
CA ALA B 85 -28.60 -3.12 20.34
C ALA B 85 -30.11 -3.24 20.60
N GLU B 86 -30.49 -3.28 21.87
CA GLU B 86 -31.90 -3.41 22.21
C GLU B 86 -32.70 -2.23 21.66
N ILE B 87 -32.13 -1.03 21.69
CA ILE B 87 -32.86 0.11 21.16
C ILE B 87 -32.97 0.10 19.65
N TYR B 88 -31.88 -0.17 18.96
CA TYR B 88 -31.96 -0.20 17.51
C TYR B 88 -32.91 -1.29 17.05
N GLN B 89 -33.07 -2.32 17.88
CA GLN B 89 -33.91 -3.44 17.54
C GLN B 89 -35.40 -3.23 17.79
N THR B 90 -35.73 -2.56 18.89
CA THR B 90 -37.12 -2.35 19.23
C THR B 90 -37.65 -1.02 18.73
N VAL B 91 -36.76 -0.14 18.30
CA VAL B 91 -37.17 1.16 17.81
C VAL B 91 -36.67 1.32 16.39
N MET B 92 -37.57 1.60 15.46
CA MET B 92 -37.18 1.78 14.07
C MET B 92 -36.39 3.08 13.92
N LEU B 93 -35.07 2.94 13.79
CA LEU B 93 -34.18 4.07 13.65
C LEU B 93 -33.35 4.09 12.38
N ARG B 94 -33.92 4.55 11.28
CA ARG B 94 -33.16 4.65 10.05
C ARG B 94 -33.32 6.09 9.62
N HIS B 95 -32.28 6.88 9.85
CA HIS B 95 -32.31 8.30 9.54
C HIS B 95 -30.91 8.70 9.14
N GLU B 96 -30.78 9.66 8.24
CA GLU B 96 -29.46 10.07 7.81
C GLU B 96 -28.64 10.73 8.92
N ASN B 97 -29.27 11.11 10.02
CA ASN B 97 -28.51 11.75 11.08
C ASN B 97 -28.37 10.91 12.34
N ILE B 98 -28.56 9.61 12.16
CA ILE B 98 -28.41 8.65 13.23
C ILE B 98 -27.58 7.49 12.70
N LEU B 99 -26.48 7.19 13.39
CA LEU B 99 -25.57 6.10 12.99
C LEU B 99 -26.35 4.87 12.57
N GLY B 100 -26.08 4.41 11.35
CA GLY B 100 -26.75 3.26 10.78
C GLY B 100 -26.37 1.94 11.44
N PHE B 101 -27.35 1.29 12.03
CA PHE B 101 -27.15 0.01 12.70
C PHE B 101 -27.30 -1.14 11.70
N ILE B 102 -26.43 -2.12 11.81
CA ILE B 102 -26.46 -3.28 10.92
C ILE B 102 -26.81 -4.57 11.65
N ALA B 103 -25.98 -4.93 12.62
CA ALA B 103 -26.20 -6.16 13.38
C ALA B 103 -25.46 -6.17 14.70
N ALA B 104 -25.94 -6.98 15.62
CA ALA B 104 -25.30 -7.15 16.92
C ALA B 104 -24.98 -8.64 17.03
N ASP B 105 -23.84 -9.00 17.63
CA ASP B 105 -23.53 -10.41 17.78
C ASP B 105 -22.79 -10.72 19.06
N ASN B 106 -23.10 -11.88 19.63
CA ASN B 106 -22.51 -12.37 20.86
C ASN B 106 -21.65 -13.57 20.47
N LYS B 107 -20.37 -13.34 20.23
CA LYS B 107 -19.49 -14.43 19.86
C LYS B 107 -18.65 -14.87 21.04
N ASP B 108 -19.21 -15.77 21.84
CA ASP B 108 -18.50 -16.27 23.02
C ASP B 108 -17.78 -17.57 22.71
N ASN B 109 -16.45 -17.51 22.68
CA ASN B 109 -15.63 -18.71 22.44
C ASN B 109 -15.36 -19.30 23.83
N GLY B 110 -15.17 -20.62 23.90
CA GLY B 110 -14.91 -21.27 25.18
C GLY B 110 -13.76 -20.64 25.95
N THR B 111 -13.09 -19.69 25.31
CA THR B 111 -11.94 -18.97 25.88
C THR B 111 -12.31 -17.56 26.41
N TRP B 112 -13.07 -16.79 25.62
CA TRP B 112 -13.50 -15.45 26.07
C TRP B 112 -14.66 -14.88 25.21
N THR B 113 -15.72 -14.46 25.88
CA THR B 113 -16.89 -13.90 25.21
C THR B 113 -16.50 -12.61 24.50
N GLN B 114 -17.17 -12.30 23.39
CA GLN B 114 -16.84 -11.09 22.64
C GLN B 114 -18.11 -10.44 22.07
N LEU B 115 -18.46 -9.26 22.60
CA LEU B 115 -19.67 -8.55 22.17
C LEU B 115 -19.48 -7.58 21.00
N TRP B 116 -20.15 -7.87 19.88
CA TRP B 116 -20.05 -7.07 18.67
C TRP B 116 -21.24 -6.18 18.32
N LEU B 117 -20.92 -5.03 17.75
CA LEU B 117 -21.92 -4.08 17.32
C LEU B 117 -21.46 -3.61 15.93
N VAL B 118 -22.20 -3.96 14.89
CA VAL B 118 -21.82 -3.59 13.54
C VAL B 118 -22.67 -2.44 13.03
N SER B 119 -22.03 -1.44 12.44
CA SER B 119 -22.74 -0.28 11.93
C SER B 119 -22.03 0.30 10.72
N ASP B 120 -22.59 1.36 10.16
CA ASP B 120 -21.96 2.02 9.02
C ASP B 120 -20.59 2.53 9.44
N TYR B 121 -19.74 2.75 8.46
CA TYR B 121 -18.39 3.25 8.69
C TYR B 121 -18.29 4.69 8.21
N HIS B 122 -17.64 5.53 9.00
CA HIS B 122 -17.48 6.93 8.67
C HIS B 122 -16.04 7.28 8.97
N GLU B 123 -15.10 7.40 8.06
CA GLU B 123 -13.67 7.67 8.24
C GLU B 123 -13.31 8.83 9.13
N HIS B 124 -14.06 9.93 9.06
CA HIS B 124 -13.74 11.07 9.91
C HIS B 124 -13.75 10.75 11.38
N GLY B 125 -14.64 9.87 11.82
CA GLY B 125 -14.71 9.57 13.24
C GLY B 125 -15.67 10.52 13.92
N SER B 126 -15.44 10.75 15.21
CA SER B 126 -16.31 11.63 16.01
C SER B 126 -16.11 13.12 15.72
N LEU B 127 -17.11 13.90 16.08
CA LEU B 127 -17.06 15.35 15.96
C LEU B 127 -15.85 15.80 16.77
N PHE B 128 -15.61 15.12 17.88
CA PHE B 128 -14.47 15.41 18.71
C PHE B 128 -13.15 15.26 17.92
N ASP B 129 -12.97 14.13 17.25
CA ASP B 129 -11.74 13.95 16.47
C ASP B 129 -11.66 14.98 15.35
N TYR B 130 -12.79 15.21 14.72
CA TYR B 130 -12.89 16.12 13.61
C TYR B 130 -12.52 17.54 14.01
N LEU B 131 -13.14 18.03 15.08
CA LEU B 131 -12.87 19.40 15.58
C LEU B 131 -11.46 19.56 16.11
N ASN B 132 -10.83 18.46 16.49
CA ASN B 132 -9.46 18.55 16.97
C ASN B 132 -8.55 18.66 15.76
N ARG B 133 -8.97 18.04 14.67
CA ARG B 133 -8.20 18.02 13.45
C ARG B 133 -8.44 19.29 12.62
N TYR B 134 -9.69 19.74 12.52
CA TYR B 134 -10.02 20.87 11.65
C TYR B 134 -10.71 22.08 12.26
N THR B 135 -10.53 23.23 11.61
CA THR B 135 -11.28 24.38 12.05
C THR B 135 -12.42 24.29 11.09
N VAL B 136 -13.42 25.11 11.24
CA VAL B 136 -14.55 24.98 10.37
C VAL B 136 -15.01 26.33 9.88
N THR B 137 -15.76 26.28 8.79
CA THR B 137 -16.33 27.42 8.11
C THR B 137 -17.68 27.74 8.72
N VAL B 138 -18.20 28.93 8.49
CA VAL B 138 -19.52 29.28 8.99
C VAL B 138 -20.49 28.25 8.43
N GLU B 139 -20.35 27.95 7.15
CA GLU B 139 -21.21 26.99 6.51
C GLU B 139 -21.00 25.62 7.12
N GLY B 140 -19.74 25.27 7.36
CA GLY B 140 -19.43 23.98 7.95
C GLY B 140 -20.05 23.86 9.34
N MET B 141 -20.02 24.95 10.09
CA MET B 141 -20.58 24.97 11.43
C MET B 141 -22.06 24.72 11.35
N ILE B 142 -22.74 25.46 10.48
CA ILE B 142 -24.17 25.28 10.36
C ILE B 142 -24.50 23.85 9.92
N LYS B 143 -23.75 23.30 8.97
CA LYS B 143 -24.02 21.93 8.55
C LYS B 143 -23.92 21.03 9.79
N LEU B 144 -22.78 21.08 10.50
CA LEU B 144 -22.62 20.24 11.68
C LEU B 144 -23.72 20.40 12.69
N ALA B 145 -24.02 21.64 13.07
CA ALA B 145 -25.05 21.90 14.06
C ALA B 145 -26.43 21.55 13.61
N LEU B 146 -26.75 21.90 12.36
CA LEU B 146 -28.08 21.62 11.84
C LEU B 146 -28.35 20.12 11.88
N SER B 147 -27.41 19.35 11.33
CA SER B 147 -27.58 17.92 11.26
C SER B 147 -27.63 17.28 12.64
N THR B 148 -26.84 17.80 13.59
CA THR B 148 -26.89 17.26 14.95
C THR B 148 -28.30 17.47 15.55
N ALA B 149 -28.84 18.67 15.39
CA ALA B 149 -30.16 18.99 15.89
C ALA B 149 -31.21 18.14 15.20
N SER B 150 -31.02 17.87 13.92
CA SER B 150 -32.01 17.05 13.21
C SER B 150 -32.03 15.63 13.74
N GLY B 151 -30.83 15.10 13.97
CA GLY B 151 -30.70 13.76 14.48
C GLY B 151 -31.37 13.69 15.84
N LEU B 152 -31.01 14.63 16.71
CA LEU B 152 -31.57 14.63 18.05
C LEU B 152 -33.06 14.85 18.02
N ALA B 153 -33.51 15.73 17.14
CA ALA B 153 -34.95 15.98 17.06
C ALA B 153 -35.64 14.74 16.57
N HIS B 154 -34.94 13.95 15.74
CA HIS B 154 -35.57 12.74 15.24
C HIS B 154 -35.69 11.72 16.37
N LEU B 155 -34.63 11.56 17.17
CA LEU B 155 -34.70 10.66 18.32
C LEU B 155 -35.83 11.06 19.27
N HIS B 156 -35.84 12.32 19.71
CA HIS B 156 -36.87 12.81 20.65
C HIS B 156 -38.30 12.74 20.15
N MET B 157 -38.49 12.56 18.87
CA MET B 157 -39.84 12.58 18.33
C MET B 157 -40.57 11.24 18.27
N GLU B 158 -41.84 11.28 18.65
CA GLU B 158 -42.66 10.09 18.57
C GLU B 158 -43.36 10.19 17.21
N ILE B 159 -43.16 9.18 16.38
CA ILE B 159 -43.75 9.15 15.04
C ILE B 159 -44.77 8.02 14.95
N VAL B 160 -46.02 8.41 14.71
CA VAL B 160 -47.11 7.45 14.60
C VAL B 160 -47.07 6.57 13.34
N GLY B 161 -47.65 5.37 13.42
CA GLY B 161 -47.69 4.49 12.26
C GLY B 161 -46.79 3.27 12.28
N THR B 162 -46.94 2.44 11.24
CA THR B 162 -46.17 1.20 11.08
C THR B 162 -44.67 1.49 11.05
N GLN B 163 -44.29 2.43 10.19
CA GLN B 163 -42.89 2.81 10.06
C GLN B 163 -42.60 3.79 11.20
N GLY B 164 -43.48 3.77 12.20
CA GLY B 164 -43.40 4.65 13.35
C GLY B 164 -42.17 4.55 14.25
N LYS B 165 -42.29 5.09 15.47
CA LYS B 165 -41.18 5.11 16.38
C LYS B 165 -41.47 5.84 17.69
N PRO B 166 -41.15 5.23 18.84
CA PRO B 166 -41.41 5.92 20.10
C PRO B 166 -40.34 6.98 20.31
N ALA B 167 -40.58 7.91 21.23
CA ALA B 167 -39.60 8.95 21.54
C ALA B 167 -38.44 8.32 22.32
N ILE B 168 -37.23 8.83 22.08
CA ILE B 168 -36.03 8.33 22.73
C ILE B 168 -35.16 9.48 23.24
N ALA B 169 -34.57 9.30 24.42
CA ALA B 169 -33.68 10.30 24.99
C ALA B 169 -32.30 9.66 24.99
N HIS B 170 -31.31 10.40 24.54
CA HIS B 170 -29.98 9.87 24.43
C HIS B 170 -29.32 9.60 25.79
N ARG B 171 -29.12 10.66 26.56
CA ARG B 171 -28.51 10.61 27.89
C ARG B 171 -26.99 10.66 27.94
N ASP B 172 -26.34 10.63 26.79
CA ASP B 172 -24.89 10.78 26.80
C ASP B 172 -24.37 11.49 25.53
N LEU B 173 -25.07 12.56 25.16
CA LEU B 173 -24.67 13.36 24.01
C LEU B 173 -23.36 14.05 24.30
N LYS B 174 -22.46 14.07 23.33
CA LYS B 174 -21.18 14.71 23.52
C LYS B 174 -20.42 14.63 22.20
N SER B 175 -19.40 15.47 22.01
CA SER B 175 -18.60 15.47 20.79
C SER B 175 -18.21 14.06 20.37
N LYS B 176 -17.80 13.27 21.35
CA LYS B 176 -17.36 11.92 21.08
C LYS B 176 -18.42 10.95 20.65
N ASN B 177 -19.70 11.33 20.76
CA ASN B 177 -20.76 10.44 20.35
C ASN B 177 -21.53 10.95 19.15
N ILE B 178 -20.86 11.79 18.38
CA ILE B 178 -21.47 12.26 17.16
C ILE B 178 -20.41 11.95 16.12
N LEU B 179 -20.83 11.38 15.01
CA LEU B 179 -19.86 11.07 13.97
C LEU B 179 -20.10 12.02 12.81
N VAL B 180 -19.05 12.35 12.10
CA VAL B 180 -19.23 13.24 10.96
C VAL B 180 -18.89 12.53 9.67
N LYS B 181 -19.89 12.46 8.79
CA LYS B 181 -19.75 11.81 7.49
C LYS B 181 -18.83 12.58 6.54
N LYS B 182 -18.55 12.00 5.38
CA LYS B 182 -17.69 12.67 4.44
C LYS B 182 -18.35 13.88 3.83
N ASN B 183 -19.68 13.95 3.85
CA ASN B 183 -20.32 15.13 3.29
C ASN B 183 -20.45 16.28 4.27
N GLY B 184 -19.62 16.29 5.32
CA GLY B 184 -19.65 17.37 6.31
C GLY B 184 -20.83 17.42 7.27
N THR B 185 -21.63 16.36 7.27
CA THR B 185 -22.81 16.23 8.09
C THR B 185 -22.54 15.32 9.28
N CYS B 186 -23.45 15.32 10.25
CA CYS B 186 -23.29 14.49 11.43
C CYS B 186 -24.39 13.47 11.58
N CYS B 187 -24.13 12.48 12.43
CA CYS B 187 -25.13 11.48 12.79
C CYS B 187 -24.83 11.15 14.25
N ILE B 188 -25.87 11.00 15.05
CA ILE B 188 -25.73 10.67 16.47
C ILE B 188 -25.43 9.18 16.62
N ALA B 189 -24.55 8.84 17.55
CA ALA B 189 -24.20 7.45 17.78
C ALA B 189 -24.29 7.11 19.27
N ASP B 190 -23.93 5.87 19.61
CA ASP B 190 -23.91 5.34 20.97
C ASP B 190 -25.20 5.48 21.76
N LEU B 191 -26.15 4.60 21.51
CA LEU B 191 -27.44 4.63 22.20
C LEU B 191 -27.47 3.68 23.41
N GLY B 192 -26.30 3.40 23.99
CA GLY B 192 -26.21 2.50 25.14
C GLY B 192 -26.86 2.91 26.45
N LEU B 193 -27.21 4.18 26.61
CA LEU B 193 -27.87 4.65 27.82
C LEU B 193 -29.22 5.26 27.53
N ALA B 194 -29.68 5.11 26.29
CA ALA B 194 -30.93 5.69 25.87
C ALA B 194 -32.16 5.15 26.57
N VAL B 195 -33.16 6.01 26.73
CA VAL B 195 -34.40 5.60 27.36
C VAL B 195 -35.53 5.80 26.36
N ARG B 196 -36.47 4.88 26.38
CA ARG B 196 -37.58 4.90 25.45
C ARG B 196 -38.83 5.36 26.16
N HIS B 197 -39.65 6.13 25.46
CA HIS B 197 -40.90 6.57 26.05
C HIS B 197 -42.02 5.77 25.44
N ASP B 198 -42.67 4.95 26.23
CA ASP B 198 -43.76 4.15 25.70
C ASP B 198 -45.05 4.80 26.13
N SER B 199 -45.43 5.81 25.34
CA SER B 199 -46.62 6.59 25.57
C SER B 199 -47.88 5.73 25.61
N ALA B 200 -47.75 4.50 25.12
CA ALA B 200 -48.85 3.56 25.11
C ALA B 200 -49.12 3.00 26.52
N THR B 201 -48.37 3.47 27.50
CA THR B 201 -48.50 3.03 28.89
C THR B 201 -47.96 4.11 29.81
N ASP B 202 -47.65 5.26 29.23
CA ASP B 202 -47.10 6.39 29.97
C ASP B 202 -45.90 5.96 30.81
N THR B 203 -45.11 5.01 30.30
CA THR B 203 -43.95 4.57 31.03
C THR B 203 -42.64 4.94 30.34
N ILE B 204 -41.57 4.98 31.12
CA ILE B 204 -40.27 5.29 30.59
C ILE B 204 -39.38 4.06 30.76
N ASP B 205 -39.06 3.44 29.65
CA ASP B 205 -38.22 2.26 29.65
C ASP B 205 -36.80 2.70 29.95
N ILE B 206 -36.29 2.40 31.14
CA ILE B 206 -34.93 2.79 31.47
C ILE B 206 -34.11 1.57 31.80
N ALA B 207 -33.12 1.28 30.97
CA ALA B 207 -32.27 0.11 31.17
C ALA B 207 -31.20 0.29 32.25
N PRO B 208 -30.92 -0.78 33.01
CA PRO B 208 -29.96 -0.88 34.11
C PRO B 208 -28.51 -0.89 33.60
N ASN B 209 -27.66 -0.08 34.21
CA ASN B 209 -26.25 -0.01 33.82
C ASN B 209 -25.46 0.65 34.97
N HIS B 210 -24.23 0.20 35.20
CA HIS B 210 -23.38 0.78 36.25
C HIS B 210 -22.87 2.10 35.72
N ARG B 211 -23.09 2.32 34.43
CA ARG B 211 -22.66 3.52 33.71
C ARG B 211 -23.73 4.63 33.66
N VAL B 212 -23.28 5.88 33.69
CA VAL B 212 -24.18 7.02 33.59
C VAL B 212 -23.49 8.04 32.69
N GLY B 213 -24.20 9.09 32.29
CA GLY B 213 -23.61 10.06 31.40
C GLY B 213 -22.21 10.55 31.74
N THR B 214 -21.55 11.11 30.74
CA THR B 214 -20.21 11.68 30.86
C THR B 214 -20.45 12.91 31.73
N LYS B 215 -19.69 13.05 32.82
CA LYS B 215 -19.95 14.14 33.75
C LYS B 215 -19.85 15.59 33.31
N ARG B 216 -18.93 15.95 32.42
CA ARG B 216 -18.91 17.35 32.04
C ARG B 216 -20.10 17.75 31.18
N TYR B 217 -20.84 16.80 30.63
CA TYR B 217 -21.99 17.19 29.83
C TYR B 217 -23.31 17.04 30.56
N MET B 218 -23.26 16.65 31.82
CA MET B 218 -24.50 16.48 32.58
C MET B 218 -25.22 17.79 32.89
N ALA B 219 -26.53 17.80 32.65
CA ALA B 219 -27.33 18.96 32.93
C ALA B 219 -27.37 19.24 34.42
N PRO B 220 -27.70 20.47 34.81
CA PRO B 220 -27.76 20.86 36.22
C PRO B 220 -28.65 19.92 37.05
N GLU B 221 -29.87 19.66 36.56
CA GLU B 221 -30.83 18.79 37.24
C GLU B 221 -30.29 17.38 37.43
N VAL B 222 -29.33 16.97 36.61
CA VAL B 222 -28.78 15.64 36.74
C VAL B 222 -27.65 15.69 37.72
N LEU B 223 -26.88 16.76 37.66
CA LEU B 223 -25.77 16.94 38.58
C LEU B 223 -26.24 17.06 40.02
N ASP B 224 -27.38 17.69 40.25
CA ASP B 224 -27.88 17.86 41.62
C ASP B 224 -28.96 16.85 41.98
N ASP B 225 -29.18 15.85 41.13
CA ASP B 225 -30.19 14.83 41.36
C ASP B 225 -31.65 15.25 41.42
N SER B 226 -31.95 16.49 41.07
CA SER B 226 -33.33 16.91 41.14
C SER B 226 -34.19 16.48 39.95
N ILE B 227 -33.56 16.04 38.87
CA ILE B 227 -34.32 15.63 37.69
C ILE B 227 -35.41 14.63 37.98
N ASN B 228 -36.64 14.97 37.61
CA ASN B 228 -37.77 14.08 37.83
C ASN B 228 -37.75 12.98 36.76
N MET B 229 -37.29 11.79 37.13
CA MET B 229 -37.20 10.70 36.17
C MET B 229 -38.49 10.02 35.78
N LYS B 230 -39.61 10.54 36.25
CA LYS B 230 -40.90 9.98 35.91
C LYS B 230 -41.51 10.77 34.73
N HIS B 231 -40.86 11.85 34.33
CA HIS B 231 -41.33 12.68 33.22
C HIS B 231 -40.35 12.64 32.05
N PHE B 232 -40.79 12.07 30.94
CA PHE B 232 -39.93 11.94 29.78
C PHE B 232 -39.31 13.25 29.33
N GLU B 233 -40.10 14.33 29.36
CA GLU B 233 -39.57 15.63 28.95
C GLU B 233 -38.26 15.96 29.66
N SER B 234 -38.15 15.56 30.92
CA SER B 234 -36.92 15.85 31.66
C SER B 234 -35.69 15.33 30.93
N PHE B 235 -35.81 14.15 30.33
CA PHE B 235 -34.67 13.58 29.62
C PHE B 235 -34.33 14.35 28.36
N LYS B 236 -35.34 14.77 27.61
CA LYS B 236 -35.07 15.54 26.41
C LYS B 236 -34.38 16.84 26.77
N ARG B 237 -34.87 17.50 27.83
CA ARG B 237 -34.31 18.76 28.26
C ARG B 237 -32.87 18.62 28.67
N ALA B 238 -32.53 17.47 29.25
CA ALA B 238 -31.16 17.24 29.65
C ALA B 238 -30.28 17.09 28.41
N ASP B 239 -30.81 16.45 27.35
CA ASP B 239 -30.06 16.29 26.09
C ASP B 239 -29.81 17.69 25.48
N ILE B 240 -30.81 18.55 25.49
CA ILE B 240 -30.68 19.88 24.94
C ILE B 240 -29.52 20.63 25.57
N TYR B 241 -29.42 20.53 26.89
CA TYR B 241 -28.33 21.21 27.57
C TYR B 241 -27.02 20.71 27.01
N ALA B 242 -26.93 19.40 26.80
CA ALA B 242 -25.69 18.84 26.29
C ALA B 242 -25.48 19.23 24.82
N MET B 243 -26.55 19.28 24.03
CA MET B 243 -26.37 19.66 22.64
C MET B 243 -25.78 21.08 22.60
N GLY B 244 -26.24 21.90 23.54
CA GLY B 244 -25.76 23.26 23.62
C GLY B 244 -24.26 23.29 23.84
N LEU B 245 -23.76 22.44 24.73
CA LEU B 245 -22.31 22.45 24.95
C LEU B 245 -21.63 22.03 23.65
N VAL B 246 -22.23 21.07 22.93
CA VAL B 246 -21.63 20.63 21.69
C VAL B 246 -21.56 21.81 20.70
N PHE B 247 -22.64 22.60 20.62
CA PHE B 247 -22.62 23.76 19.73
C PHE B 247 -21.51 24.71 20.11
N TRP B 248 -21.24 24.80 21.40
CA TRP B 248 -20.17 25.66 21.84
C TRP B 248 -18.83 25.10 21.30
N GLU B 249 -18.62 23.79 21.42
CA GLU B 249 -17.38 23.18 20.94
C GLU B 249 -17.16 23.46 19.46
N ILE B 250 -18.24 23.40 18.68
CA ILE B 250 -18.18 23.64 17.26
C ILE B 250 -17.87 25.11 16.95
N ALA B 251 -18.68 26.02 17.50
CA ALA B 251 -18.52 27.46 17.26
C ALA B 251 -17.12 27.95 17.58
N ARG B 252 -16.56 27.37 18.62
CA ARG B 252 -15.23 27.70 19.06
C ARG B 252 -14.22 27.46 17.93
N ARG B 253 -14.58 26.60 16.99
CA ARG B 253 -13.70 26.26 15.89
C ARG B 253 -14.14 26.89 14.57
N CYS B 254 -15.08 27.81 14.62
CA CYS B 254 -15.47 28.44 13.39
C CYS B 254 -14.33 29.40 13.12
N SER B 255 -13.68 29.28 11.97
CA SER B 255 -12.57 30.16 11.66
C SER B 255 -12.96 31.15 10.58
N ILE B 256 -12.97 32.43 10.92
CA ILE B 256 -13.31 33.47 9.97
C ILE B 256 -12.13 34.42 9.79
N GLY B 257 -11.50 34.35 8.63
CA GLY B 257 -10.36 35.20 8.36
C GLY B 257 -9.20 34.83 9.27
N GLY B 258 -9.03 33.54 9.51
CA GLY B 258 -7.94 33.07 10.36
C GLY B 258 -8.17 33.07 11.87
N ILE B 259 -9.20 33.74 12.37
CA ILE B 259 -9.40 33.71 13.81
C ILE B 259 -10.34 32.63 14.31
N HIS B 260 -9.86 31.90 15.31
CA HIS B 260 -10.62 30.83 15.94
C HIS B 260 -9.88 30.47 17.22
N GLU B 261 -10.43 29.50 17.93
CA GLU B 261 -9.86 29.02 19.18
C GLU B 261 -9.27 27.63 19.01
N ASP B 262 -8.54 27.17 20.02
CA ASP B 262 -8.02 25.82 19.99
C ASP B 262 -9.22 24.97 20.37
N TYR B 263 -9.20 23.71 20.03
CA TYR B 263 -10.30 22.86 20.43
C TYR B 263 -10.32 22.72 21.96
N GLN B 264 -11.50 22.71 22.55
CA GLN B 264 -11.62 22.51 23.99
C GLN B 264 -12.95 21.86 24.30
N LEU B 265 -12.95 21.07 25.36
CA LEU B 265 -14.17 20.45 25.87
C LEU B 265 -14.86 21.53 26.74
N PRO B 266 -16.17 21.43 26.91
CA PRO B 266 -16.89 22.40 27.73
C PRO B 266 -16.32 22.38 29.14
N TYR B 267 -16.19 23.56 29.74
CA TYR B 267 -15.67 23.72 31.10
C TYR B 267 -14.22 23.33 31.25
N TYR B 268 -13.48 23.29 30.15
CA TYR B 268 -12.07 22.93 30.19
C TYR B 268 -11.26 23.83 31.14
N ASP B 269 -11.70 25.08 31.30
CA ASP B 269 -10.99 26.04 32.13
C ASP B 269 -11.40 26.08 33.61
N LEU B 270 -12.60 25.61 33.92
CA LEU B 270 -13.11 25.64 35.28
C LEU B 270 -13.03 24.31 35.98
N VAL B 271 -12.64 23.28 35.24
CA VAL B 271 -12.64 21.94 35.78
C VAL B 271 -11.47 21.05 35.39
N PRO B 272 -11.09 20.13 36.27
CA PRO B 272 -9.99 19.18 36.05
C PRO B 272 -10.41 18.22 34.96
N SER B 273 -9.44 17.55 34.37
CA SER B 273 -9.78 16.56 33.36
C SER B 273 -10.47 15.46 34.15
N ASP B 274 -11.37 14.74 33.51
CA ASP B 274 -12.09 13.67 34.21
C ASP B 274 -12.70 14.22 35.50
N PRO B 275 -13.66 15.14 35.37
CA PRO B 275 -14.37 15.80 36.46
C PRO B 275 -15.31 14.87 37.22
N SER B 276 -15.42 15.07 38.53
CA SER B 276 -16.31 14.26 39.34
C SER B 276 -17.64 14.98 39.38
N VAL B 277 -18.71 14.28 39.75
CA VAL B 277 -20.01 14.90 39.82
C VAL B 277 -19.99 16.12 40.74
N GLU B 278 -19.27 16.01 41.84
CA GLU B 278 -19.15 17.07 42.81
C GLU B 278 -18.49 18.31 42.20
N GLU B 279 -17.37 18.14 41.51
CA GLU B 279 -16.67 19.27 40.88
C GLU B 279 -17.53 19.97 39.83
N MET B 280 -18.23 19.19 39.01
CA MET B 280 -19.10 19.76 37.98
C MET B 280 -20.25 20.52 38.64
N ARG B 281 -20.75 19.94 39.72
CA ARG B 281 -21.86 20.52 40.45
C ARG B 281 -21.53 21.90 41.02
N LYS B 282 -20.32 22.07 41.52
CA LYS B 282 -19.91 23.35 42.09
C LYS B 282 -19.96 24.43 41.01
N VAL B 283 -19.35 24.14 39.87
CA VAL B 283 -19.31 25.06 38.76
C VAL B 283 -20.67 25.36 38.12
N VAL B 284 -21.41 24.31 37.81
CA VAL B 284 -22.68 24.47 37.13
C VAL B 284 -23.92 24.79 37.97
N CYS B 285 -24.06 24.23 39.17
CA CYS B 285 -25.25 24.52 39.99
C CYS B 285 -25.05 25.62 41.02
N GLU B 286 -23.96 25.53 41.78
CA GLU B 286 -23.67 26.52 42.79
C GLU B 286 -23.21 27.83 42.19
N GLN B 287 -22.14 27.77 41.40
CA GLN B 287 -21.60 28.97 40.79
C GLN B 287 -22.36 29.38 39.54
N LYS B 288 -23.25 28.52 39.07
CA LYS B 288 -24.05 28.82 37.88
C LYS B 288 -23.23 29.33 36.67
N LEU B 289 -22.07 28.74 36.46
CA LEU B 289 -21.25 29.12 35.32
C LEU B 289 -21.60 28.27 34.08
N ARG B 290 -21.28 28.84 32.92
CA ARG B 290 -21.52 28.20 31.62
C ARG B 290 -20.26 28.45 30.82
N PRO B 291 -20.06 27.71 29.71
CA PRO B 291 -18.84 27.96 28.94
C PRO B 291 -18.85 29.42 28.47
N ASN B 292 -17.67 30.00 28.29
CA ASN B 292 -17.62 31.40 27.86
C ASN B 292 -18.02 31.62 26.40
N ILE B 293 -18.89 32.61 26.19
CA ILE B 293 -19.33 33.00 24.86
C ILE B 293 -18.60 34.31 24.54
N PRO B 294 -17.60 34.27 23.65
CA PRO B 294 -16.82 35.47 23.27
C PRO B 294 -17.72 36.59 22.79
N ASN B 295 -17.36 37.83 23.12
CA ASN B 295 -18.16 38.96 22.68
C ASN B 295 -18.17 39.05 21.15
N ARG B 296 -17.03 38.74 20.53
CA ARG B 296 -16.93 38.80 19.08
C ARG B 296 -17.99 38.00 18.33
N TRP B 297 -18.56 36.96 18.94
CA TRP B 297 -19.59 36.20 18.27
C TRP B 297 -20.84 37.03 18.03
N GLN B 298 -20.96 38.17 18.70
CA GLN B 298 -22.16 38.98 18.53
C GLN B 298 -22.21 39.75 17.22
N SER B 299 -21.04 40.00 16.63
CA SER B 299 -20.91 40.74 15.36
C SER B 299 -21.43 39.97 14.15
N CYS B 300 -20.83 38.80 13.96
CA CYS B 300 -21.14 37.88 12.86
C CYS B 300 -22.48 37.20 13.14
N GLU B 301 -23.48 37.44 12.31
CA GLU B 301 -24.79 36.86 12.54
C GLU B 301 -24.87 35.35 12.79
N ALA B 302 -24.13 34.55 12.02
CA ALA B 302 -24.17 33.11 12.20
C ALA B 302 -23.76 32.69 13.62
N LEU B 303 -22.69 33.28 14.16
CA LEU B 303 -22.27 32.93 15.51
C LEU B 303 -23.24 33.49 16.53
N ARG B 304 -23.89 34.61 16.20
CA ARG B 304 -24.84 35.24 17.11
C ARG B 304 -26.05 34.35 17.29
N VAL B 305 -26.46 33.65 16.23
CA VAL B 305 -27.61 32.77 16.34
C VAL B 305 -27.19 31.55 17.16
N MET B 306 -25.99 31.04 16.87
CA MET B 306 -25.46 29.90 17.60
C MET B 306 -25.39 30.25 19.09
N ALA B 307 -24.80 31.40 19.39
CA ALA B 307 -24.64 31.87 20.76
C ALA B 307 -26.00 31.99 21.45
N LYS B 308 -26.98 32.50 20.73
CA LYS B 308 -28.29 32.63 21.32
C LYS B 308 -28.88 31.25 21.59
N ILE B 309 -28.63 30.29 20.70
CA ILE B 309 -29.11 28.92 20.90
C ILE B 309 -28.40 28.32 22.13
N MET B 310 -27.09 28.50 22.23
CA MET B 310 -26.35 27.99 23.38
C MET B 310 -26.98 28.45 24.69
N ARG B 311 -27.19 29.76 24.83
CA ARG B 311 -27.81 30.31 26.04
C ARG B 311 -29.20 29.72 26.30
N GLU B 312 -30.00 29.53 25.26
CA GLU B 312 -31.35 28.97 25.40
C GLU B 312 -31.26 27.50 25.79
N CYS B 313 -30.07 26.92 25.63
CA CYS B 313 -29.91 25.53 26.00
C CYS B 313 -29.37 25.43 27.41
N TRP B 314 -28.78 26.51 27.90
CA TRP B 314 -28.16 26.46 29.20
C TRP B 314 -28.85 26.91 30.46
N TYR B 315 -30.12 27.28 30.37
CA TYR B 315 -30.87 27.71 31.56
C TYR B 315 -30.87 26.61 32.61
N ALA B 316 -30.81 26.99 33.86
CA ALA B 316 -30.84 26.01 34.95
C ALA B 316 -32.21 25.32 34.94
N ASN B 317 -33.22 26.06 34.51
CA ASN B 317 -34.59 25.54 34.45
C ASN B 317 -34.86 24.81 33.13
N GLY B 318 -34.83 23.49 33.20
CA GLY B 318 -35.05 22.66 32.03
C GLY B 318 -36.23 23.06 31.15
N ALA B 319 -37.32 23.52 31.77
CA ALA B 319 -38.51 23.89 31.02
C ALA B 319 -38.38 25.16 30.17
N ALA B 320 -37.37 25.98 30.42
CA ALA B 320 -37.19 27.20 29.62
C ALA B 320 -36.27 26.94 28.42
N ARG B 321 -35.67 25.75 28.37
CA ARG B 321 -34.76 25.44 27.27
C ARG B 321 -35.46 25.20 25.95
N LEU B 322 -34.75 25.49 24.88
CA LEU B 322 -35.28 25.27 23.56
C LEU B 322 -35.47 23.77 23.34
N THR B 323 -36.26 23.49 22.34
CA THR B 323 -36.62 22.15 21.95
C THR B 323 -35.69 21.78 20.79
N ALA B 324 -35.37 20.51 20.64
CA ALA B 324 -34.50 20.10 19.53
C ALA B 324 -35.11 20.51 18.19
N LEU B 325 -36.43 20.41 18.07
CA LEU B 325 -37.11 20.77 16.83
C LEU B 325 -36.91 22.26 16.56
N ARG B 326 -37.14 23.08 17.58
CA ARG B 326 -36.98 24.50 17.43
C ARG B 326 -35.55 24.83 16.99
N ILE B 327 -34.56 24.21 17.61
CA ILE B 327 -33.21 24.50 17.20
C ILE B 327 -33.04 24.09 15.73
N LYS B 328 -33.70 23.00 15.34
CA LYS B 328 -33.63 22.52 13.98
C LYS B 328 -34.16 23.65 13.09
N LYS B 329 -35.31 24.18 13.46
CA LYS B 329 -35.95 25.25 12.71
C LYS B 329 -35.17 26.56 12.62
N THR B 330 -34.78 27.14 13.76
CA THR B 330 -34.07 28.40 13.67
C THR B 330 -32.75 28.20 12.92
N LEU B 331 -32.20 26.99 12.98
CA LEU B 331 -30.97 26.71 12.27
C LEU B 331 -31.23 26.58 10.78
N SER B 332 -32.43 26.13 10.41
CA SER B 332 -32.82 25.98 9.01
C SER B 332 -33.00 27.36 8.38
N GLN B 333 -33.64 28.26 9.12
CA GLN B 333 -33.85 29.63 8.67
C GLN B 333 -32.47 30.23 8.43
N LEU B 334 -31.57 30.09 9.40
CA LEU B 334 -30.23 30.63 9.26
C LEU B 334 -29.52 30.06 8.03
N SER B 335 -29.68 28.76 7.81
CA SER B 335 -29.02 28.11 6.69
C SER B 335 -29.49 28.59 5.32
N GLN B 336 -30.70 29.12 5.24
CA GLN B 336 -31.22 29.61 3.96
C GLN B 336 -30.86 31.06 3.73
N GLN B 337 -30.50 31.77 4.79
CA GLN B 337 -30.13 33.17 4.66
C GLN B 337 -28.65 33.29 4.35
N GLU B 338 -28.02 32.16 4.07
CA GLU B 338 -26.60 32.16 3.75
C GLU B 338 -26.27 31.09 2.72
N GLY B 339 -27.26 30.74 1.91
CA GLY B 339 -27.06 29.74 0.88
C GLY B 339 -26.69 28.39 1.48
N GLY C 1 15.21 -6.51 1.43
CA GLY C 1 15.14 -6.62 2.92
C GLY C 1 13.71 -6.87 3.34
N VAL C 2 13.18 -6.02 4.22
CA VAL C 2 11.82 -6.20 4.67
C VAL C 2 10.98 -4.93 4.54
N GLN C 3 9.73 -5.11 4.16
CA GLN C 3 8.80 -4.01 4.04
C GLN C 3 7.77 -4.27 5.12
N VAL C 4 7.41 -3.22 5.84
CA VAL C 4 6.43 -3.35 6.89
C VAL C 4 5.22 -2.52 6.54
N GLU C 5 4.08 -3.17 6.38
CA GLU C 5 2.84 -2.47 6.07
C GLU C 5 1.90 -2.68 7.25
N THR C 6 1.49 -1.60 7.88
CA THR C 6 0.60 -1.73 9.02
C THR C 6 -0.77 -2.18 8.60
N ILE C 7 -1.36 -3.05 9.41
CA ILE C 7 -2.69 -3.58 9.20
C ILE C 7 -3.56 -2.98 10.29
N SER C 8 -2.94 -2.83 11.47
CA SER C 8 -3.61 -2.28 12.64
C SER C 8 -2.52 -1.64 13.51
N PRO C 9 -2.69 -0.35 13.85
CA PRO C 9 -1.78 0.47 14.66
C PRO C 9 -1.50 -0.01 16.07
N GLY C 10 -0.25 0.20 16.50
CA GLY C 10 0.15 -0.16 17.84
C GLY C 10 0.10 1.10 18.70
N ASP C 11 0.76 1.13 19.84
CA ASP C 11 0.70 2.33 20.63
C ASP C 11 1.57 3.42 20.02
N GLY C 12 2.32 3.07 18.97
CA GLY C 12 3.16 4.03 18.29
C GLY C 12 4.50 4.40 18.88
N ARG C 13 4.83 3.91 20.08
CA ARG C 13 6.11 4.29 20.67
C ARG C 13 6.94 3.22 21.38
N THR C 14 6.31 2.08 21.70
CA THR C 14 7.02 1.03 22.39
C THR C 14 7.61 0.01 21.41
N PHE C 15 8.84 0.28 20.99
CA PHE C 15 9.52 -0.59 20.06
C PHE C 15 10.49 -1.50 20.79
N PRO C 16 10.51 -2.80 20.44
CA PRO C 16 11.42 -3.72 21.09
C PRO C 16 12.87 -3.26 21.01
N LYS C 17 13.63 -3.55 22.05
CA LYS C 17 15.04 -3.19 22.12
C LYS C 17 15.84 -4.47 22.24
N ARG C 18 17.11 -4.43 21.84
CA ARG C 18 17.96 -5.61 21.92
C ARG C 18 17.92 -6.18 23.33
N GLY C 19 17.76 -7.50 23.44
CA GLY C 19 17.73 -8.11 24.76
C GLY C 19 16.35 -8.44 25.27
N GLN C 20 15.35 -7.70 24.81
CA GLN C 20 13.97 -7.93 25.24
C GLN C 20 13.38 -9.11 24.51
N THR C 21 12.37 -9.72 25.12
CA THR C 21 11.69 -10.85 24.51
C THR C 21 10.39 -10.39 23.89
N CYS C 22 10.26 -10.61 22.59
CA CYS C 22 9.05 -10.24 21.91
C CYS C 22 8.10 -11.41 21.94
N VAL C 23 6.82 -11.12 22.16
CA VAL C 23 5.78 -12.13 22.18
C VAL C 23 4.90 -11.72 21.02
N VAL C 24 4.69 -12.63 20.08
CA VAL C 24 3.90 -12.27 18.92
C VAL C 24 2.98 -13.39 18.45
N HIS C 25 2.16 -13.07 17.47
CA HIS C 25 1.28 -14.03 16.85
C HIS C 25 1.55 -13.82 15.37
N TYR C 26 1.78 -14.89 14.63
CA TYR C 26 2.08 -14.75 13.22
C TYR C 26 1.49 -15.83 12.34
N THR C 27 1.61 -15.59 11.05
CA THR C 27 1.13 -16.50 10.03
C THR C 27 2.03 -16.23 8.87
N GLY C 28 2.77 -17.24 8.45
CA GLY C 28 3.68 -17.08 7.35
C GLY C 28 3.15 -17.72 6.10
N MET C 29 3.32 -17.04 4.97
CA MET C 29 2.86 -17.53 3.67
C MET C 29 3.93 -17.30 2.64
N LEU C 30 3.87 -18.05 1.55
CA LEU C 30 4.80 -17.85 0.46
C LEU C 30 4.09 -16.81 -0.38
N GLU C 31 4.78 -16.22 -1.36
CA GLU C 31 4.14 -15.22 -2.19
C GLU C 31 2.80 -15.64 -2.78
N ASP C 32 2.69 -16.89 -3.21
CA ASP C 32 1.44 -17.38 -3.80
C ASP C 32 0.29 -17.61 -2.81
N GLY C 33 0.51 -17.28 -1.53
CA GLY C 33 -0.56 -17.44 -0.55
C GLY C 33 -0.63 -18.72 0.26
N LYS C 34 0.28 -19.65 0.05
CA LYS C 34 0.24 -20.89 0.82
C LYS C 34 0.91 -20.71 2.15
N LYS C 35 0.14 -20.96 3.20
CA LYS C 35 0.62 -20.83 4.56
C LYS C 35 1.64 -21.92 4.86
N PHE C 36 2.64 -21.62 5.69
CA PHE C 36 3.64 -22.62 6.02
C PHE C 36 3.93 -22.71 7.52
N ASP C 37 3.35 -21.79 8.30
CA ASP C 37 3.55 -21.79 9.76
C ASP C 37 2.62 -20.75 10.36
N SER C 38 2.09 -21.02 11.54
CA SER C 38 1.18 -20.09 12.19
C SER C 38 1.00 -20.35 13.67
N SER C 39 1.53 -19.47 14.51
CA SER C 39 1.38 -19.64 15.95
C SER C 39 -0.10 -19.46 16.28
N ARG C 40 -0.85 -18.79 15.40
CA ARG C 40 -2.26 -18.60 15.65
C ARG C 40 -2.98 -19.95 15.60
N ASP C 41 -2.67 -20.75 14.58
CA ASP C 41 -3.28 -22.07 14.48
C ASP C 41 -2.96 -22.88 15.73
N ARG C 42 -1.81 -22.63 16.33
CA ARG C 42 -1.40 -23.33 17.54
C ARG C 42 -2.05 -22.75 18.79
N ASN C 43 -2.63 -21.56 18.66
CA ASN C 43 -3.25 -20.87 19.80
C ASN C 43 -2.21 -20.69 20.92
N LYS C 44 -0.98 -20.38 20.53
CA LYS C 44 0.11 -20.19 21.49
C LYS C 44 1.04 -19.16 20.88
N PRO C 45 1.21 -18.01 21.56
CA PRO C 45 2.08 -16.96 21.07
C PRO C 45 3.51 -17.44 20.95
N PHE C 46 4.24 -16.87 20.00
CA PHE C 46 5.62 -17.23 19.75
C PHE C 46 6.53 -16.21 20.45
N LYS C 47 7.63 -16.67 21.03
CA LYS C 47 8.53 -15.77 21.74
C LYS C 47 9.96 -15.84 21.27
N PHE C 48 10.60 -14.68 21.12
CA PHE C 48 12.00 -14.70 20.72
C PHE C 48 12.72 -13.48 21.27
N MET C 49 14.00 -13.62 21.53
CA MET C 49 14.77 -12.52 22.06
C MET C 49 15.46 -11.78 20.93
N LEU C 50 15.11 -10.51 20.80
CA LEU C 50 15.66 -9.68 19.77
C LEU C 50 17.18 -9.55 19.94
N GLY C 51 17.91 -9.71 18.84
CA GLY C 51 19.35 -9.59 18.92
C GLY C 51 20.16 -10.88 19.00
N LYS C 52 19.52 -11.98 19.38
CA LYS C 52 20.26 -13.24 19.48
C LYS C 52 20.09 -14.10 18.24
N GLN C 53 19.50 -13.51 17.21
CA GLN C 53 19.25 -14.17 15.93
C GLN C 53 18.52 -15.50 16.00
N GLU C 54 17.50 -15.56 16.84
CA GLU C 54 16.74 -16.78 16.97
C GLU C 54 15.73 -16.83 15.82
N VAL C 55 15.64 -15.72 15.08
CA VAL C 55 14.73 -15.64 13.94
C VAL C 55 15.46 -15.09 12.74
N ILE C 56 14.87 -15.20 11.56
CA ILE C 56 15.50 -14.68 10.36
C ILE C 56 15.71 -13.17 10.46
N ARG C 57 16.67 -12.67 9.68
CA ARG C 57 17.01 -11.26 9.69
C ARG C 57 15.82 -10.33 9.40
N GLY C 58 15.02 -10.66 8.40
CA GLY C 58 13.86 -9.84 8.10
C GLY C 58 12.89 -9.69 9.27
N TRP C 59 12.88 -10.65 10.18
CA TRP C 59 12.00 -10.60 11.35
C TRP C 59 12.60 -9.72 12.42
N GLU C 60 13.88 -9.93 12.68
CA GLU C 60 14.61 -9.20 13.71
C GLU C 60 14.58 -7.72 13.37
N GLU C 61 14.61 -7.40 12.08
CA GLU C 61 14.57 -6.02 11.67
C GLU C 61 13.16 -5.53 11.42
N GLY C 62 12.26 -6.44 11.05
CA GLY C 62 10.89 -6.05 10.80
C GLY C 62 10.10 -5.79 12.08
N VAL C 63 10.25 -6.66 13.08
CA VAL C 63 9.52 -6.49 14.32
C VAL C 63 10.11 -5.37 15.17
N ALA C 64 11.36 -5.02 14.91
CA ALA C 64 12.01 -3.95 15.65
C ALA C 64 11.34 -2.61 15.30
N GLN C 65 10.39 -2.64 14.37
CA GLN C 65 9.69 -1.44 13.93
C GLN C 65 8.22 -1.34 14.28
N MET C 66 7.63 -2.43 14.76
CA MET C 66 6.20 -2.42 15.17
C MET C 66 6.36 -1.96 16.60
N SER C 67 5.29 -1.39 17.12
CA SER C 67 5.26 -0.94 18.49
C SER C 67 4.25 -1.91 19.07
N VAL C 68 4.32 -2.13 20.38
CA VAL C 68 3.39 -3.05 21.02
C VAL C 68 1.95 -2.82 20.60
N GLY C 69 1.27 -3.90 20.23
CA GLY C 69 -0.11 -3.83 19.82
C GLY C 69 -0.31 -3.73 18.32
N GLN C 70 0.79 -3.49 17.62
CA GLN C 70 0.71 -3.34 16.17
C GLN C 70 0.57 -4.68 15.42
N ARG C 71 -0.12 -4.65 14.29
CA ARG C 71 -0.29 -5.83 13.48
C ARG C 71 0.14 -5.39 12.08
N ALA C 72 1.11 -6.09 11.49
CA ALA C 72 1.59 -5.71 10.17
C ALA C 72 1.99 -6.86 9.26
N LYS C 73 2.12 -6.53 7.97
CA LYS C 73 2.54 -7.49 6.99
C LYS C 73 4.00 -7.28 6.70
N LEU C 74 4.83 -8.27 7.02
CA LEU C 74 6.25 -8.16 6.75
C LEU C 74 6.49 -8.98 5.49
N THR C 75 7.00 -8.33 4.45
CA THR C 75 7.32 -9.01 3.21
C THR C 75 8.82 -9.04 3.22
N ILE C 76 9.34 -10.26 3.32
CA ILE C 76 10.78 -10.46 3.42
C ILE C 76 11.41 -11.10 2.19
N SER C 77 12.48 -10.50 1.69
CA SER C 77 13.17 -11.03 0.52
C SER C 77 14.07 -12.17 0.99
N PRO C 78 14.38 -13.12 0.09
CA PRO C 78 15.22 -14.31 0.32
C PRO C 78 16.50 -14.07 1.12
N ASP C 79 17.27 -13.04 0.76
CA ASP C 79 18.50 -12.75 1.48
C ASP C 79 18.24 -12.32 2.94
N TYR C 80 16.99 -12.02 3.26
CA TYR C 80 16.60 -11.66 4.61
C TYR C 80 15.78 -12.76 5.27
N ALA C 81 15.60 -13.86 4.54
CA ALA C 81 14.85 -15.01 5.02
C ALA C 81 15.72 -16.25 4.89
N TYR C 82 15.29 -17.26 4.13
CA TYR C 82 16.10 -18.46 4.03
C TYR C 82 16.98 -18.63 2.80
N GLY C 83 17.27 -17.51 2.16
CA GLY C 83 18.14 -17.49 1.01
C GLY C 83 18.00 -18.58 -0.03
N ALA C 84 19.17 -18.96 -0.56
CA ALA C 84 19.27 -19.96 -1.61
C ALA C 84 18.88 -21.34 -1.10
N THR C 85 19.31 -21.67 0.12
CA THR C 85 18.99 -22.98 0.67
C THR C 85 17.50 -23.21 0.88
N GLY C 86 16.79 -22.20 1.36
CA GLY C 86 15.38 -22.37 1.65
C GLY C 86 15.39 -23.20 2.92
N HIS C 87 14.25 -23.78 3.31
CA HIS C 87 14.23 -24.65 4.49
C HIS C 87 13.59 -25.94 4.01
N PRO C 88 14.34 -27.05 4.07
CA PRO C 88 13.97 -28.41 3.63
C PRO C 88 12.54 -28.79 3.91
N GLY C 89 11.76 -28.95 2.85
CA GLY C 89 10.37 -29.34 2.99
C GLY C 89 9.35 -28.25 3.27
N ILE C 90 9.79 -27.09 3.76
CA ILE C 90 8.85 -26.02 4.07
C ILE C 90 8.97 -24.78 3.21
N ILE C 91 10.18 -24.25 3.11
CA ILE C 91 10.40 -23.05 2.34
C ILE C 91 11.33 -23.23 1.14
N PRO C 92 10.79 -23.01 -0.06
CA PRO C 92 11.52 -23.14 -1.32
C PRO C 92 12.73 -22.26 -1.31
N PRO C 93 13.77 -22.63 -2.07
CA PRO C 93 14.98 -21.81 -2.13
C PRO C 93 14.57 -20.47 -2.79
N HIS C 94 15.29 -19.40 -2.47
CA HIS C 94 14.98 -18.06 -3.02
C HIS C 94 13.53 -17.66 -2.83
N ALA C 95 12.99 -17.91 -1.65
CA ALA C 95 11.60 -17.58 -1.40
C ALA C 95 11.41 -16.23 -0.69
N THR C 96 10.41 -15.50 -1.16
CA THR C 96 10.04 -14.24 -0.56
C THR C 96 8.92 -14.63 0.38
N LEU C 97 9.06 -14.28 1.64
CA LEU C 97 8.04 -14.63 2.62
C LEU C 97 7.17 -13.44 2.99
N VAL C 98 5.93 -13.74 3.32
CA VAL C 98 4.98 -12.73 3.72
C VAL C 98 4.44 -13.15 5.08
N PHE C 99 4.67 -12.34 6.11
CA PHE C 99 4.17 -12.64 7.44
C PHE C 99 3.12 -11.66 7.95
N ASP C 100 2.14 -12.19 8.67
CA ASP C 100 1.12 -11.38 9.28
C ASP C 100 1.57 -11.43 10.75
N VAL C 101 2.14 -10.33 11.25
CA VAL C 101 2.64 -10.31 12.61
C VAL C 101 1.94 -9.34 13.56
N GLU C 102 1.81 -9.74 14.80
CA GLU C 102 1.23 -8.91 15.83
C GLU C 102 2.08 -8.99 17.09
N LEU C 103 2.66 -7.87 17.47
CA LEU C 103 3.52 -7.80 18.63
C LEU C 103 2.63 -7.65 19.86
N LEU C 104 2.34 -8.76 20.53
CA LEU C 104 1.47 -8.72 21.70
C LEU C 104 2.05 -7.98 22.90
N LYS C 105 3.32 -8.23 23.22
CA LYS C 105 3.95 -7.57 24.35
C LYS C 105 5.45 -7.83 24.39
N LEU C 106 6.14 -7.20 25.33
CA LEU C 106 7.57 -7.34 25.50
C LEU C 106 7.83 -7.85 26.93
N GLU C 107 8.95 -8.53 27.16
CA GLU C 107 9.24 -9.03 28.50
C GLU C 107 10.70 -8.82 28.86
N THR D 14 8.13 -29.61 30.66
CA THR D 14 7.90 -30.83 29.82
C THR D 14 8.95 -31.02 28.71
N THR D 15 8.93 -32.19 28.09
CA THR D 15 9.90 -32.54 27.07
C THR D 15 9.66 -32.00 25.68
N LEU D 16 10.74 -32.07 24.90
CA LEU D 16 10.77 -31.65 23.52
C LEU D 16 9.75 -32.47 22.71
N LYS D 17 9.50 -33.71 23.15
CA LYS D 17 8.54 -34.56 22.47
C LYS D 17 7.11 -34.11 22.78
N ASP D 18 6.89 -33.63 24.01
CA ASP D 18 5.58 -33.13 24.42
C ASP D 18 5.32 -31.92 23.55
N LEU D 19 6.32 -31.07 23.52
CA LEU D 19 6.30 -29.84 22.75
C LEU D 19 5.93 -30.13 21.31
N ILE D 20 6.61 -31.08 20.69
CA ILE D 20 6.32 -31.44 19.31
C ILE D 20 4.87 -31.84 19.18
N TYR D 21 4.33 -32.49 20.20
CA TYR D 21 2.94 -32.92 20.15
C TYR D 21 1.96 -31.76 20.30
N ASP D 22 2.22 -30.87 21.26
CA ASP D 22 1.34 -29.73 21.49
C ASP D 22 1.27 -28.80 20.30
N MET D 23 2.41 -28.58 19.64
CA MET D 23 2.42 -27.67 18.51
C MET D 23 1.99 -28.29 17.19
N THR D 24 1.54 -29.54 17.25
CA THR D 24 1.11 -30.23 16.06
C THR D 24 -0.21 -29.71 15.56
N THR D 25 -0.29 -29.51 14.26
CA THR D 25 -1.51 -29.03 13.62
C THR D 25 -1.64 -29.75 12.30
N SER D 26 -2.86 -29.98 11.84
CA SER D 26 -3.00 -30.63 10.55
C SER D 26 -2.13 -29.75 9.66
N GLY D 27 -1.17 -30.36 8.98
CA GLY D 27 -0.27 -29.61 8.13
C GLY D 27 1.15 -29.56 8.67
N SER D 28 1.35 -29.91 9.93
CA SER D 28 2.70 -29.87 10.46
C SER D 28 3.48 -31.13 10.10
N GLY D 29 4.81 -31.02 10.15
CA GLY D 29 5.67 -32.14 9.84
C GLY D 29 5.99 -32.95 11.07
N SER D 30 7.00 -33.80 10.98
CA SER D 30 7.36 -34.66 12.10
C SER D 30 7.86 -33.97 13.34
N GLY D 31 8.58 -32.86 13.19
CA GLY D 31 9.13 -32.16 14.33
C GLY D 31 8.42 -30.84 14.64
N LEU D 32 9.18 -29.87 15.14
CA LEU D 32 8.63 -28.56 15.51
C LEU D 32 8.27 -27.69 14.31
N PRO D 33 7.43 -26.66 14.53
CA PRO D 33 7.00 -25.73 13.48
C PRO D 33 8.24 -24.96 12.96
N LEU D 34 8.15 -24.45 11.74
CA LEU D 34 9.26 -23.74 11.10
C LEU D 34 10.07 -22.82 12.02
N LEU D 35 9.46 -21.73 12.50
CA LEU D 35 10.20 -20.81 13.36
C LEU D 35 10.71 -21.36 14.67
N VAL D 36 9.98 -22.31 15.25
CA VAL D 36 10.39 -22.88 16.53
C VAL D 36 11.63 -23.70 16.33
N GLN D 37 11.80 -24.22 15.13
CA GLN D 37 12.97 -25.04 14.86
C GLN D 37 14.25 -24.27 15.08
N ARG D 38 14.29 -23.03 14.59
CA ARG D 38 15.49 -22.20 14.72
C ARG D 38 15.66 -21.78 16.19
N THR D 39 14.53 -21.46 16.82
CA THR D 39 14.54 -21.09 18.22
C THR D 39 15.29 -22.14 19.03
N ILE D 40 14.89 -23.39 18.86
CA ILE D 40 15.52 -24.47 19.59
C ILE D 40 16.94 -24.80 19.12
N ALA D 41 17.13 -24.87 17.81
CA ALA D 41 18.43 -25.16 17.26
C ALA D 41 19.50 -24.19 17.80
N ARG D 42 19.16 -22.90 17.83
CA ARG D 42 20.09 -21.87 18.29
C ARG D 42 20.30 -21.85 19.79
N THR D 43 19.37 -22.43 20.55
CA THR D 43 19.48 -22.47 22.00
C THR D 43 20.18 -23.73 22.52
N ILE D 44 20.48 -24.66 21.63
CA ILE D 44 21.12 -25.92 22.04
C ILE D 44 22.58 -25.75 22.42
N VAL D 45 22.97 -26.39 23.52
CA VAL D 45 24.35 -26.31 23.99
C VAL D 45 25.07 -27.61 23.64
N LEU D 46 26.00 -27.55 22.69
CA LEU D 46 26.75 -28.75 22.31
C LEU D 46 27.60 -29.23 23.48
N GLN D 47 27.65 -30.56 23.66
CA GLN D 47 28.41 -31.15 24.76
C GLN D 47 29.65 -31.93 24.31
N GLU D 48 29.45 -32.95 23.49
CA GLU D 48 30.58 -33.77 23.07
C GLU D 48 30.40 -34.34 21.68
N SER D 49 31.50 -34.48 20.97
CA SER D 49 31.45 -35.07 19.66
C SER D 49 31.16 -36.54 19.94
N ILE D 50 30.19 -37.11 19.25
CA ILE D 50 29.86 -38.51 19.46
C ILE D 50 30.50 -39.36 18.39
N GLY D 51 30.35 -38.95 17.14
CA GLY D 51 30.92 -39.70 16.04
C GLY D 51 31.24 -38.82 14.85
N LYS D 52 32.28 -39.18 14.11
CA LYS D 52 32.67 -38.41 12.95
C LYS D 52 32.49 -39.27 11.70
N GLY D 53 31.24 -39.42 11.28
CA GLY D 53 30.91 -40.21 10.11
C GLY D 53 31.33 -39.66 8.76
N ARG D 54 31.03 -40.40 7.70
CA ARG D 54 31.37 -39.96 6.35
C ARG D 54 30.67 -38.63 6.07
N PHE D 55 29.46 -38.47 6.61
CA PHE D 55 28.69 -37.26 6.39
C PHE D 55 28.58 -36.33 7.60
N GLY D 56 29.71 -35.77 8.02
CA GLY D 56 29.71 -34.85 9.14
C GLY D 56 29.64 -35.45 10.54
N GLU D 57 29.86 -34.59 11.54
CA GLU D 57 29.85 -35.00 12.93
C GLU D 57 28.49 -35.05 13.62
N VAL D 58 28.40 -35.89 14.63
CA VAL D 58 27.19 -36.03 15.43
C VAL D 58 27.58 -35.64 16.84
N TRP D 59 26.86 -34.67 17.39
CA TRP D 59 27.14 -34.19 18.73
C TRP D 59 26.00 -34.45 19.69
N ARG D 60 26.36 -34.65 20.94
CA ARG D 60 25.38 -34.81 21.98
C ARG D 60 25.16 -33.38 22.43
N GLY D 61 23.92 -32.93 22.46
CA GLY D 61 23.66 -31.57 22.88
C GLY D 61 22.53 -31.51 23.87
N LYS D 62 22.44 -30.41 24.60
CA LYS D 62 21.37 -30.24 25.56
C LYS D 62 20.56 -29.01 25.21
N TRP D 63 19.26 -29.10 25.49
CA TRP D 63 18.34 -28.00 25.27
C TRP D 63 17.58 -27.84 26.58
N ARG D 64 17.84 -26.75 27.29
CA ARG D 64 17.21 -26.53 28.58
C ARG D 64 17.37 -27.81 29.38
N GLY D 65 18.60 -28.32 29.42
CA GLY D 65 18.89 -29.54 30.15
C GLY D 65 18.65 -30.87 29.45
N GLU D 66 17.62 -30.95 28.61
CA GLU D 66 17.29 -32.21 27.92
C GLU D 66 18.34 -32.61 26.87
N GLU D 67 18.75 -33.87 26.88
CA GLU D 67 19.75 -34.35 25.91
C GLU D 67 19.12 -34.51 24.53
N VAL D 68 19.88 -34.09 23.53
CA VAL D 68 19.41 -34.12 22.17
C VAL D 68 20.59 -34.51 21.28
N ALA D 69 20.30 -34.88 20.04
CA ALA D 69 21.37 -35.25 19.13
C ALA D 69 21.44 -34.24 18.00
N VAL D 70 22.65 -33.81 17.67
CA VAL D 70 22.81 -32.84 16.61
C VAL D 70 23.75 -33.34 15.53
N LYS D 71 23.23 -33.58 14.33
CA LYS D 71 24.15 -34.00 13.30
C LYS D 71 24.49 -32.74 12.52
N ILE D 72 25.78 -32.46 12.44
CA ILE D 72 26.25 -31.31 11.72
C ILE D 72 26.87 -31.82 10.43
N PHE D 73 26.21 -31.54 9.32
CA PHE D 73 26.68 -31.98 8.01
C PHE D 73 27.71 -31.03 7.43
N SER D 74 28.59 -31.59 6.60
CA SER D 74 29.61 -30.79 5.92
C SER D 74 29.10 -30.40 4.53
N SER D 75 29.68 -29.34 3.96
CA SER D 75 29.28 -28.82 2.64
C SER D 75 28.79 -29.85 1.62
N ARG D 76 29.55 -30.93 1.44
CA ARG D 76 29.21 -31.97 0.48
C ARG D 76 27.88 -32.69 0.64
N GLU D 77 27.38 -32.80 1.86
CA GLU D 77 26.11 -33.50 2.02
C GLU D 77 24.95 -32.56 2.19
N GLU D 78 25.13 -31.31 1.79
CA GLU D 78 24.05 -30.35 1.87
C GLU D 78 22.81 -31.06 1.31
N ARG D 79 23.01 -31.87 0.29
CA ARG D 79 21.91 -32.61 -0.34
C ARG D 79 21.32 -33.72 0.53
N SER D 80 22.14 -34.33 1.37
CA SER D 80 21.67 -35.38 2.28
C SER D 80 20.94 -34.67 3.44
N TRP D 81 21.55 -33.61 3.95
CA TRP D 81 20.95 -32.80 5.00
C TRP D 81 19.56 -32.37 4.50
N PHE D 82 19.53 -31.83 3.30
CA PHE D 82 18.30 -31.34 2.72
C PHE D 82 17.21 -32.40 2.57
N ARG D 83 17.60 -33.55 2.02
CA ARG D 83 16.63 -34.61 1.80
C ARG D 83 16.10 -35.18 3.12
N GLU D 84 16.98 -35.50 4.05
CA GLU D 84 16.48 -36.04 5.31
C GLU D 84 15.47 -35.09 5.95
N ALA D 85 15.85 -33.82 6.05
CA ALA D 85 14.96 -32.83 6.63
C ALA D 85 13.69 -32.71 5.79
N GLU D 86 13.85 -32.70 4.47
CA GLU D 86 12.70 -32.58 3.58
C GLU D 86 11.72 -33.73 3.79
N ILE D 87 12.24 -34.94 4.02
CA ILE D 87 11.34 -36.07 4.23
C ILE D 87 10.63 -36.02 5.57
N TYR D 88 11.36 -35.72 6.63
CA TYR D 88 10.69 -35.65 7.93
C TYR D 88 9.65 -34.54 7.94
N GLN D 89 9.87 -33.54 7.10
CA GLN D 89 8.97 -32.41 7.04
C GLN D 89 7.71 -32.61 6.21
N THR D 90 7.85 -33.31 5.09
CA THR D 90 6.70 -33.52 4.22
C THR D 90 6.00 -34.84 4.49
N VAL D 91 6.62 -35.71 5.27
CA VAL D 91 6.02 -37.00 5.58
C VAL D 91 5.91 -37.12 7.08
N MET D 92 4.71 -37.37 7.57
CA MET D 92 4.50 -37.51 9.02
C MET D 92 5.15 -38.81 9.50
N LEU D 93 6.31 -38.66 10.15
CA LEU D 93 7.05 -39.82 10.66
C LEU D 93 7.29 -39.78 12.16
N ARG D 94 6.32 -40.22 12.94
CA ARG D 94 6.51 -40.29 14.38
C ARG D 94 6.16 -41.71 14.74
N HIS D 95 7.20 -42.52 14.97
CA HIS D 95 7.02 -43.93 15.27
C HIS D 95 8.14 -44.33 16.21
N GLU D 96 7.88 -45.26 17.11
CA GLU D 96 8.91 -45.66 18.06
C GLU D 96 10.09 -46.36 17.38
N ASN D 97 9.95 -46.77 16.13
CA ASN D 97 11.07 -47.45 15.48
C ASN D 97 11.73 -46.63 14.37
N ILE D 98 11.49 -45.33 14.42
CA ILE D 98 12.07 -44.40 13.49
C ILE D 98 12.64 -43.22 14.28
N LEU D 99 13.93 -42.95 14.09
CA LEU D 99 14.62 -41.87 14.79
C LEU D 99 13.75 -40.62 14.83
N GLY D 100 13.51 -40.13 16.05
CA GLY D 100 12.69 -38.95 16.26
C GLY D 100 13.33 -37.66 15.79
N PHE D 101 12.67 -37.01 14.84
CA PHE D 101 13.15 -35.76 14.29
C PHE D 101 12.62 -34.58 15.10
N ILE D 102 13.49 -33.60 15.33
CA ILE D 102 13.11 -32.42 16.11
C ILE D 102 13.11 -31.15 15.28
N ALA D 103 14.26 -30.83 14.70
CA ALA D 103 14.39 -29.62 13.90
C ALA D 103 15.61 -29.64 12.99
N ALA D 104 15.55 -28.85 11.93
CA ALA D 104 16.66 -28.72 11.01
C ALA D 104 17.02 -27.24 11.00
N ASP D 105 18.30 -26.91 10.90
CA ASP D 105 18.68 -25.51 10.85
C ASP D 105 19.88 -25.23 9.97
N ASN D 106 19.83 -24.08 9.31
CA ASN D 106 20.89 -23.64 8.41
C ASN D 106 21.53 -22.43 9.08
N LYS D 107 22.61 -22.65 9.82
CA LYS D 107 23.28 -21.56 10.49
C LYS D 107 24.53 -21.15 9.73
N ASP D 108 24.36 -20.28 8.76
CA ASP D 108 25.48 -19.82 7.95
C ASP D 108 26.04 -18.51 8.50
N ASN D 109 27.24 -18.57 9.07
CA ASN D 109 27.92 -17.38 9.59
C ASN D 109 28.73 -16.82 8.41
N GLY D 110 28.96 -15.51 8.40
CA GLY D 110 29.72 -14.90 7.31
C GLY D 110 31.08 -15.54 7.09
N THR D 111 31.42 -16.49 7.97
CA THR D 111 32.68 -17.23 7.94
C THR D 111 32.53 -18.65 7.33
N TRP D 112 31.52 -19.40 7.75
CA TRP D 112 31.28 -20.74 7.21
C TRP D 112 29.87 -21.28 7.54
N THR D 113 29.15 -21.71 6.50
CA THR D 113 27.80 -22.26 6.65
C THR D 113 27.85 -23.53 7.50
N GLN D 114 26.79 -23.80 8.24
CA GLN D 114 26.77 -24.99 9.09
C GLN D 114 25.37 -25.61 9.11
N LEU D 115 25.24 -26.81 8.53
CA LEU D 115 23.95 -27.51 8.44
C LEU D 115 23.63 -28.44 9.61
N TRP D 116 22.58 -28.11 10.34
CA TRP D 116 22.17 -28.87 11.52
C TRP D 116 20.93 -29.76 11.38
N LEU D 117 20.97 -30.89 12.06
CA LEU D 117 19.86 -31.82 12.07
C LEU D 117 19.71 -32.26 13.54
N VAL D 118 18.63 -31.87 14.18
CA VAL D 118 18.42 -32.21 15.57
C VAL D 118 17.42 -33.35 15.72
N SER D 119 17.75 -34.32 16.55
CA SER D 119 16.88 -35.47 16.75
C SER D 119 17.04 -36.02 18.16
N ASP D 120 16.28 -37.06 18.48
CA ASP D 120 16.39 -37.70 19.79
C ASP D 120 17.79 -38.22 19.96
N TYR D 121 18.18 -38.41 21.22
CA TYR D 121 19.49 -38.93 21.55
C TYR D 121 19.36 -40.35 22.08
N HIS D 122 20.27 -41.21 21.64
CA HIS D 122 20.25 -42.61 22.04
C HIS D 122 21.67 -42.97 22.35
N GLU D 123 21.92 -42.96 23.70
CA GLU D 123 23.24 -43.25 24.17
C GLU D 123 23.91 -44.47 23.57
N HIS D 124 23.17 -45.55 23.36
CA HIS D 124 23.78 -46.73 22.78
C HIS D 124 24.40 -46.49 21.42
N GLY D 125 23.81 -45.63 20.61
CA GLY D 125 24.37 -45.40 19.30
C GLY D 125 23.75 -46.38 18.30
N SER D 126 24.50 -46.67 17.24
CA SER D 126 24.02 -47.58 16.19
C SER D 126 24.02 -49.05 16.60
N LEU D 127 23.24 -49.84 15.86
CA LEU D 127 23.17 -51.27 16.07
C LEU D 127 24.61 -51.78 15.87
N PHE D 128 25.32 -51.16 14.94
CA PHE D 128 26.70 -51.52 14.69
C PHE D 128 27.56 -51.35 15.95
N ASP D 129 27.48 -50.18 16.59
CA ASP D 129 28.28 -50.00 17.81
C ASP D 129 27.83 -50.97 18.90
N TYR D 130 26.52 -51.14 19.00
CA TYR D 130 25.92 -51.99 19.99
C TYR D 130 26.38 -53.43 19.85
N LEU D 131 26.25 -53.98 18.64
CA LEU D 131 26.66 -55.36 18.36
C LEU D 131 28.15 -55.57 18.50
N ASN D 132 28.92 -54.51 18.36
CA ASN D 132 30.36 -54.65 18.52
C ASN D 132 30.67 -54.72 20.01
N ARG D 133 29.85 -54.02 20.78
CA ARG D 133 30.02 -53.95 22.22
C ARG D 133 29.41 -55.18 22.92
N TYR D 134 28.22 -55.59 22.49
CA TYR D 134 27.51 -56.67 23.18
C TYR D 134 27.09 -57.90 22.39
N THR D 135 26.95 -59.02 23.09
CA THR D 135 26.42 -60.18 22.43
C THR D 135 24.97 -60.02 22.81
N VAL D 136 24.10 -60.83 22.27
CA VAL D 136 22.72 -60.63 22.57
C VAL D 136 22.04 -61.95 22.89
N THR D 137 20.90 -61.83 23.53
CA THR D 137 20.05 -62.92 23.96
C THR D 137 19.08 -63.25 22.84
N VAL D 138 18.47 -64.42 22.88
CA VAL D 138 17.47 -64.78 21.88
C VAL D 138 16.40 -63.70 21.91
N GLU D 139 15.99 -63.34 23.14
CA GLU D 139 14.96 -62.33 23.30
C GLU D 139 15.47 -60.99 22.79
N GLY D 140 16.74 -60.68 23.09
CA GLY D 140 17.31 -59.43 22.63
C GLY D 140 17.35 -59.37 21.11
N MET D 141 17.65 -60.50 20.48
CA MET D 141 17.72 -60.59 19.04
C MET D 141 16.35 -60.30 18.47
N ILE D 142 15.34 -60.98 19.00
CA ILE D 142 14.00 -60.77 18.49
C ILE D 142 13.58 -59.32 18.69
N LYS D 143 13.86 -58.74 19.85
CA LYS D 143 13.49 -57.34 20.06
C LYS D 143 14.14 -56.51 18.94
N LEU D 144 15.47 -56.61 18.79
CA LEU D 144 16.15 -55.84 17.76
C LEU D 144 15.58 -56.03 16.37
N ALA D 145 15.41 -57.28 15.96
CA ALA D 145 14.91 -57.58 14.63
C ALA D 145 13.47 -57.19 14.45
N LEU D 146 12.65 -57.46 15.44
CA LEU D 146 11.23 -57.14 15.34
C LEU D 146 11.06 -55.64 15.13
N SER D 147 11.70 -54.86 15.99
CA SER D 147 11.57 -53.41 15.92
C SER D 147 12.14 -52.86 14.63
N THR D 148 13.24 -53.43 14.13
CA THR D 148 13.80 -52.97 12.86
C THR D 148 12.77 -53.18 11.73
N ALA D 149 12.17 -54.36 11.68
CA ALA D 149 11.17 -54.68 10.68
C ALA D 149 9.95 -53.78 10.82
N SER D 150 9.59 -53.44 12.05
CA SER D 150 8.43 -52.58 12.24
C SER D 150 8.69 -51.19 11.70
N GLY D 151 9.90 -50.69 11.97
CA GLY D 151 10.28 -49.38 11.51
C GLY D 151 10.26 -49.37 10.00
N LEU D 152 10.92 -50.36 9.40
CA LEU D 152 10.98 -50.43 7.95
C LEU D 152 9.62 -50.61 7.36
N ALA D 153 8.79 -51.44 8.00
CA ALA D 153 7.45 -51.67 7.46
C ALA D 153 6.67 -50.39 7.56
N HIS D 154 6.97 -49.57 8.57
CA HIS D 154 6.24 -48.32 8.72
C HIS D 154 6.65 -47.37 7.59
N LEU D 155 7.95 -47.25 7.32
CA LEU D 155 8.41 -46.43 6.21
C LEU D 155 7.78 -46.84 4.89
N HIS D 156 7.91 -48.13 4.54
CA HIS D 156 7.36 -48.65 3.27
C HIS D 156 5.86 -48.54 3.10
N MET D 157 5.14 -48.28 4.17
CA MET D 157 3.70 -48.25 4.09
C MET D 157 3.05 -46.91 3.78
N GLU D 158 2.08 -46.94 2.89
CA GLU D 158 1.34 -45.74 2.56
C GLU D 158 0.13 -45.76 3.49
N ILE D 159 -0.01 -44.70 4.29
CA ILE D 159 -1.12 -44.60 5.25
C ILE D 159 -2.03 -43.45 4.85
N VAL D 160 -3.28 -43.79 4.56
CA VAL D 160 -4.27 -42.81 4.14
C VAL D 160 -4.73 -41.87 5.26
N GLY D 161 -5.18 -40.67 4.90
CA GLY D 161 -5.68 -39.73 5.90
C GLY D 161 -4.81 -38.52 6.22
N THR D 162 -5.36 -37.64 7.05
CA THR D 162 -4.69 -36.41 7.48
C THR D 162 -3.35 -36.73 8.15
N GLN D 163 -3.41 -37.61 9.14
CA GLN D 163 -2.22 -38.01 9.87
C GLN D 163 -1.51 -39.06 9.00
N GLY D 164 -1.87 -39.07 7.72
CA GLY D 164 -1.34 -40.01 6.74
C GLY D 164 0.15 -39.99 6.45
N LYS D 165 0.54 -40.58 5.32
CA LYS D 165 1.95 -40.67 4.97
C LYS D 165 2.20 -41.47 3.69
N PRO D 166 3.01 -40.92 2.78
CA PRO D 166 3.28 -41.66 1.55
C PRO D 166 4.30 -42.76 1.86
N ALA D 167 4.44 -43.73 0.96
CA ALA D 167 5.41 -44.80 1.15
C ALA D 167 6.81 -44.24 0.91
N ILE D 168 7.78 -44.75 1.66
CA ILE D 168 9.17 -44.31 1.56
C ILE D 168 10.13 -45.48 1.52
N ALA D 169 11.18 -45.38 0.71
CA ALA D 169 12.19 -46.43 0.60
C ALA D 169 13.45 -45.82 1.16
N HIS D 170 14.13 -46.55 2.02
CA HIS D 170 15.31 -46.03 2.67
C HIS D 170 16.50 -45.85 1.72
N ARG D 171 16.97 -46.94 1.15
CA ARG D 171 18.08 -46.97 0.19
C ARG D 171 19.47 -47.05 0.81
N ASP D 172 19.57 -46.98 2.13
CA ASP D 172 20.88 -47.15 2.74
C ASP D 172 20.78 -47.80 4.13
N LEU D 173 19.96 -48.85 4.22
CA LEU D 173 19.79 -49.59 5.46
C LEU D 173 21.08 -50.31 5.79
N LYS D 174 21.48 -50.28 7.05
CA LYS D 174 22.69 -50.96 7.45
C LYS D 174 22.83 -50.83 8.97
N SER D 175 23.64 -51.67 9.60
CA SER D 175 23.84 -51.62 11.05
C SER D 175 24.07 -50.19 11.54
N LYS D 176 24.88 -49.47 10.78
CA LYS D 176 25.22 -48.11 11.18
C LYS D 176 24.10 -47.11 11.07
N ASN D 177 22.99 -47.47 10.44
CA ASN D 177 21.89 -46.54 10.32
C ASN D 177 20.66 -46.98 11.10
N ILE D 178 20.91 -47.78 12.10
CA ILE D 178 19.83 -48.18 12.97
C ILE D 178 20.35 -47.83 14.35
N LEU D 179 19.52 -47.20 15.15
CA LEU D 179 19.96 -46.84 16.49
C LEU D 179 19.22 -47.73 17.48
N VAL D 180 19.86 -48.04 18.58
CA VAL D 180 19.17 -48.87 19.57
C VAL D 180 18.96 -48.10 20.87
N LYS D 181 17.67 -47.95 21.21
CA LYS D 181 17.28 -47.25 22.42
C LYS D 181 17.67 -47.99 23.71
N LYS D 182 17.46 -47.35 24.85
CA LYS D 182 17.82 -47.98 26.10
C LYS D 182 16.91 -49.15 26.41
N ASN D 183 15.72 -49.20 25.83
CA ASN D 183 14.85 -50.33 26.11
C ASN D 183 15.12 -51.54 25.22
N GLY D 184 16.31 -51.61 24.62
CA GLY D 184 16.66 -52.74 23.75
C GLY D 184 16.00 -52.82 22.38
N THR D 185 15.31 -51.76 22.01
CA THR D 185 14.60 -51.64 20.75
C THR D 185 15.39 -50.80 19.76
N CYS D 186 14.98 -50.83 18.50
CA CYS D 186 15.65 -50.06 17.46
C CYS D 186 14.76 -49.05 16.81
N CYS D 187 15.40 -48.10 16.13
CA CYS D 187 14.68 -47.12 15.32
C CYS D 187 15.60 -46.86 14.12
N ILE D 188 14.99 -46.74 12.94
CA ILE D 188 15.74 -46.49 11.72
C ILE D 188 16.13 -45.02 11.65
N ALA D 189 17.33 -44.73 11.16
CA ALA D 189 17.80 -43.36 11.05
C ALA D 189 18.36 -43.11 9.65
N ASP D 190 18.88 -41.89 9.44
CA ASP D 190 19.49 -41.43 8.20
C ASP D 190 18.66 -41.60 6.95
N LEU D 191 17.72 -40.68 6.74
CA LEU D 191 16.86 -40.73 5.57
C LEU D 191 17.37 -39.84 4.42
N GLY D 192 18.68 -39.60 4.38
CA GLY D 192 19.29 -38.78 3.35
C GLY D 192 19.25 -39.24 1.90
N LEU D 193 18.94 -40.51 1.65
CA LEU D 193 18.86 -41.04 0.30
C LEU D 193 17.48 -41.61 0.01
N ALA D 194 16.55 -41.38 0.93
CA ALA D 194 15.22 -41.92 0.81
C ALA D 194 14.44 -41.40 -0.38
N VAL D 195 13.56 -42.24 -0.91
CA VAL D 195 12.71 -41.85 -2.02
C VAL D 195 11.27 -41.98 -1.59
N ARG D 196 10.45 -41.04 -2.06
CA ARG D 196 9.06 -41.01 -1.68
C ARG D 196 8.21 -41.47 -2.84
N HIS D 197 7.13 -42.19 -2.54
CA HIS D 197 6.24 -42.64 -3.58
C HIS D 197 5.00 -41.79 -3.53
N ASP D 198 4.78 -41.01 -4.57
CA ASP D 198 3.61 -40.16 -4.58
C ASP D 198 2.59 -40.82 -5.49
N SER D 199 1.88 -41.77 -4.90
CA SER D 199 0.87 -42.54 -5.59
C SER D 199 -0.22 -41.66 -6.20
N ALA D 200 -0.26 -40.42 -5.75
CA ALA D 200 -1.24 -39.46 -6.24
C ALA D 200 -0.85 -38.96 -7.65
N THR D 201 0.23 -39.50 -8.20
CA THR D 201 0.71 -39.13 -9.53
C THR D 201 1.55 -40.27 -10.10
N ASP D 202 1.54 -41.39 -9.38
CA ASP D 202 2.31 -42.57 -9.77
C ASP D 202 3.78 -42.20 -10.03
N THR D 203 4.30 -41.25 -9.28
CA THR D 203 5.69 -40.85 -9.47
C THR D 203 6.55 -41.20 -8.26
N ILE D 204 7.85 -41.31 -8.51
CA ILE D 204 8.80 -41.61 -7.47
C ILE D 204 9.72 -40.42 -7.30
N ASP D 205 9.56 -39.73 -6.17
CA ASP D 205 10.36 -38.57 -5.86
C ASP D 205 11.76 -39.05 -5.51
N ILE D 206 12.73 -38.82 -6.39
CA ILE D 206 14.09 -39.25 -6.08
C ILE D 206 15.03 -38.06 -6.09
N ALA D 207 15.58 -37.74 -4.93
CA ALA D 207 16.47 -36.60 -4.80
C ALA D 207 17.88 -36.86 -5.30
N PRO D 208 18.50 -35.83 -5.91
CA PRO D 208 19.85 -35.80 -6.49
C PRO D 208 20.94 -35.80 -5.42
N ASN D 209 21.94 -36.65 -5.58
CA ASN D 209 23.05 -36.72 -4.62
C ASN D 209 24.22 -37.45 -5.29
N HIS D 210 25.45 -37.03 -4.99
CA HIS D 210 26.64 -37.68 -5.56
C HIS D 210 26.84 -38.99 -4.81
N ARG D 211 26.07 -39.14 -3.73
CA ARG D 211 26.11 -40.31 -2.84
C ARG D 211 25.08 -41.38 -3.21
N VAL D 212 25.46 -42.65 -3.00
CA VAL D 212 24.55 -43.77 -3.24
C VAL D 212 24.76 -44.75 -2.10
N GLY D 213 23.91 -45.75 -1.99
CA GLY D 213 24.03 -46.70 -0.89
C GLY D 213 25.42 -47.22 -0.58
N THR D 214 25.57 -47.75 0.63
CA THR D 214 26.81 -48.34 1.11
C THR D 214 26.92 -49.61 0.26
N LYS D 215 28.06 -49.82 -0.38
CA LYS D 215 28.19 -50.95 -1.29
C LYS D 215 28.02 -52.37 -0.79
N ARG D 216 28.47 -52.70 0.43
CA ARG D 216 28.27 -54.08 0.82
C ARG D 216 26.81 -54.42 1.10
N TYR D 217 25.95 -53.43 1.26
CA TYR D 217 24.56 -53.76 1.51
C TYR D 217 23.68 -53.62 0.27
N MET D 218 24.28 -53.30 -0.86
CA MET D 218 23.49 -53.16 -2.09
C MET D 218 22.91 -54.46 -2.62
N ALA D 219 21.64 -54.43 -2.96
CA ALA D 219 20.97 -55.60 -3.50
C ALA D 219 21.58 -55.96 -4.85
N PRO D 220 21.38 -57.21 -5.29
CA PRO D 220 21.92 -57.66 -6.59
C PRO D 220 21.50 -56.75 -7.75
N GLU D 221 20.20 -56.45 -7.84
CA GLU D 221 19.66 -55.60 -8.90
C GLU D 221 20.28 -54.21 -8.90
N VAL D 222 20.80 -53.77 -7.76
CA VAL D 222 21.42 -52.46 -7.70
C VAL D 222 22.85 -52.57 -8.11
N LEU D 223 23.48 -53.66 -7.68
CA LEU D 223 24.86 -53.91 -8.02
C LEU D 223 25.06 -54.09 -9.51
N ASP D 224 24.09 -54.72 -10.19
CA ASP D 224 24.23 -54.94 -11.63
C ASP D 224 23.44 -53.94 -12.47
N ASP D 225 22.92 -52.90 -11.83
CA ASP D 225 22.14 -51.86 -12.51
C ASP D 225 20.83 -52.27 -13.17
N SER D 226 20.37 -53.49 -12.93
CA SER D 226 19.13 -53.88 -13.57
C SER D 226 17.86 -53.37 -12.88
N ILE D 227 17.99 -52.89 -11.64
CA ILE D 227 16.81 -52.41 -10.91
C ILE D 227 15.98 -51.40 -11.70
N ASN D 228 14.69 -51.70 -11.87
CA ASN D 228 13.81 -50.81 -12.58
C ASN D 228 13.41 -49.66 -11.65
N MET D 229 14.04 -48.50 -11.84
CA MET D 229 13.73 -47.37 -10.98
C MET D 229 12.44 -46.64 -11.20
N LYS D 230 11.60 -47.17 -12.08
CA LYS D 230 10.32 -46.56 -12.35
C LYS D 230 9.23 -47.27 -11.51
N HIS D 231 9.61 -48.36 -10.84
CA HIS D 231 8.68 -49.11 -10.00
C HIS D 231 9.07 -49.03 -8.53
N PHE D 232 8.21 -48.39 -7.72
CA PHE D 232 8.51 -48.22 -6.32
C PHE D 232 8.83 -49.51 -5.60
N GLU D 233 8.09 -50.57 -5.91
CA GLU D 233 8.35 -51.86 -5.27
C GLU D 233 9.82 -52.25 -5.34
N SER D 234 10.47 -51.93 -6.45
CA SER D 234 11.89 -52.28 -6.58
C SER D 234 12.70 -51.73 -5.42
N PHE D 235 12.39 -50.52 -4.97
CA PHE D 235 13.13 -49.93 -3.87
C PHE D 235 12.88 -50.64 -2.54
N LYS D 236 11.63 -51.01 -2.29
CA LYS D 236 11.34 -51.71 -1.05
C LYS D 236 12.06 -53.04 -1.04
N ARG D 237 12.05 -53.74 -2.18
CA ARG D 237 12.69 -55.04 -2.27
C ARG D 237 14.17 -54.94 -2.03
N ALA D 238 14.76 -53.84 -2.46
CA ALA D 238 16.20 -53.65 -2.25
C ALA D 238 16.46 -53.45 -0.75
N ASP D 239 15.56 -52.75 -0.05
CA ASP D 239 15.69 -52.53 1.40
C ASP D 239 15.63 -53.89 2.12
N ILE D 240 14.69 -54.74 1.71
CA ILE D 240 14.52 -56.04 2.32
C ILE D 240 15.80 -56.83 2.27
N TYR D 241 16.47 -56.81 1.13
CA TYR D 241 17.71 -57.55 1.00
C TYR D 241 18.67 -57.04 2.03
N ALA D 242 18.71 -55.72 2.22
CA ALA D 242 19.64 -55.15 3.18
C ALA D 242 19.20 -55.48 4.62
N MET D 243 17.89 -55.48 4.88
CA MET D 243 17.45 -55.77 6.23
C MET D 243 17.91 -57.20 6.58
N GLY D 244 17.86 -58.06 5.57
CA GLY D 244 18.28 -59.43 5.76
C GLY D 244 19.73 -59.50 6.20
N LEU D 245 20.59 -58.70 5.57
CA LEU D 245 21.99 -58.75 5.99
C LEU D 245 22.07 -58.28 7.44
N VAL D 246 21.26 -57.27 7.79
CA VAL D 246 21.29 -56.77 9.14
C VAL D 246 20.88 -57.89 10.12
N PHE D 247 19.84 -58.66 9.78
CA PHE D 247 19.44 -59.76 10.63
C PHE D 247 20.58 -60.76 10.79
N TRP D 248 21.37 -60.93 9.75
CA TRP D 248 22.50 -61.83 9.84
C TRP D 248 23.49 -61.26 10.88
N GLU D 249 23.78 -59.96 10.80
CA GLU D 249 24.72 -59.35 11.74
C GLU D 249 24.28 -59.55 13.19
N ILE D 250 22.97 -59.44 13.42
CA ILE D 250 22.42 -59.61 14.74
C ILE D 250 22.49 -61.06 15.22
N ALA D 251 21.98 -61.99 14.42
CA ALA D 251 21.97 -63.41 14.76
C ALA D 251 23.35 -63.95 15.09
N ARG D 252 24.31 -63.42 14.36
CA ARG D 252 25.70 -63.81 14.54
C ARG D 252 26.13 -63.51 15.98
N ARG D 253 25.44 -62.60 16.65
CA ARG D 253 25.78 -62.22 18.00
C ARG D 253 24.80 -62.76 19.03
N CYS D 254 23.94 -63.68 18.62
CA CYS D 254 23.03 -64.23 19.59
C CYS D 254 23.91 -65.20 20.36
N SER D 255 24.00 -65.03 21.67
CA SER D 255 24.86 -65.90 22.46
C SER D 255 24.01 -66.84 23.31
N ILE D 256 24.10 -68.13 23.05
CA ILE D 256 23.34 -69.11 23.82
C ILE D 256 24.30 -70.06 24.51
N GLY D 257 24.37 -69.95 25.83
CA GLY D 257 25.27 -70.80 26.58
C GLY D 257 26.72 -70.50 26.26
N GLY D 258 27.02 -69.22 26.04
CA GLY D 258 28.38 -68.83 25.73
C GLY D 258 28.82 -68.89 24.27
N ILE D 259 28.07 -69.57 23.41
CA ILE D 259 28.51 -69.62 22.01
C ILE D 259 27.91 -68.55 21.11
N HIS D 260 28.79 -67.89 20.38
CA HIS D 260 28.42 -66.85 19.45
C HIS D 260 29.65 -66.56 18.60
N GLU D 261 29.49 -65.61 17.68
CA GLU D 261 30.55 -65.22 16.77
C GLU D 261 31.07 -63.83 17.12
N ASP D 262 32.17 -63.44 16.51
CA ASP D 262 32.68 -62.09 16.70
C ASP D 262 31.79 -61.24 15.81
N TYR D 263 31.72 -59.95 16.07
CA TYR D 263 30.91 -59.11 15.22
C TYR D 263 31.56 -59.06 13.82
N GLN D 264 30.74 -59.07 12.78
CA GLN D 264 31.24 -58.94 11.42
C GLN D 264 30.20 -58.28 10.55
N LEU D 265 30.69 -57.55 9.55
CA LEU D 265 29.82 -56.93 8.55
C LEU D 265 29.53 -58.04 7.51
N PRO D 266 28.41 -57.93 6.79
CA PRO D 266 28.08 -58.93 5.78
C PRO D 266 29.20 -58.99 4.75
N TYR D 267 29.53 -60.20 4.31
CA TYR D 267 30.56 -60.45 3.32
C TYR D 267 31.95 -60.09 3.78
N TYR D 268 32.15 -60.01 5.09
CA TYR D 268 33.47 -59.67 5.65
C TYR D 268 34.57 -60.63 5.16
N ASP D 269 34.19 -61.88 4.89
CA ASP D 269 35.15 -62.90 4.47
C ASP D 269 35.41 -63.00 2.97
N LEU D 270 34.47 -62.53 2.16
CA LEU D 270 34.58 -62.63 0.71
C LEU D 270 35.00 -61.33 0.06
N VAL D 271 35.08 -60.28 0.84
CA VAL D 271 35.37 -58.97 0.30
C VAL D 271 36.28 -58.08 1.13
N PRO D 272 37.04 -57.22 0.46
CA PRO D 272 37.97 -56.27 1.08
C PRO D 272 37.18 -55.25 1.85
N SER D 273 37.82 -54.56 2.76
CA SER D 273 37.12 -53.53 3.50
C SER D 273 36.87 -52.45 2.44
N ASP D 274 35.82 -51.67 2.61
CA ASP D 274 35.50 -50.63 1.63
C ASP D 274 35.48 -51.25 0.22
N PRO D 275 34.53 -52.14 -0.03
CA PRO D 275 34.32 -52.85 -1.30
C PRO D 275 33.83 -51.94 -2.42
N SER D 276 34.28 -52.22 -3.64
CA SER D 276 33.84 -51.42 -4.79
C SER D 276 32.63 -52.13 -5.36
N VAL D 277 31.86 -51.43 -6.17
CA VAL D 277 30.67 -52.03 -6.78
C VAL D 277 31.04 -53.30 -7.55
N GLU D 278 32.18 -53.25 -8.23
CA GLU D 278 32.65 -54.37 -9.02
C GLU D 278 32.94 -55.59 -8.13
N GLU D 279 33.67 -55.40 -7.04
CA GLU D 279 33.99 -56.50 -6.13
C GLU D 279 32.73 -57.13 -5.51
N MET D 280 31.78 -56.30 -5.10
CA MET D 280 30.54 -56.81 -4.52
C MET D 280 29.75 -57.57 -5.58
N ARG D 281 29.78 -57.05 -6.80
CA ARG D 281 29.08 -57.64 -7.91
C ARG D 281 29.55 -59.06 -8.22
N LYS D 282 30.86 -59.27 -8.15
CA LYS D 282 31.42 -60.58 -8.43
C LYS D 282 30.87 -61.61 -7.45
N VAL D 283 30.95 -61.27 -6.17
CA VAL D 283 30.48 -62.14 -5.10
C VAL D 283 28.97 -62.38 -5.10
N VAL D 284 28.21 -61.30 -5.17
CA VAL D 284 26.77 -61.39 -5.10
C VAL D 284 25.98 -61.74 -6.37
N CYS D 285 26.39 -61.25 -7.53
CA CYS D 285 25.66 -61.55 -8.77
C CYS D 285 26.23 -62.70 -9.57
N GLU D 286 27.55 -62.68 -9.79
CA GLU D 286 28.20 -63.73 -10.55
C GLU D 286 28.32 -65.01 -9.75
N GLN D 287 28.94 -64.93 -8.59
CA GLN D 287 29.13 -66.10 -7.74
C GLN D 287 27.89 -66.44 -6.93
N LYS D 288 26.92 -65.54 -6.92
CA LYS D 288 25.69 -65.75 -6.19
C LYS D 288 25.89 -66.22 -4.72
N LEU D 289 26.87 -65.64 -4.05
CA LEU D 289 27.11 -65.96 -2.66
C LEU D 289 26.31 -65.05 -1.72
N ARG D 290 26.07 -65.56 -0.51
CA ARG D 290 25.33 -64.85 0.53
C ARG D 290 26.12 -65.08 1.80
N PRO D 291 25.86 -64.28 2.85
CA PRO D 291 26.63 -64.52 4.08
C PRO D 291 26.36 -65.96 4.57
N ASN D 292 27.33 -66.55 5.25
CA ASN D 292 27.13 -67.91 5.73
C ASN D 292 26.15 -68.05 6.88
N ILE D 293 25.24 -69.01 6.75
CA ILE D 293 24.26 -69.32 7.77
C ILE D 293 24.73 -70.63 8.41
N PRO D 294 25.26 -70.57 9.65
CA PRO D 294 25.75 -71.75 10.36
C PRO D 294 24.70 -72.83 10.47
N ASN D 295 25.12 -74.08 10.38
CA ASN D 295 24.17 -75.19 10.48
C ASN D 295 23.50 -75.19 11.86
N ARG D 296 24.28 -74.87 12.89
CA ARG D 296 23.75 -74.85 14.26
C ARG D 296 22.49 -74.01 14.43
N TRP D 297 22.30 -72.98 13.60
CA TRP D 297 21.10 -72.17 13.75
C TRP D 297 19.82 -72.96 13.46
N GLN D 298 19.96 -74.14 12.85
CA GLN D 298 18.79 -74.91 12.52
C GLN D 298 18.15 -75.62 13.70
N SER D 299 18.95 -75.86 14.76
CA SER D 299 18.49 -76.53 15.98
C SER D 299 17.54 -75.68 16.82
N CYS D 300 18.05 -74.52 17.22
CA CYS D 300 17.34 -73.54 18.03
C CYS D 300 16.26 -72.86 17.17
N GLU D 301 14.99 -73.03 17.52
CA GLU D 301 13.93 -72.44 16.72
C GLU D 301 14.01 -70.95 16.41
N ALA D 302 14.40 -70.12 17.38
CA ALA D 302 14.49 -68.68 17.13
C ALA D 302 15.48 -68.35 16.02
N LEU D 303 16.66 -68.98 16.01
CA LEU D 303 17.62 -68.73 14.96
C LEU D 303 17.15 -69.31 13.64
N ARG D 304 16.39 -70.40 13.71
CA ARG D 304 15.90 -71.06 12.51
C ARG D 304 14.90 -70.16 11.80
N VAL D 305 14.12 -69.41 12.55
CA VAL D 305 13.16 -68.51 11.92
C VAL D 305 13.92 -67.34 11.32
N MET D 306 14.91 -66.84 12.05
CA MET D 306 15.75 -65.74 11.58
C MET D 306 16.42 -66.17 10.29
N ALA D 307 17.04 -67.35 10.31
CA ALA D 307 17.75 -67.89 9.15
C ALA D 307 16.82 -68.02 7.96
N LYS D 308 15.60 -68.48 8.22
CA LYS D 308 14.66 -68.62 7.13
C LYS D 308 14.30 -67.25 6.57
N ILE D 309 14.18 -66.24 7.44
CA ILE D 309 13.88 -64.88 7.00
C ILE D 309 15.06 -64.36 6.17
N MET D 310 16.28 -64.56 6.64
CA MET D 310 17.47 -64.12 5.90
C MET D 310 17.43 -64.64 4.48
N ARG D 311 17.26 -65.96 4.31
CA ARG D 311 17.19 -66.56 2.98
C ARG D 311 16.07 -65.96 2.12
N GLU D 312 14.90 -65.71 2.72
CA GLU D 312 13.77 -65.13 1.98
C GLU D 312 14.07 -63.69 1.62
N CYS D 313 15.09 -63.12 2.24
CA CYS D 313 15.45 -61.75 1.92
C CYS D 313 16.54 -61.74 0.88
N TRP D 314 17.25 -62.85 0.73
CA TRP D 314 18.37 -62.88 -0.19
C TRP D 314 18.25 -63.39 -1.61
N TYR D 315 17.05 -63.72 -2.05
CA TYR D 315 16.86 -64.21 -3.42
C TYR D 315 17.36 -63.17 -4.42
N ALA D 316 17.93 -63.61 -5.52
CA ALA D 316 18.39 -62.69 -6.54
C ALA D 316 17.18 -61.98 -7.15
N ASN D 317 16.06 -62.67 -7.16
CA ASN D 317 14.82 -62.13 -7.71
C ASN D 317 14.05 -61.33 -6.66
N GLY D 318 14.15 -60.01 -6.77
CA GLY D 318 13.48 -59.12 -5.83
C GLY D 318 12.03 -59.46 -5.54
N ALA D 319 11.29 -59.92 -6.54
CA ALA D 319 9.88 -60.24 -6.36
C ALA D 319 9.59 -61.46 -5.46
N ALA D 320 10.58 -62.31 -5.23
CA ALA D 320 10.36 -63.49 -4.39
C ALA D 320 10.68 -63.18 -2.92
N ARG D 321 11.25 -62.00 -2.66
CA ARG D 321 11.61 -61.65 -1.30
C ARG D 321 10.42 -61.34 -0.41
N LEU D 322 10.60 -61.57 0.88
CA LEU D 322 9.56 -61.27 1.83
C LEU D 322 9.35 -59.77 1.87
N THR D 323 8.22 -59.42 2.44
CA THR D 323 7.79 -58.06 2.58
C THR D 323 8.15 -57.63 4.01
N ALA D 324 8.42 -56.36 4.23
CA ALA D 324 8.76 -55.92 5.59
C ALA D 324 7.62 -56.25 6.56
N LEU D 325 6.38 -56.12 6.10
CA LEU D 325 5.23 -56.40 6.94
C LEU D 325 5.22 -57.87 7.34
N ARG D 326 5.43 -58.73 6.34
CA ARG D 326 5.45 -60.15 6.61
C ARG D 326 6.54 -60.48 7.63
N ILE D 327 7.73 -59.92 7.46
CA ILE D 327 8.77 -60.20 8.43
C ILE D 327 8.31 -59.73 9.80
N LYS D 328 7.58 -58.61 9.83
CA LYS D 328 7.08 -58.05 11.07
C LYS D 328 6.19 -59.12 11.70
N LYS D 329 5.29 -59.65 10.88
CA LYS D 329 4.36 -60.67 11.34
C LYS D 329 4.97 -61.98 11.81
N THR D 330 5.77 -62.63 10.96
CA THR D 330 6.35 -63.90 11.40
C THR D 330 7.23 -63.68 12.63
N LEU D 331 7.79 -62.49 12.75
CA LEU D 331 8.61 -62.19 13.91
C LEU D 331 7.74 -61.98 15.15
N SER D 332 6.52 -61.48 14.95
CA SER D 332 5.57 -61.27 16.05
C SER D 332 5.09 -62.60 16.60
N GLN D 333 4.80 -63.53 15.69
CA GLN D 333 4.36 -64.87 16.06
C GLN D 333 5.49 -65.48 16.89
N LEU D 334 6.72 -65.40 16.39
CA LEU D 334 7.85 -65.96 17.12
C LEU D 334 7.99 -65.34 18.50
N SER D 335 7.81 -64.03 18.59
CA SER D 335 7.94 -63.33 19.85
C SER D 335 6.92 -63.73 20.91
N GLN D 336 5.76 -64.23 20.48
CA GLN D 336 4.74 -64.65 21.43
C GLN D 336 4.91 -66.10 21.86
N GLN D 337 5.66 -66.86 21.09
CA GLN D 337 5.90 -68.25 21.42
C GLN D 337 7.09 -68.39 22.33
N GLU D 338 7.59 -67.25 22.81
CA GLU D 338 8.73 -67.26 23.71
C GLU D 338 8.63 -66.14 24.74
N GLY D 339 7.40 -65.73 25.03
CA GLY D 339 7.18 -64.67 26.00
C GLY D 339 7.83 -63.38 25.56
N GLY E 1 -13.25 -2.01 -11.37
CA GLY E 1 -13.55 -0.54 -11.28
C GLY E 1 -12.27 0.22 -11.07
N VAL E 2 -12.20 1.01 -10.00
CA VAL E 2 -11.00 1.77 -9.74
C VAL E 2 -10.49 1.59 -8.32
N GLN E 3 -9.18 1.53 -8.18
CA GLN E 3 -8.54 1.41 -6.88
C GLN E 3 -7.79 2.70 -6.70
N VAL E 4 -7.90 3.29 -5.51
CA VAL E 4 -7.22 4.52 -5.24
C VAL E 4 -6.19 4.29 -4.15
N GLU E 5 -4.93 4.51 -4.47
CA GLU E 5 -3.86 4.34 -3.50
C GLU E 5 -3.23 5.71 -3.28
N THR E 6 -3.27 6.20 -2.05
CA THR E 6 -2.70 7.51 -1.80
C THR E 6 -1.20 7.48 -1.89
N ILE E 7 -0.65 8.56 -2.46
CA ILE E 7 0.78 8.73 -2.61
C ILE E 7 1.16 9.87 -1.67
N SER E 8 0.25 10.82 -1.55
CA SER E 8 0.44 11.99 -0.71
C SER E 8 -0.95 12.47 -0.29
N PRO E 9 -1.20 12.60 1.03
CA PRO E 9 -2.45 13.02 1.65
C PRO E 9 -2.97 14.40 1.29
N GLY E 10 -4.29 14.51 1.19
CA GLY E 10 -4.93 15.78 0.89
C GLY E 10 -5.40 16.37 2.21
N ASP E 11 -6.32 17.33 2.19
CA ASP E 11 -6.75 17.87 3.45
C ASP E 11 -7.67 16.89 4.17
N GLY E 12 -8.03 15.80 3.50
CA GLY E 12 -8.87 14.78 4.10
C GLY E 12 -10.37 15.00 4.15
N ARG E 13 -10.86 16.16 3.72
CA ARG E 13 -12.30 16.39 3.80
C ARG E 13 -13.00 17.09 2.63
N THR E 14 -12.22 17.74 1.77
CA THR E 14 -12.81 18.45 0.65
C THR E 14 -12.86 17.57 -0.59
N PHE E 15 -13.97 16.85 -0.74
CA PHE E 15 -14.15 15.98 -1.88
C PHE E 15 -15.02 16.64 -2.93
N PRO E 16 -14.63 16.54 -4.20
CA PRO E 16 -15.43 17.14 -5.26
C PRO E 16 -16.87 16.67 -5.24
N LYS E 17 -17.79 17.56 -5.60
CA LYS E 17 -19.21 17.25 -5.65
C LYS E 17 -19.67 17.44 -7.08
N ARG E 18 -20.77 16.78 -7.44
CA ARG E 18 -21.31 16.89 -8.80
C ARG E 18 -21.48 18.36 -9.16
N GLY E 19 -21.05 18.74 -10.35
CA GLY E 19 -21.21 20.12 -10.78
C GLY E 19 -19.97 20.97 -10.63
N GLN E 20 -19.09 20.61 -9.69
CA GLN E 20 -17.86 21.35 -9.48
C GLN E 20 -16.82 21.00 -10.53
N THR E 21 -15.90 21.92 -10.75
CA THR E 21 -14.83 21.69 -11.70
C THR E 21 -13.56 21.28 -10.98
N CYS E 22 -13.06 20.11 -11.32
CA CYS E 22 -11.84 19.65 -10.70
C CYS E 22 -10.66 20.09 -11.54
N VAL E 23 -9.61 20.53 -10.88
CA VAL E 23 -8.38 20.95 -11.55
C VAL E 23 -7.36 19.96 -11.06
N VAL E 24 -6.70 19.27 -11.98
CA VAL E 24 -5.75 18.26 -11.56
C VAL E 24 -4.51 18.21 -12.41
N HIS E 25 -3.56 17.39 -12.00
CA HIS E 25 -2.34 17.16 -12.74
C HIS E 25 -2.27 15.64 -12.80
N TYR E 26 -2.05 15.08 -13.98
CA TYR E 26 -1.99 13.63 -14.10
C TYR E 26 -0.94 13.12 -15.06
N THR E 27 -0.79 11.82 -15.03
CA THR E 27 0.14 11.12 -15.89
C THR E 27 -0.47 9.75 -16.02
N GLY E 28 -0.81 9.38 -17.24
CA GLY E 28 -1.42 8.10 -17.48
C GLY E 28 -0.45 7.14 -18.10
N MET E 29 -0.49 5.90 -17.63
CA MET E 29 0.40 4.84 -18.12
C MET E 29 -0.40 3.57 -18.32
N LEU E 30 0.13 2.68 -19.17
CA LEU E 30 -0.53 1.40 -19.37
C LEU E 30 0.11 0.55 -18.28
N GLU E 31 -0.43 -0.63 -18.04
CA GLU E 31 0.14 -1.50 -17.00
C GLU E 31 1.65 -1.69 -17.09
N ASP E 32 2.17 -1.85 -18.31
CA ASP E 32 3.60 -2.06 -18.49
C ASP E 32 4.48 -0.81 -18.27
N GLY E 33 3.88 0.30 -17.86
CA GLY E 33 4.66 1.49 -17.59
C GLY E 33 4.83 2.54 -18.69
N LYS E 34 4.26 2.31 -19.87
CA LYS E 34 4.40 3.30 -20.93
C LYS E 34 3.39 4.39 -20.78
N LYS E 35 3.90 5.60 -20.68
CA LYS E 35 3.07 6.78 -20.53
C LYS E 35 2.30 7.06 -21.82
N PHE E 36 1.09 7.58 -21.72
CA PHE E 36 0.30 7.87 -22.91
C PHE E 36 -0.33 9.27 -22.89
N ASP E 37 -0.21 9.97 -21.76
CA ASP E 37 -0.77 11.32 -21.63
C ASP E 37 -0.30 11.90 -20.30
N SER E 38 -0.04 13.21 -20.28
CA SER E 38 0.41 13.84 -19.05
C SER E 38 0.27 15.34 -19.06
N SER E 39 -0.67 15.87 -18.28
CA SER E 39 -0.84 17.31 -18.21
C SER E 39 0.42 17.91 -17.59
N ARG E 40 1.18 17.11 -16.86
CA ARG E 40 2.39 17.62 -16.25
C ARG E 40 3.39 17.97 -17.33
N ASP E 41 3.56 17.08 -18.31
CA ASP E 41 4.49 17.37 -19.40
C ASP E 41 4.06 18.64 -20.12
N ARG E 42 2.77 18.93 -20.13
CA ARG E 42 2.25 20.13 -20.76
C ARG E 42 2.39 21.35 -19.87
N ASN E 43 2.68 21.14 -18.59
CA ASN E 43 2.80 22.23 -17.62
C ASN E 43 1.50 23.05 -17.61
N LYS E 44 0.37 22.36 -17.70
CA LYS E 44 -0.94 23.01 -17.71
C LYS E 44 -1.91 22.03 -17.06
N PRO E 45 -2.51 22.44 -15.95
CA PRO E 45 -3.47 21.58 -15.24
C PRO E 45 -4.66 21.26 -16.12
N PHE E 46 -5.23 20.07 -15.89
CA PHE E 46 -6.37 19.62 -16.65
C PHE E 46 -7.65 19.89 -15.85
N LYS E 47 -8.72 20.31 -16.53
CA LYS E 47 -9.95 20.63 -15.85
C LYS E 47 -11.17 19.88 -16.36
N PHE E 48 -12.00 19.38 -15.47
CA PHE E 48 -13.21 18.70 -15.92
C PHE E 48 -14.31 18.86 -14.89
N MET E 49 -15.55 18.85 -15.35
CA MET E 49 -16.67 18.99 -14.46
C MET E 49 -17.20 17.63 -14.09
N LEU E 50 -17.16 17.34 -12.80
CA LEU E 50 -17.61 16.07 -12.28
C LEU E 50 -19.10 15.89 -12.58
N GLY E 51 -19.47 14.71 -13.07
CA GLY E 51 -20.87 14.45 -13.35
C GLY E 51 -21.32 14.59 -14.78
N LYS E 52 -20.56 15.31 -15.61
CA LYS E 52 -20.97 15.48 -17.00
C LYS E 52 -20.28 14.49 -17.93
N GLN E 53 -19.61 13.50 -17.32
CA GLN E 53 -18.89 12.45 -18.03
C GLN E 53 -17.90 12.93 -19.09
N GLU E 54 -17.14 13.96 -18.75
CA GLU E 54 -16.18 14.47 -19.69
C GLU E 54 -14.92 13.60 -19.60
N VAL E 55 -14.92 12.71 -18.61
CA VAL E 55 -13.79 11.80 -18.42
C VAL E 55 -14.31 10.38 -18.24
N ILE E 56 -13.41 9.39 -18.33
CA ILE E 56 -13.84 8.01 -18.15
C ILE E 56 -14.43 7.78 -16.77
N ARG E 57 -15.24 6.74 -16.64
CA ARG E 57 -15.90 6.41 -15.40
C ARG E 57 -14.95 6.22 -14.22
N GLY E 58 -13.86 5.50 -14.43
CA GLY E 58 -12.90 5.30 -13.36
C GLY E 58 -12.32 6.60 -12.80
N TRP E 59 -12.30 7.66 -13.61
CA TRP E 59 -11.80 8.95 -13.15
C TRP E 59 -12.85 9.70 -12.36
N GLU E 60 -14.07 9.72 -12.89
CA GLU E 60 -15.19 10.40 -12.28
C GLU E 60 -15.44 9.80 -10.90
N GLU E 61 -15.21 8.50 -10.76
CA GLU E 61 -15.40 7.86 -9.49
C GLU E 61 -14.14 7.83 -8.65
N GLY E 62 -12.99 7.84 -9.31
CA GLY E 62 -11.73 7.82 -8.58
C GLY E 62 -11.38 9.17 -7.96
N VAL E 63 -11.56 10.25 -8.71
CA VAL E 63 -11.24 11.58 -8.19
C VAL E 63 -12.29 12.04 -7.19
N ALA E 64 -13.48 11.47 -7.24
CA ALA E 64 -14.53 11.84 -6.31
C ALA E 64 -14.15 11.40 -4.89
N GLN E 65 -13.01 10.71 -4.77
CA GLN E 65 -12.53 10.22 -3.48
C GLN E 65 -11.27 10.85 -2.93
N MET E 66 -10.57 11.65 -3.73
CA MET E 66 -9.35 12.34 -3.28
C MET E 66 -9.97 13.60 -2.71
N SER E 67 -9.24 14.22 -1.80
CA SER E 67 -9.68 15.45 -1.20
C SER E 67 -8.65 16.40 -1.77
N VAL E 68 -8.99 17.68 -1.84
CA VAL E 68 -8.07 18.67 -2.37
C VAL E 68 -6.66 18.52 -1.80
N GLY E 69 -5.67 18.52 -2.69
CA GLY E 69 -4.29 18.41 -2.28
C GLY E 69 -3.75 17.00 -2.31
N GLN E 70 -4.65 16.05 -2.47
CA GLN E 70 -4.24 14.65 -2.49
C GLN E 70 -3.60 14.20 -3.82
N ARG E 71 -2.67 13.27 -3.73
CA ARG E 71 -2.02 12.73 -4.90
C ARG E 71 -2.16 11.23 -4.78
N ALA E 72 -2.75 10.58 -5.79
CA ALA E 72 -2.95 9.15 -5.73
C ALA E 72 -2.81 8.39 -7.03
N LYS E 73 -2.68 7.08 -6.92
CA LYS E 73 -2.59 6.22 -8.08
C LYS E 73 -3.94 5.60 -8.32
N LEU E 74 -4.55 5.91 -9.46
CA LEU E 74 -5.84 5.32 -9.78
C LEU E 74 -5.55 4.21 -10.78
N THR E 75 -5.91 2.99 -10.43
CA THR E 75 -5.72 1.85 -11.31
C THR E 75 -7.13 1.55 -11.78
N ILE E 76 -7.35 1.76 -13.07
CA ILE E 76 -8.67 1.59 -13.66
C ILE E 76 -8.79 0.39 -14.59
N SER E 77 -9.81 -0.43 -14.38
CA SER E 77 -10.03 -1.59 -15.22
C SER E 77 -10.71 -1.13 -16.51
N PRO E 78 -10.54 -1.89 -17.60
CA PRO E 78 -11.09 -1.63 -18.93
C PRO E 78 -12.55 -1.17 -18.97
N ASP E 79 -13.42 -1.87 -18.25
CA ASP E 79 -14.84 -1.50 -18.23
C ASP E 79 -15.08 -0.13 -17.57
N TYR E 80 -14.05 0.40 -16.91
CA TYR E 80 -14.13 1.71 -16.27
C TYR E 80 -13.26 2.71 -17.02
N ALA E 81 -12.64 2.27 -18.11
CA ALA E 81 -11.77 3.10 -18.93
C ALA E 81 -12.25 3.02 -20.37
N TYR E 82 -11.41 2.56 -21.30
CA TYR E 82 -11.85 2.52 -22.70
C TYR E 82 -12.33 1.19 -23.25
N GLY E 83 -12.71 0.30 -22.34
CA GLY E 83 -13.23 -0.99 -22.71
C GLY E 83 -12.57 -1.76 -23.83
N ALA E 84 -13.43 -2.45 -24.58
CA ALA E 84 -13.01 -3.29 -25.69
C ALA E 84 -12.44 -2.46 -26.84
N THR E 85 -13.07 -1.33 -27.13
CA THR E 85 -12.59 -0.47 -28.20
C THR E 85 -11.20 0.08 -27.99
N GLY E 86 -10.90 0.51 -26.76
CA GLY E 86 -9.61 1.12 -26.49
C GLY E 86 -9.75 2.49 -27.14
N HIS E 87 -8.64 3.21 -27.32
CA HIS E 87 -8.72 4.50 -28.00
C HIS E 87 -7.68 4.41 -29.10
N PRO E 88 -8.12 4.52 -30.37
CA PRO E 88 -7.34 4.44 -31.61
C PRO E 88 -5.98 5.09 -31.54
N GLY E 89 -4.93 4.26 -31.60
CA GLY E 89 -3.57 4.77 -31.56
C GLY E 89 -2.96 5.06 -30.20
N ILE E 90 -3.79 5.21 -29.16
CA ILE E 90 -3.24 5.53 -27.84
C ILE E 90 -3.43 4.44 -26.79
N ILE E 91 -4.66 3.99 -26.65
CA ILE E 91 -4.97 2.96 -25.66
C ILE E 91 -5.49 1.65 -26.24
N PRO E 92 -4.73 0.57 -26.01
CA PRO E 92 -5.06 -0.77 -26.50
C PRO E 92 -6.41 -1.17 -26.00
N PRO E 93 -7.09 -2.05 -26.75
CA PRO E 93 -8.42 -2.52 -26.32
C PRO E 93 -8.19 -3.32 -25.01
N HIS E 94 -9.21 -3.37 -24.15
CA HIS E 94 -9.10 -4.08 -22.85
C HIS E 94 -7.89 -3.66 -22.04
N ALA E 95 -7.62 -2.36 -21.98
CA ALA E 95 -6.47 -1.88 -21.24
C ALA E 95 -6.79 -1.42 -19.82
N THR E 96 -5.91 -1.79 -18.91
CA THR E 96 -6.04 -1.37 -17.52
C THR E 96 -5.13 -0.16 -17.46
N LEU E 97 -5.68 0.96 -17.02
CA LEU E 97 -4.90 2.18 -16.95
C LEU E 97 -4.46 2.50 -15.54
N VAL E 98 -3.30 3.13 -15.42
CA VAL E 98 -2.77 3.54 -14.14
C VAL E 98 -2.51 5.04 -14.23
N PHE E 99 -3.18 5.82 -13.39
CA PHE E 99 -2.98 7.27 -13.37
C PHE E 99 -2.37 7.80 -12.09
N ASP E 100 -1.51 8.79 -12.24
CA ASP E 100 -0.91 9.45 -11.09
C ASP E 100 -1.68 10.77 -11.08
N VAL E 101 -2.62 10.92 -10.16
CA VAL E 101 -3.44 12.12 -10.10
C VAL E 101 -3.26 12.99 -8.86
N GLU E 102 -3.37 14.30 -9.06
CA GLU E 102 -3.28 15.25 -7.98
C GLU E 102 -4.39 16.28 -8.15
N LEU E 103 -5.30 16.31 -7.19
CA LEU E 103 -6.42 17.24 -7.23
C LEU E 103 -5.93 18.57 -6.68
N LEU E 104 -5.56 19.48 -7.56
CA LEU E 104 -5.06 20.78 -7.15
C LEU E 104 -6.09 21.68 -6.46
N LYS E 105 -7.30 21.76 -7.02
CA LYS E 105 -8.34 22.58 -6.43
C LYS E 105 -9.69 22.35 -7.10
N LEU E 106 -10.73 22.99 -6.57
CA LEU E 106 -12.08 22.88 -7.10
C LEU E 106 -12.56 24.27 -7.47
N GLU E 107 -13.49 24.38 -8.41
CA GLU E 107 -13.99 25.70 -8.80
C GLU E 107 -15.51 25.70 -8.98
N THR F 14 -8.47 31.79 -28.43
CA THR F 14 -7.70 31.23 -29.58
C THR F 14 -8.33 29.96 -30.18
N THR F 15 -7.82 29.55 -31.34
CA THR F 15 -8.36 28.40 -32.05
C THR F 15 -7.93 27.04 -31.59
N LEU F 16 -8.70 26.06 -32.05
CA LEU F 16 -8.48 24.66 -31.78
C LEU F 16 -7.10 24.23 -32.31
N LYS F 17 -6.63 24.91 -33.36
CA LYS F 17 -5.33 24.60 -33.93
C LYS F 17 -4.22 25.16 -33.04
N ASP F 18 -4.47 26.32 -32.42
CA ASP F 18 -3.50 26.93 -31.51
C ASP F 18 -3.36 25.94 -30.36
N LEU F 19 -4.53 25.55 -29.85
CA LEU F 19 -4.65 24.63 -28.75
C LEU F 19 -3.84 23.37 -29.04
N ILE F 20 -4.05 22.78 -30.21
CA ILE F 20 -3.32 21.57 -30.57
C ILE F 20 -1.82 21.83 -30.52
N TYR F 21 -1.43 23.04 -30.87
CA TYR F 21 -0.01 23.37 -30.86
C TYR F 21 0.54 23.55 -29.44
N ASP F 22 -0.20 24.27 -28.61
CA ASP F 22 0.25 24.51 -27.24
C ASP F 22 0.36 23.23 -26.43
N MET F 23 -0.58 22.31 -26.62
CA MET F 23 -0.55 21.08 -25.86
C MET F 23 0.37 20.00 -26.44
N THR F 24 1.11 20.37 -27.47
CA THR F 24 2.01 19.42 -28.10
C THR F 24 3.23 19.16 -27.25
N THR F 25 3.58 17.89 -27.13
CA THR F 25 4.74 17.47 -26.36
C THR F 25 5.39 16.35 -27.11
N SER F 26 6.71 16.21 -26.99
CA SER F 26 7.36 15.11 -27.67
C SER F 26 6.54 13.92 -27.19
N GLY F 27 6.00 13.15 -28.12
CA GLY F 27 5.19 12.00 -27.76
C GLY F 27 3.72 12.20 -28.10
N SER F 28 3.30 13.43 -28.38
CA SER F 28 1.89 13.63 -28.71
C SER F 28 1.62 13.30 -30.18
N GLY F 29 0.35 13.03 -30.48
CA GLY F 29 -0.05 12.71 -31.84
C GLY F 29 -0.45 13.97 -32.60
N SER F 30 -1.12 13.79 -33.72
CA SER F 30 -1.50 14.92 -34.56
C SER F 30 -2.49 15.89 -33.95
N GLY F 31 -3.42 15.40 -33.14
CA GLY F 31 -4.42 16.27 -32.53
C GLY F 31 -4.20 16.52 -31.05
N LEU F 32 -5.30 16.67 -30.32
CA LEU F 32 -5.26 16.93 -28.88
C LEU F 32 -4.87 15.73 -28.04
N PRO F 33 -4.42 15.97 -26.79
CA PRO F 33 -4.01 14.91 -25.86
C PRO F 33 -5.23 14.02 -25.56
N LEU F 34 -4.97 12.77 -25.15
CA LEU F 34 -6.02 11.79 -24.86
C LEU F 34 -7.26 12.34 -24.17
N LEU F 35 -7.13 12.78 -22.92
CA LEU F 35 -8.30 13.29 -22.19
C LEU F 35 -8.96 14.53 -22.76
N VAL F 36 -8.17 15.39 -23.39
CA VAL F 36 -8.73 16.62 -23.94
C VAL F 36 -9.59 16.29 -25.13
N GLN F 37 -9.29 15.18 -25.77
CA GLN F 37 -10.08 14.79 -26.93
C GLN F 37 -11.54 14.58 -26.57
N ARG F 38 -11.79 13.91 -25.46
CA ARG F 38 -13.16 13.65 -25.02
C ARG F 38 -13.81 14.94 -24.56
N THR F 39 -13.03 15.75 -23.85
CA THR F 39 -13.51 17.05 -23.38
C THR F 39 -14.12 17.81 -24.54
N ILE F 40 -13.36 17.95 -25.62
CA ILE F 40 -13.84 18.67 -26.78
C ILE F 40 -14.93 17.96 -27.56
N ALA F 41 -14.74 16.67 -27.79
CA ALA F 41 -15.72 15.90 -28.52
C ALA F 41 -17.11 16.01 -27.88
N ARG F 42 -17.17 15.91 -26.55
CA ARG F 42 -18.44 15.98 -25.83
C ARG F 42 -19.03 17.38 -25.74
N THR F 43 -18.20 18.40 -25.94
CA THR F 43 -18.69 19.78 -25.89
C THR F 43 -19.12 20.33 -27.25
N ILE F 44 -18.89 19.57 -28.31
CA ILE F 44 -19.25 20.00 -29.66
C ILE F 44 -20.74 20.01 -29.92
N VAL F 45 -21.21 21.09 -30.56
CA VAL F 45 -22.63 21.22 -30.87
C VAL F 45 -22.86 20.92 -32.35
N LEU F 46 -23.49 19.79 -32.66
CA LEU F 46 -23.74 19.45 -34.05
C LEU F 46 -24.70 20.47 -34.68
N GLN F 47 -24.43 20.83 -35.93
CA GLN F 47 -25.24 21.81 -36.64
C GLN F 47 -26.07 21.23 -37.79
N GLU F 48 -25.38 20.65 -38.77
CA GLU F 48 -26.09 20.13 -39.93
C GLU F 48 -25.40 18.92 -40.53
N SER F 49 -26.20 18.01 -41.05
CA SER F 49 -25.64 16.85 -41.72
C SER F 49 -25.05 17.43 -43.00
N ILE F 50 -23.81 17.07 -43.30
CA ILE F 50 -23.18 17.56 -44.51
C ILE F 50 -23.25 16.52 -45.60
N GLY F 51 -22.88 15.30 -45.27
CA GLY F 51 -22.92 14.23 -46.25
C GLY F 51 -23.16 12.87 -45.61
N LYS F 52 -23.83 11.99 -46.34
CA LYS F 52 -24.10 10.66 -45.83
C LYS F 52 -23.36 9.63 -46.69
N GLY F 53 -22.05 9.53 -46.47
CA GLY F 53 -21.22 8.60 -47.24
C GLY F 53 -21.42 7.13 -46.95
N ARG F 54 -20.66 6.29 -47.64
CA ARG F 54 -20.75 4.86 -47.45
C ARG F 54 -20.39 4.53 -46.00
N PHE F 55 -19.46 5.29 -45.44
CA PHE F 55 -19.01 5.05 -44.07
C PHE F 55 -19.49 6.10 -43.06
N GLY F 56 -20.80 6.16 -42.83
CA GLY F 56 -21.35 7.10 -41.86
C GLY F 56 -21.49 8.55 -42.30
N GLU F 57 -22.19 9.33 -41.47
CA GLU F 57 -22.43 10.74 -41.73
C GLU F 57 -21.33 11.70 -41.30
N VAL F 58 -21.28 12.84 -41.98
CA VAL F 58 -20.34 13.90 -41.68
C VAL F 58 -21.18 15.10 -41.30
N TRP F 59 -20.92 15.64 -40.12
CA TRP F 59 -21.67 16.78 -39.64
C TRP F 59 -20.78 17.99 -39.44
N ARG F 60 -21.39 19.16 -39.64
CA ARG F 60 -20.71 20.41 -39.40
C ARG F 60 -21.02 20.65 -37.94
N GLY F 61 -20.00 20.89 -37.13
CA GLY F 61 -20.24 21.14 -35.74
C GLY F 61 -19.47 22.34 -35.24
N LYS F 62 -19.89 22.89 -34.11
CA LYS F 62 -19.21 24.02 -33.54
C LYS F 62 -18.70 23.67 -32.15
N TRP F 63 -17.55 24.23 -31.81
CA TRP F 63 -16.94 24.06 -30.50
C TRP F 63 -16.62 25.47 -30.01
N ARG F 64 -17.36 25.92 -29.00
CA ARG F 64 -17.16 27.26 -28.49
C ARG F 64 -17.17 28.20 -29.68
N GLY F 65 -18.19 28.04 -30.54
CA GLY F 65 -18.30 28.88 -31.71
C GLY F 65 -17.52 28.47 -32.96
N GLU F 66 -16.34 27.90 -32.80
CA GLU F 66 -15.50 27.51 -33.94
C GLU F 66 -16.09 26.33 -34.73
N GLU F 67 -16.12 26.45 -36.05
CA GLU F 67 -16.65 25.37 -36.90
C GLU F 67 -15.68 24.21 -36.97
N VAL F 68 -16.23 23.01 -36.89
CA VAL F 68 -15.43 21.82 -36.90
C VAL F 68 -16.17 20.76 -37.71
N ALA F 69 -15.49 19.69 -38.07
CA ALA F 69 -16.13 18.63 -38.83
C ALA F 69 -16.18 17.37 -37.99
N VAL F 70 -17.33 16.72 -37.99
CA VAL F 70 -17.47 15.51 -37.21
C VAL F 70 -17.92 14.33 -38.05
N LYS F 71 -17.07 13.34 -38.23
CA LYS F 71 -17.53 12.20 -39.00
C LYS F 71 -17.99 11.18 -37.97
N ILE F 72 -19.24 10.77 -38.12
CA ILE F 72 -19.80 9.78 -37.23
C ILE F 72 -19.91 8.49 -38.01
N PHE F 73 -19.08 7.52 -37.64
CA PHE F 73 -19.04 6.23 -38.31
C PHE F 73 -20.11 5.28 -37.77
N SER F 74 -20.55 4.39 -38.65
CA SER F 74 -21.54 3.37 -38.27
C SER F 74 -20.82 2.09 -37.85
N SER F 75 -21.49 1.24 -37.07
CA SER F 75 -20.93 -0.01 -36.57
C SER F 75 -19.92 -0.71 -37.48
N ARG F 76 -20.28 -0.91 -38.75
CA ARG F 76 -19.42 -1.58 -39.73
C ARG F 76 -18.03 -1.01 -39.98
N GLU F 77 -17.85 0.29 -39.83
CA GLU F 77 -16.53 0.84 -40.09
C GLU F 77 -15.76 1.11 -38.83
N GLU F 78 -16.16 0.49 -37.72
CA GLU F 78 -15.46 0.66 -36.47
C GLU F 78 -13.98 0.51 -36.81
N ARG F 79 -13.66 -0.38 -37.74
CA ARG F 79 -12.28 -0.62 -38.14
C ARG F 79 -11.65 0.52 -38.94
N SER F 80 -12.47 1.24 -39.70
CA SER F 80 -11.97 2.38 -40.46
C SER F 80 -11.80 3.55 -39.48
N TRP F 81 -12.79 3.74 -38.62
CA TRP F 81 -12.73 4.75 -37.57
C TRP F 81 -11.44 4.52 -36.78
N PHE F 82 -11.24 3.27 -36.37
CA PHE F 82 -10.10 2.92 -35.57
C PHE F 82 -8.77 3.18 -36.25
N ARG F 83 -8.65 2.76 -37.52
CA ARG F 83 -7.40 2.92 -38.24
C ARG F 83 -7.10 4.40 -38.50
N GLU F 84 -8.07 5.15 -38.99
CA GLU F 84 -7.79 6.56 -39.24
C GLU F 84 -7.29 7.26 -37.98
N ALA F 85 -8.01 7.07 -36.88
CA ALA F 85 -7.60 7.66 -35.62
C ALA F 85 -6.25 7.11 -35.19
N GLU F 86 -6.05 5.81 -35.35
CA GLU F 86 -4.80 5.21 -34.96
C GLU F 86 -3.63 5.81 -35.72
N ILE F 87 -3.83 6.11 -37.00
CA ILE F 87 -2.75 6.69 -37.78
C ILE F 87 -2.44 8.13 -37.40
N TYR F 88 -3.48 8.94 -37.25
CA TYR F 88 -3.23 10.32 -36.88
C TYR F 88 -2.57 10.38 -35.51
N GLN F 89 -2.83 9.37 -34.70
CA GLN F 89 -2.30 9.34 -33.35
C GLN F 89 -0.86 8.86 -33.22
N THR F 90 -0.50 7.86 -34.02
CA THR F 90 0.84 7.31 -33.94
C THR F 90 1.79 7.94 -34.95
N VAL F 91 1.25 8.68 -35.91
CA VAL F 91 2.08 9.32 -36.91
C VAL F 91 1.82 10.81 -36.86
N MET F 92 2.88 11.59 -36.69
CA MET F 92 2.74 13.05 -36.64
C MET F 92 2.37 13.58 -38.02
N LEU F 93 1.09 13.92 -38.19
CA LEU F 93 0.59 14.43 -39.46
C LEU F 93 -0.04 15.80 -39.39
N ARG F 94 0.78 16.85 -39.43
CA ARG F 94 0.25 18.20 -39.43
C ARG F 94 0.86 18.85 -40.65
N HIS F 95 0.07 18.96 -41.71
CA HIS F 95 0.55 19.52 -42.97
C HIS F 95 -0.62 20.24 -43.61
N GLU F 96 -0.35 21.31 -44.33
CA GLU F 96 -1.44 22.04 -44.95
C GLU F 96 -2.17 21.25 -46.03
N ASN F 97 -1.61 20.14 -46.48
CA ASN F 97 -2.28 19.37 -47.52
C ASN F 97 -2.82 18.02 -47.05
N ILE F 98 -2.98 17.93 -45.74
CA ILE F 98 -3.52 16.74 -45.11
C ILE F 98 -4.58 17.19 -44.11
N LEU F 99 -5.81 16.67 -44.26
CA LEU F 99 -6.92 17.02 -43.38
C LEU F 99 -6.47 17.06 -41.93
N GLY F 100 -6.72 18.22 -41.29
CA GLY F 100 -6.33 18.41 -39.91
C GLY F 100 -7.16 17.61 -38.92
N PHE F 101 -6.48 16.74 -38.20
CA PHE F 101 -7.13 15.90 -37.20
C PHE F 101 -7.19 16.61 -35.84
N ILE F 102 -8.31 16.48 -35.16
CA ILE F 102 -8.49 17.12 -33.87
C ILE F 102 -8.63 16.13 -32.73
N ALA F 103 -9.63 15.27 -32.83
CA ALA F 103 -9.88 14.28 -31.78
C ALA F 103 -10.75 13.13 -32.27
N ALA F 104 -10.65 12.00 -31.58
CA ALA F 104 -11.46 10.83 -31.89
C ALA F 104 -12.21 10.52 -30.59
N ASP F 105 -13.46 10.08 -30.68
CA ASP F 105 -14.18 9.72 -29.46
C ASP F 105 -15.14 8.56 -29.65
N ASN F 106 -15.25 7.75 -28.60
CA ASN F 106 -16.10 6.58 -28.59
C ASN F 106 -17.21 6.89 -27.59
N LYS F 107 -18.34 7.40 -28.07
CA LYS F 107 -19.43 7.72 -27.17
C LYS F 107 -20.50 6.65 -27.24
N ASP F 108 -20.33 5.61 -26.44
CA ASP F 108 -21.29 4.52 -26.42
C ASP F 108 -22.32 4.71 -25.31
N ASN F 109 -23.56 4.99 -25.69
CA ASN F 109 -24.65 5.15 -24.72
C ASN F 109 -25.25 3.75 -24.54
N GLY F 110 -25.82 3.47 -23.37
CA GLY F 110 -26.40 2.16 -23.12
C GLY F 110 -27.43 1.75 -24.17
N THR F 111 -27.70 2.67 -25.09
CA THR F 111 -28.66 2.47 -26.19
C THR F 111 -27.97 2.15 -27.53
N TRP F 112 -26.93 2.91 -27.89
CA TRP F 112 -26.21 2.65 -29.14
C TRP F 112 -24.84 3.37 -29.19
N THR F 113 -23.79 2.59 -29.47
CA THR F 113 -22.43 3.13 -29.56
C THR F 113 -22.34 4.13 -30.71
N GLN F 114 -21.48 5.13 -30.58
CA GLN F 114 -21.35 6.14 -31.62
C GLN F 114 -19.89 6.57 -31.78
N LEU F 115 -19.29 6.22 -32.92
CA LEU F 115 -17.88 6.54 -33.19
C LEU F 115 -17.63 7.89 -33.89
N TRP F 116 -16.94 8.78 -33.19
CA TRP F 116 -16.65 10.13 -33.68
C TRP F 116 -15.23 10.41 -34.14
N LEU F 117 -15.13 11.23 -35.18
CA LEU F 117 -13.85 11.64 -35.71
C LEU F 117 -13.97 13.15 -35.96
N VAL F 118 -13.23 13.95 -35.20
CA VAL F 118 -13.31 15.39 -35.34
C VAL F 118 -12.12 15.94 -36.10
N SER F 119 -12.37 16.82 -37.07
CA SER F 119 -11.30 17.39 -37.86
C SER F 119 -11.66 18.79 -38.30
N ASP F 120 -10.75 19.43 -39.03
CA ASP F 120 -11.02 20.77 -39.56
C ASP F 120 -12.23 20.70 -40.47
N TYR F 121 -12.86 21.86 -40.66
CA TYR F 121 -14.02 21.97 -41.53
C TYR F 121 -13.63 22.73 -42.80
N HIS F 122 -14.12 22.23 -43.93
CA HIS F 122 -13.82 22.85 -45.22
C HIS F 122 -15.12 22.85 -45.97
N GLU F 123 -15.91 23.73 -45.87
CA GLU F 123 -17.19 23.83 -46.52
C GLU F 123 -17.27 23.31 -47.95
N HIS F 124 -16.23 23.51 -48.75
CA HIS F 124 -16.28 23.03 -50.12
C HIS F 124 -16.50 21.54 -50.24
N GLY F 125 -15.94 20.76 -49.31
CA GLY F 125 -16.10 19.32 -49.40
C GLY F 125 -14.97 18.73 -50.23
N SER F 126 -15.25 17.59 -50.85
CA SER F 126 -14.24 16.90 -51.66
C SER F 126 -13.96 17.56 -53.01
N LEU F 127 -12.80 17.22 -53.58
CA LEU F 127 -12.41 17.70 -54.89
C LEU F 127 -13.52 17.24 -55.84
N PHE F 128 -14.04 16.06 -55.58
CA PHE F 128 -15.12 15.52 -56.39
C PHE F 128 -16.34 16.46 -56.36
N ASP F 129 -16.79 16.86 -55.18
CA ASP F 129 -17.94 17.77 -55.14
C ASP F 129 -17.61 19.10 -55.79
N TYR F 130 -16.40 19.57 -55.52
CA TYR F 130 -15.93 20.84 -56.04
C TYR F 130 -15.90 20.85 -57.56
N LEU F 131 -15.26 19.84 -58.15
CA LEU F 131 -15.16 19.73 -59.62
C LEU F 131 -16.50 19.51 -60.29
N ASN F 132 -17.46 18.99 -59.54
CA ASN F 132 -18.78 18.78 -60.11
C ASN F 132 -19.50 20.11 -60.13
N ARG F 133 -19.19 20.93 -59.13
CA ARG F 133 -19.80 22.23 -58.98
C ARG F 133 -19.13 23.29 -59.86
N TYR F 134 -17.80 23.28 -59.92
CA TYR F 134 -17.07 24.32 -60.64
C TYR F 134 -16.11 23.92 -61.74
N THR F 135 -15.88 24.83 -62.68
CA THR F 135 -14.87 24.57 -63.68
C THR F 135 -13.72 25.28 -63.01
N VAL F 136 -12.53 25.15 -63.56
CA VAL F 136 -11.42 25.76 -62.91
C VAL F 136 -10.55 26.49 -63.90
N THR F 137 -9.74 27.38 -63.35
CA THR F 137 -8.80 28.22 -64.08
C THR F 137 -7.48 27.46 -64.19
N VAL F 138 -6.61 27.90 -65.09
CA VAL F 138 -5.30 27.27 -65.21
C VAL F 138 -4.62 27.39 -63.84
N GLU F 139 -4.73 28.58 -63.26
CA GLU F 139 -4.13 28.82 -61.96
C GLU F 139 -4.79 27.93 -60.91
N GLY F 140 -6.12 27.84 -60.98
CA GLY F 140 -6.85 27.01 -60.04
C GLY F 140 -6.43 25.55 -60.15
N MET F 141 -6.21 25.10 -61.37
CA MET F 141 -5.79 23.73 -61.62
C MET F 141 -4.46 23.49 -60.98
N ILE F 142 -3.51 24.38 -61.25
CA ILE F 142 -2.19 24.21 -60.68
C ILE F 142 -2.27 24.24 -59.15
N LYS F 143 -3.05 25.15 -58.57
CA LYS F 143 -3.16 25.18 -57.11
C LYS F 143 -3.63 23.79 -56.65
N LEU F 144 -4.77 23.32 -57.18
CA LEU F 144 -5.28 22.03 -56.78
C LEU F 144 -4.27 20.90 -56.91
N ALA F 145 -3.66 20.79 -58.08
CA ALA F 145 -2.71 19.72 -58.34
C ALA F 145 -1.46 19.84 -57.53
N LEU F 146 -0.93 21.06 -57.43
CA LEU F 146 0.30 21.27 -56.68
C LEU F 146 0.12 20.83 -55.23
N SER F 147 -0.96 21.33 -54.62
CA SER F 147 -1.21 21.03 -53.23
C SER F 147 -1.49 19.54 -53.01
N THR F 148 -2.17 18.89 -53.96
CA THR F 148 -2.42 17.46 -53.81
C THR F 148 -1.07 16.69 -53.80
N ALA F 149 -0.19 17.04 -54.73
CA ALA F 149 1.13 16.41 -54.82
C ALA F 149 1.94 16.70 -53.57
N SER F 150 1.79 17.89 -53.00
CA SER F 150 2.56 18.20 -51.81
C SER F 150 2.10 17.37 -50.63
N GLY F 151 0.78 17.20 -50.53
CA GLY F 151 0.21 16.43 -49.45
C GLY F 151 0.70 15.00 -49.59
N LEU F 152 0.56 14.45 -50.80
CA LEU F 152 0.96 13.07 -51.02
C LEU F 152 2.44 12.91 -50.83
N ALA F 153 3.22 13.88 -51.27
CA ALA F 153 4.67 13.77 -51.12
C ALA F 153 5.00 13.83 -49.66
N HIS F 154 4.19 14.54 -48.88
CA HIS F 154 4.46 14.63 -47.45
C HIS F 154 4.18 13.28 -46.80
N LEU F 155 3.04 12.66 -47.14
CA LEU F 155 2.74 11.33 -46.62
C LEU F 155 3.83 10.34 -46.94
N HIS F 156 4.18 10.22 -48.22
CA HIS F 156 5.22 9.26 -48.67
C HIS F 156 6.60 9.47 -48.10
N MET F 157 6.85 10.63 -47.52
CA MET F 157 8.19 10.92 -47.04
C MET F 157 8.50 10.54 -45.60
N GLU F 158 9.68 9.95 -45.41
CA GLU F 158 10.12 9.61 -44.08
C GLU F 158 10.93 10.82 -43.62
N ILE F 159 10.53 11.40 -42.49
CA ILE F 159 11.21 12.57 -41.94
C ILE F 159 11.85 12.22 -40.61
N VAL F 160 13.17 12.34 -40.57
CA VAL F 160 13.93 12.03 -39.37
C VAL F 160 13.75 13.03 -38.22
N GLY F 161 13.94 12.56 -36.98
CA GLY F 161 13.83 13.47 -35.84
C GLY F 161 12.60 13.31 -34.95
N THR F 162 12.60 14.08 -33.86
CA THR F 162 11.52 14.06 -32.87
C THR F 162 10.19 14.41 -33.52
N GLN F 163 10.18 15.53 -34.24
CA GLN F 163 8.98 15.98 -34.93
C GLN F 163 8.88 15.18 -36.22
N GLY F 164 9.62 14.07 -36.25
CA GLY F 164 9.69 13.18 -37.41
C GLY F 164 8.42 12.51 -37.88
N LYS F 165 8.58 11.45 -38.68
CA LYS F 165 7.43 10.77 -39.25
C LYS F 165 7.81 9.64 -40.21
N PRO F 166 7.21 8.46 -40.05
CA PRO F 166 7.54 7.37 -40.96
C PRO F 166 6.82 7.60 -42.29
N ALA F 167 7.24 6.90 -43.33
CA ALA F 167 6.58 7.03 -44.64
C ALA F 167 5.23 6.32 -44.57
N ILE F 168 4.25 6.88 -45.29
CA ILE F 168 2.89 6.34 -45.32
C ILE F 168 2.36 6.27 -46.75
N ALA F 169 1.63 5.21 -47.07
CA ALA F 169 1.03 5.04 -48.39
C ALA F 169 -0.47 5.13 -48.16
N HIS F 170 -1.14 5.89 -48.98
CA HIS F 170 -2.56 6.10 -48.79
C HIS F 170 -3.39 4.86 -49.09
N ARG F 171 -3.34 4.40 -50.34
CA ARG F 171 -4.06 3.21 -50.82
C ARG F 171 -5.49 3.45 -51.27
N ASP F 172 -6.01 4.65 -51.10
CA ASP F 172 -7.35 4.93 -51.62
C ASP F 172 -7.51 6.38 -52.07
N LEU F 173 -6.50 6.88 -52.78
CA LEU F 173 -6.53 8.24 -53.29
C LEU F 173 -7.61 8.36 -54.36
N LYS F 174 -8.36 9.43 -54.34
CA LYS F 174 -9.40 9.63 -55.31
C LYS F 174 -10.02 11.00 -55.07
N SER F 175 -10.72 11.54 -56.06
CA SER F 175 -11.37 12.85 -55.94
C SER F 175 -12.12 12.98 -54.63
N LYS F 176 -12.84 11.92 -54.26
CA LYS F 176 -13.63 11.94 -53.06
C LYS F 176 -12.87 11.93 -51.77
N ASN F 177 -11.56 11.70 -51.82
CA ASN F 177 -10.77 11.70 -50.60
C ASN F 177 -9.77 12.85 -50.53
N ILE F 178 -10.08 13.89 -51.28
CA ILE F 178 -9.26 15.06 -51.22
C ILE F 178 -10.26 16.16 -50.92
N LEU F 179 -9.92 17.02 -49.98
CA LEU F 179 -10.84 18.10 -49.64
C LEU F 179 -10.22 19.40 -50.15
N VAL F 180 -11.06 20.35 -50.53
CA VAL F 180 -10.52 21.61 -50.99
C VAL F 180 -10.92 22.74 -50.07
N LYS F 181 -9.91 23.38 -49.48
CA LYS F 181 -10.11 24.50 -48.57
C LYS F 181 -10.66 25.75 -49.27
N LYS F 182 -11.00 26.76 -48.47
CA LYS F 182 -11.53 27.97 -49.06
C LYS F 182 -10.48 28.73 -49.84
N ASN F 183 -9.21 28.50 -49.57
CA ASN F 183 -8.19 29.22 -50.33
C ASN F 183 -7.82 28.52 -51.64
N GLY F 184 -8.71 27.66 -52.15
CA GLY F 184 -8.44 26.97 -53.41
C GLY F 184 -7.39 25.85 -53.42
N THR F 185 -6.95 25.49 -52.23
CA THR F 185 -5.95 24.45 -52.02
C THR F 185 -6.58 23.16 -51.59
N CYS F 186 -5.82 22.07 -51.62
CA CYS F 186 -6.32 20.77 -51.22
C CYS F 186 -5.59 20.19 -50.03
N CYS F 187 -6.23 19.20 -49.42
CA CYS F 187 -5.59 18.44 -48.35
C CYS F 187 -6.12 17.02 -48.51
N ILE F 188 -5.24 16.04 -48.32
CA ILE F 188 -5.61 14.63 -48.45
C ILE F 188 -6.36 14.18 -47.19
N ALA F 189 -7.37 13.35 -47.35
CA ALA F 189 -8.15 12.86 -46.23
C ALA F 189 -8.30 11.34 -46.31
N ASP F 190 -9.04 10.78 -45.35
CA ASP F 190 -9.34 9.35 -45.23
C ASP F 190 -8.15 8.42 -45.25
N LEU F 191 -7.48 8.29 -44.12
CA LEU F 191 -6.32 7.41 -44.00
C LEU F 191 -6.68 6.04 -43.45
N GLY F 192 -7.93 5.62 -43.65
CA GLY F 192 -8.39 4.32 -43.16
C GLY F 192 -7.77 3.04 -43.72
N LEU F 193 -7.08 3.13 -44.86
CA LEU F 193 -6.44 1.97 -45.46
C LEU F 193 -4.94 2.17 -45.59
N ALA F 194 -4.43 3.24 -45.00
CA ALA F 194 -3.03 3.57 -45.09
C ALA F 194 -2.09 2.57 -44.46
N VAL F 195 -0.90 2.45 -45.03
CA VAL F 195 0.10 1.54 -44.51
C VAL F 195 1.32 2.36 -44.12
N ARG F 196 1.94 1.96 -43.02
CA ARG F 196 3.09 2.66 -42.51
C ARG F 196 4.35 1.89 -42.80
N HIS F 197 5.44 2.59 -43.10
CA HIS F 197 6.69 1.92 -43.35
C HIS F 197 7.58 2.13 -42.15
N ASP F 198 7.88 1.06 -41.44
CA ASP F 198 8.72 1.19 -40.27
C ASP F 198 10.10 0.73 -40.65
N SER F 199 10.83 1.66 -41.26
CA SER F 199 12.18 1.42 -41.74
C SER F 199 13.12 0.96 -40.63
N ALA F 200 12.68 1.16 -39.39
CA ALA F 200 13.46 0.76 -38.23
C ALA F 200 13.41 -0.76 -38.03
N THR F 201 12.73 -1.47 -38.94
CA THR F 201 12.60 -2.92 -38.88
C THR F 201 12.32 -3.45 -40.27
N ASP F 202 12.42 -2.57 -41.25
CA ASP F 202 12.16 -2.92 -42.64
C ASP F 202 10.80 -3.62 -42.80
N THR F 203 9.84 -3.22 -41.98
CA THR F 203 8.52 -3.83 -42.07
C THR F 203 7.45 -2.86 -42.56
N ILE F 204 6.38 -3.41 -43.10
CA ILE F 204 5.28 -2.63 -43.59
C ILE F 204 4.06 -2.93 -42.73
N ASP F 205 3.67 -1.96 -41.93
CA ASP F 205 2.52 -2.08 -41.06
C ASP F 205 1.27 -2.03 -41.92
N ILE F 206 0.59 -3.16 -42.10
CA ILE F 206 -0.62 -3.16 -42.91
C ILE F 206 -1.79 -3.63 -42.08
N ALA F 207 -2.74 -2.73 -41.84
CA ALA F 207 -3.91 -3.06 -41.03
C ALA F 207 -4.98 -3.87 -41.79
N PRO F 208 -5.62 -4.80 -41.08
CA PRO F 208 -6.68 -5.71 -41.54
C PRO F 208 -8.00 -4.99 -41.76
N ASN F 209 -8.64 -5.24 -42.91
CA ASN F 209 -9.92 -4.60 -43.24
C ASN F 209 -10.58 -5.41 -44.35
N HIS F 210 -11.91 -5.52 -44.32
CA HIS F 210 -12.64 -6.25 -45.38
C HIS F 210 -12.68 -5.34 -46.60
N ARG F 211 -12.28 -4.09 -46.38
CA ARG F 211 -12.27 -3.04 -47.41
C ARG F 211 -10.92 -2.92 -48.13
N VAL F 212 -10.98 -2.58 -49.41
CA VAL F 212 -9.78 -2.35 -50.21
C VAL F 212 -10.05 -1.13 -51.09
N GLY F 213 -9.03 -0.62 -51.75
CA GLY F 213 -9.22 0.57 -52.58
C GLY F 213 -10.44 0.59 -53.48
N THR F 214 -10.80 1.81 -53.89
CA THR F 214 -11.92 2.04 -54.80
C THR F 214 -11.40 1.46 -56.12
N LYS F 215 -12.19 0.58 -56.74
CA LYS F 215 -11.71 -0.09 -57.94
C LYS F 215 -11.33 0.69 -59.18
N ARG F 216 -12.01 1.79 -59.50
CA ARG F 216 -11.58 2.49 -60.71
C ARG F 216 -10.24 3.19 -60.53
N TYR F 217 -9.78 3.38 -59.30
CA TYR F 217 -8.49 4.04 -59.15
C TYR F 217 -7.36 3.08 -58.86
N MET F 218 -7.64 1.78 -58.87
CA MET F 218 -6.58 0.81 -58.59
C MET F 218 -5.53 0.71 -59.70
N ALA F 219 -4.27 0.72 -59.31
CA ALA F 219 -3.18 0.60 -60.24
C ALA F 219 -3.22 -0.78 -60.91
N PRO F 220 -2.57 -0.90 -62.07
CA PRO F 220 -2.53 -2.17 -62.81
C PRO F 220 -2.04 -3.34 -61.93
N GLU F 221 -0.91 -3.14 -61.24
CA GLU F 221 -0.32 -4.16 -60.37
C GLU F 221 -1.27 -4.59 -59.26
N VAL F 222 -2.22 -3.73 -58.90
CA VAL F 222 -3.16 -4.08 -57.85
C VAL F 222 -4.30 -4.83 -58.46
N LEU F 223 -4.71 -4.38 -59.65
CA LEU F 223 -5.80 -5.02 -60.35
C LEU F 223 -5.46 -6.45 -60.73
N ASP F 224 -4.20 -6.71 -61.09
CA ASP F 224 -3.82 -8.07 -61.49
C ASP F 224 -3.12 -8.85 -60.37
N ASP F 225 -3.12 -8.30 -59.16
CA ASP F 225 -2.49 -8.94 -58.01
C ASP F 225 -0.99 -9.14 -58.04
N SER F 226 -0.30 -8.57 -59.01
CA SER F 226 1.14 -8.77 -59.06
C SER F 226 1.93 -7.88 -58.10
N ILE F 227 1.30 -6.83 -57.56
CA ILE F 227 2.02 -5.93 -56.66
C ILE F 227 2.74 -6.64 -55.53
N ASN F 228 4.04 -6.41 -55.42
CA ASN F 228 4.83 -7.03 -54.36
C ASN F 228 4.59 -6.26 -53.05
N MET F 229 3.76 -6.81 -52.18
CA MET F 229 3.45 -6.14 -50.93
C MET F 229 4.51 -6.15 -49.85
N LYS F 230 5.68 -6.66 -50.18
CA LYS F 230 6.76 -6.68 -49.22
C LYS F 230 7.68 -5.49 -49.47
N HIS F 231 7.43 -4.74 -50.54
CA HIS F 231 8.23 -3.56 -50.87
C HIS F 231 7.40 -2.28 -50.77
N PHE F 232 7.76 -1.42 -49.81
CA PHE F 232 7.00 -0.20 -49.61
C PHE F 232 6.85 0.65 -50.85
N GLU F 233 7.91 0.75 -51.65
CA GLU F 233 7.83 1.54 -52.87
C GLU F 233 6.62 1.15 -53.73
N SER F 234 6.28 -0.12 -53.74
CA SER F 234 5.13 -0.57 -54.52
C SER F 234 3.88 0.22 -54.16
N PHE F 235 3.69 0.50 -52.87
CA PHE F 235 2.51 1.23 -52.43
C PHE F 235 2.53 2.69 -52.90
N LYS F 236 3.69 3.32 -52.82
CA LYS F 236 3.76 4.70 -53.26
C LYS F 236 3.47 4.79 -54.75
N ARG F 237 4.03 3.84 -55.51
CA ARG F 237 3.83 3.83 -56.95
C ARG F 237 2.38 3.65 -57.31
N ALA F 238 1.66 2.87 -56.50
CA ALA F 238 0.25 2.66 -56.75
C ALA F 238 -0.51 3.97 -56.50
N ASP F 239 -0.10 4.74 -55.48
CA ASP F 239 -0.73 6.04 -55.17
C ASP F 239 -0.52 7.00 -56.36
N ILE F 240 0.70 7.01 -56.90
CA ILE F 240 1.02 7.89 -58.02
C ILE F 240 0.08 7.65 -59.18
N TYR F 241 -0.17 6.39 -59.49
CA TYR F 241 -1.06 6.08 -60.59
C TYR F 241 -2.40 6.72 -60.31
N ALA F 242 -2.85 6.62 -59.06
CA ALA F 242 -4.15 7.18 -58.72
C ALA F 242 -4.11 8.72 -58.74
N MET F 243 -3.00 9.31 -58.29
CA MET F 243 -2.93 10.77 -58.29
C MET F 243 -3.07 11.24 -59.75
N GLY F 244 -2.46 10.46 -60.65
CA GLY F 244 -2.53 10.80 -62.07
C GLY F 244 -3.97 10.84 -62.54
N LEU F 245 -4.77 9.88 -62.13
CA LEU F 245 -6.16 9.91 -62.57
C LEU F 245 -6.82 11.16 -62.01
N VAL F 246 -6.46 11.51 -60.77
CA VAL F 246 -7.05 12.71 -60.16
C VAL F 246 -6.67 13.94 -61.00
N PHE F 247 -5.40 14.04 -61.42
CA PHE F 247 -4.99 15.16 -62.26
C PHE F 247 -5.80 15.20 -63.54
N TRP F 248 -6.16 14.04 -64.05
CA TRP F 248 -6.96 14.02 -65.25
C TRP F 248 -8.35 14.62 -64.92
N GLU F 249 -8.95 14.21 -63.81
CA GLU F 249 -10.26 14.74 -63.43
C GLU F 249 -10.25 16.27 -63.33
N ILE F 250 -9.17 16.82 -62.78
CA ILE F 250 -9.01 18.24 -62.63
C ILE F 250 -8.85 18.94 -63.98
N ALA F 251 -7.87 18.50 -64.78
CA ALA F 251 -7.56 19.10 -66.08
C ALA F 251 -8.78 19.15 -66.99
N ARG F 252 -9.57 18.10 -66.88
CA ARG F 252 -10.79 17.99 -67.65
C ARG F 252 -11.71 19.18 -67.37
N ARG F 253 -11.53 19.82 -66.23
CA ARG F 253 -12.37 20.94 -65.84
C ARG F 253 -11.65 22.27 -65.94
N CYS F 254 -10.48 22.28 -66.56
CA CYS F 254 -9.81 23.54 -66.70
C CYS F 254 -10.58 24.21 -67.82
N SER F 255 -11.12 25.41 -67.55
CA SER F 255 -11.89 26.10 -68.57
C SER F 255 -11.12 27.31 -69.09
N ILE F 256 -10.77 27.28 -70.36
CA ILE F 256 -10.05 28.39 -70.97
C ILE F 256 -10.87 28.98 -72.10
N GLY F 257 -11.38 30.18 -71.88
CA GLY F 257 -12.19 30.82 -72.90
C GLY F 257 -13.49 30.07 -73.11
N GLY F 258 -14.05 29.56 -72.02
CA GLY F 258 -15.31 28.82 -72.11
C GLY F 258 -15.24 27.35 -72.46
N ILE F 259 -14.10 26.84 -72.96
CA ILE F 259 -14.06 25.42 -73.28
C ILE F 259 -13.52 24.52 -72.17
N HIS F 260 -14.29 23.47 -71.90
CA HIS F 260 -13.95 22.49 -70.89
C HIS F 260 -14.88 21.31 -71.10
N GLU F 261 -14.72 20.30 -70.25
CA GLU F 261 -15.51 19.10 -70.31
C GLU F 261 -16.47 19.02 -69.12
N ASP F 262 -17.39 18.07 -69.18
CA ASP F 262 -18.29 17.87 -68.05
C ASP F 262 -17.44 17.10 -67.06
N TYR F 263 -17.80 17.12 -65.79
CA TYR F 263 -17.04 16.36 -64.84
C TYR F 263 -17.20 14.86 -65.14
N GLN F 264 -16.14 14.09 -64.97
CA GLN F 264 -16.22 12.65 -65.15
C GLN F 264 -15.18 11.97 -64.29
N LEU F 265 -15.51 10.76 -63.86
CA LEU F 265 -14.59 9.93 -63.10
C LEU F 265 -13.70 9.24 -64.16
N PRO F 266 -12.49 8.82 -63.78
CA PRO F 266 -11.60 8.15 -64.72
C PRO F 266 -12.28 6.89 -65.23
N TYR F 267 -12.12 6.62 -66.52
CA TYR F 267 -12.68 5.45 -67.19
C TYR F 267 -14.19 5.46 -67.24
N TYR F 268 -14.80 6.62 -67.09
CA TYR F 268 -16.26 6.74 -67.14
C TYR F 268 -16.84 6.18 -68.44
N ASP F 269 -16.08 6.26 -69.52
CA ASP F 269 -16.55 5.80 -70.84
C ASP F 269 -16.29 4.33 -71.17
N LEU F 270 -15.31 3.72 -70.51
CA LEU F 270 -14.93 2.34 -70.79
C LEU F 270 -15.48 1.36 -69.77
N VAL F 271 -16.08 1.90 -68.72
CA VAL F 271 -16.53 1.05 -67.63
C VAL F 271 -17.87 1.43 -66.99
N PRO F 272 -18.59 0.42 -66.49
CA PRO F 272 -19.90 0.59 -65.84
C PRO F 272 -19.68 1.34 -64.55
N SER F 273 -20.75 1.90 -64.00
CA SER F 273 -20.62 2.58 -62.73
C SER F 273 -20.36 1.45 -61.75
N ASP F 274 -19.66 1.73 -60.66
CA ASP F 274 -19.36 0.69 -59.68
C ASP F 274 -18.73 -0.53 -60.38
N PRO F 275 -17.55 -0.34 -60.96
CA PRO F 275 -16.78 -1.35 -61.69
C PRO F 275 -16.23 -2.45 -60.78
N SER F 276 -16.19 -3.67 -61.31
CA SER F 276 -15.66 -4.80 -60.54
C SER F 276 -14.18 -4.88 -60.88
N VAL F 277 -13.42 -5.59 -60.05
CA VAL F 277 -11.99 -5.73 -60.30
C VAL F 277 -11.74 -6.31 -61.70
N GLU F 278 -12.57 -7.27 -62.08
CA GLU F 278 -12.45 -7.92 -63.36
C GLU F 278 -12.65 -6.94 -64.53
N GLU F 279 -13.70 -6.12 -64.46
CA GLU F 279 -13.97 -5.14 -65.52
C GLU F 279 -12.85 -4.10 -65.64
N MET F 280 -12.33 -3.62 -64.52
CA MET F 280 -11.24 -2.66 -64.54
C MET F 280 -10.00 -3.30 -65.11
N ARG F 281 -9.79 -4.55 -64.75
CA ARG F 281 -8.64 -5.31 -65.20
C ARG F 281 -8.58 -5.47 -66.72
N LYS F 282 -9.74 -5.69 -67.33
CA LYS F 282 -9.81 -5.86 -68.78
C LYS F 282 -9.32 -4.59 -69.46
N VAL F 283 -9.88 -3.46 -69.04
CA VAL F 283 -9.55 -2.17 -69.61
C VAL F 283 -8.11 -1.72 -69.34
N VAL F 284 -7.69 -1.80 -68.10
CA VAL F 284 -6.37 -1.33 -67.72
C VAL F 284 -5.17 -2.26 -67.92
N CYS F 285 -5.32 -3.56 -67.70
CA CYS F 285 -4.19 -4.48 -67.88
C CYS F 285 -4.15 -5.17 -69.23
N GLU F 286 -5.28 -5.73 -69.64
CA GLU F 286 -5.36 -6.41 -70.93
C GLU F 286 -5.36 -5.46 -72.08
N GLN F 287 -6.31 -4.53 -72.09
CA GLN F 287 -6.41 -3.56 -73.17
C GLN F 287 -5.44 -2.41 -73.01
N LYS F 288 -4.81 -2.31 -71.85
CA LYS F 288 -3.85 -1.25 -71.59
C LYS F 288 -4.36 0.18 -71.94
N LEU F 289 -5.62 0.45 -71.64
CA LEU F 289 -6.18 1.75 -71.88
C LEU F 289 -5.98 2.68 -70.68
N ARG F 290 -6.00 3.98 -70.95
CA ARG F 290 -5.85 5.03 -69.95
C ARG F 290 -6.90 6.07 -70.28
N PRO F 291 -7.20 6.98 -69.34
CA PRO F 291 -8.21 7.99 -69.69
C PRO F 291 -7.73 8.79 -70.89
N ASN F 292 -8.66 9.30 -71.70
CA ASN F 292 -8.25 10.05 -72.88
C ASN F 292 -7.67 11.43 -72.58
N ILE F 293 -6.54 11.72 -73.21
CA ILE F 293 -5.87 13.01 -73.08
C ILE F 293 -6.14 13.74 -74.40
N PRO F 294 -7.02 14.76 -74.38
CA PRO F 294 -7.38 15.53 -75.58
C PRO F 294 -6.15 16.12 -76.26
N ASN F 295 -6.15 16.17 -77.59
CA ASN F 295 -5.01 16.71 -78.31
C ASN F 295 -4.84 18.20 -77.96
N ARG F 296 -5.94 18.91 -77.80
CA ARG F 296 -5.90 20.33 -77.48
C ARG F 296 -5.04 20.67 -76.26
N TRP F 297 -4.88 19.74 -75.32
CA TRP F 297 -4.05 20.04 -74.15
C TRP F 297 -2.59 20.25 -74.52
N GLN F 298 -2.20 19.86 -75.73
CA GLN F 298 -0.82 20.00 -76.13
C GLN F 298 -0.42 21.43 -76.47
N SER F 299 -1.40 22.25 -76.84
CA SER F 299 -1.17 23.67 -77.21
C SER F 299 -0.80 24.56 -76.02
N CYS F 300 -1.70 24.57 -75.04
CA CYS F 300 -1.58 25.34 -73.81
C CYS F 300 -0.52 24.68 -72.91
N GLU F 301 0.57 25.37 -72.64
CA GLU F 301 1.63 24.79 -71.82
C GLU F 301 1.23 24.17 -70.48
N ALA F 302 0.36 24.85 -69.72
CA ALA F 302 -0.05 24.31 -68.42
C ALA F 302 -0.68 22.94 -68.54
N LEU F 303 -1.59 22.75 -69.50
CA LEU F 303 -2.21 21.43 -69.67
C LEU F 303 -1.22 20.42 -70.22
N ARG F 304 -0.25 20.90 -70.98
CA ARG F 304 0.75 20.03 -71.57
C ARG F 304 1.63 19.43 -70.48
N VAL F 305 1.91 20.22 -69.45
CA VAL F 305 2.73 19.71 -68.36
C VAL F 305 1.90 18.70 -67.56
N MET F 306 0.63 19.05 -67.34
CA MET F 306 -0.28 18.17 -66.61
C MET F 306 -0.39 16.85 -67.37
N ALA F 307 -0.63 16.93 -68.67
CA ALA F 307 -0.77 15.76 -69.52
C ALA F 307 0.49 14.91 -69.47
N LYS F 308 1.65 15.55 -69.48
CA LYS F 308 2.87 14.79 -69.43
C LYS F 308 2.99 14.10 -68.07
N ILE F 309 2.56 14.76 -67.00
CA ILE F 309 2.58 14.16 -65.67
C ILE F 309 1.62 12.96 -65.64
N MET F 310 0.42 13.13 -66.18
CA MET F 310 -0.55 12.04 -66.21
C MET F 310 0.07 10.79 -66.83
N ARG F 311 0.64 10.94 -68.04
CA ARG F 311 1.28 9.81 -68.71
C ARG F 311 2.40 9.18 -67.89
N GLU F 312 3.21 9.99 -67.20
CA GLU F 312 4.31 9.50 -66.37
C GLU F 312 3.74 8.79 -65.14
N CYS F 313 2.47 9.00 -64.87
CA CYS F 313 1.86 8.35 -63.73
C CYS F 313 1.20 7.08 -64.17
N TRP F 314 0.91 6.95 -65.46
CA TRP F 314 0.17 5.80 -65.93
C TRP F 314 0.85 4.59 -66.53
N TYR F 315 2.18 4.55 -66.51
CA TYR F 315 2.90 3.39 -67.04
C TYR F 315 2.48 2.12 -66.30
N ALA F 316 2.41 1.02 -67.03
CA ALA F 316 2.05 -0.25 -66.41
C ALA F 316 3.15 -0.64 -65.42
N ASN F 317 4.38 -0.23 -65.71
CA ASN F 317 5.52 -0.52 -64.86
C ASN F 317 5.68 0.52 -63.75
N GLY F 318 5.26 0.15 -62.55
CA GLY F 318 5.33 1.04 -61.41
C GLY F 318 6.65 1.76 -61.23
N ALA F 319 7.77 1.10 -61.54
CA ALA F 319 9.08 1.70 -61.37
C ALA F 319 9.41 2.84 -62.34
N ALA F 320 8.67 2.97 -63.43
CA ALA F 320 8.93 4.06 -64.38
C ALA F 320 8.10 5.29 -64.05
N ARG F 321 7.17 5.17 -63.10
CA ARG F 321 6.33 6.30 -62.74
C ARG F 321 7.05 7.38 -61.97
N LEU F 322 6.55 8.60 -62.12
CA LEU F 322 7.12 9.71 -61.41
C LEU F 322 6.89 9.52 -59.92
N THR F 323 7.64 10.28 -59.17
CA THR F 323 7.62 10.29 -57.74
C THR F 323 6.74 11.47 -57.31
N ALA F 324 6.07 11.35 -56.18
CA ALA F 324 5.23 12.46 -55.72
C ALA F 324 6.05 13.74 -55.58
N LEU F 325 7.28 13.61 -55.10
CA LEU F 325 8.15 14.77 -54.92
C LEU F 325 8.44 15.42 -56.26
N ARG F 326 8.80 14.59 -57.25
CA ARG F 326 9.09 15.10 -58.57
C ARG F 326 7.87 15.84 -59.12
N ILE F 327 6.69 15.27 -58.99
CA ILE F 327 5.52 15.96 -59.48
C ILE F 327 5.38 17.30 -58.74
N LYS F 328 5.72 17.30 -57.47
CA LYS F 328 5.65 18.50 -56.65
C LYS F 328 6.57 19.53 -57.31
N LYS F 329 7.78 19.09 -57.61
CA LYS F 329 8.78 19.96 -58.22
C LYS F 329 8.43 20.50 -59.61
N THR F 330 8.13 19.62 -60.57
CA THR F 330 7.83 20.12 -61.89
C THR F 330 6.58 21.01 -61.84
N LEU F 331 5.70 20.76 -60.89
CA LEU F 331 4.52 21.57 -60.74
C LEU F 331 4.87 22.94 -60.15
N SER F 332 5.90 22.97 -59.31
CA SER F 332 6.37 24.22 -58.69
C SER F 332 7.00 25.11 -59.74
N GLN F 333 7.81 24.51 -60.61
CA GLN F 333 8.47 25.23 -61.70
C GLN F 333 7.34 25.84 -62.56
N LEU F 334 6.36 25.02 -62.93
CA LEU F 334 5.25 25.52 -63.73
C LEU F 334 4.53 26.68 -63.05
N SER F 335 4.31 26.55 -61.76
CA SER F 335 3.61 27.58 -61.01
C SER F 335 4.32 28.93 -60.95
N GLN F 336 5.64 28.92 -61.10
CA GLN F 336 6.39 30.18 -61.07
C GLN F 336 6.52 30.80 -62.44
N GLN F 337 6.27 30.03 -63.48
CA GLN F 337 6.34 30.54 -64.84
C GLN F 337 5.01 31.12 -65.25
N GLU F 338 4.09 31.23 -64.29
CA GLU F 338 2.78 31.77 -64.58
C GLU F 338 2.25 32.56 -63.39
N GLY F 339 3.17 33.08 -62.58
CA GLY F 339 2.77 33.85 -61.42
C GLY F 339 1.96 33.02 -60.44
N GLY G 1 29.01 37.13 -15.49
CA GLY G 1 28.81 35.66 -15.62
C GLY G 1 30.03 34.93 -15.12
N VAL G 2 30.63 34.09 -15.95
CA VAL G 2 31.80 33.36 -15.55
C VAL G 2 32.94 33.49 -16.53
N GLN G 3 34.15 33.59 -16.00
CA GLN G 3 35.34 33.65 -16.83
C GLN G 3 36.09 32.38 -16.52
N VAL G 4 36.59 31.74 -17.56
CA VAL G 4 37.32 30.51 -17.38
C VAL G 4 38.75 30.71 -17.83
N GLU G 5 39.70 30.57 -16.91
CA GLU G 5 41.11 30.72 -17.24
C GLU G 5 41.77 29.37 -17.02
N THR G 6 42.35 28.80 -18.08
CA THR G 6 42.98 27.52 -17.92
C THR G 6 44.24 27.59 -17.10
N ILE G 7 44.43 26.58 -16.27
CA ILE G 7 45.60 26.47 -15.43
C ILE G 7 46.40 25.30 -15.97
N SER G 8 45.68 24.30 -16.45
CA SER G 8 46.27 23.10 -17.02
C SER G 8 45.27 22.53 -18.04
N PRO G 9 45.71 22.34 -19.30
CA PRO G 9 44.94 21.83 -20.43
C PRO G 9 44.31 20.46 -20.28
N GLY G 10 43.11 20.31 -20.84
CA GLY G 10 42.42 19.03 -20.81
C GLY G 10 42.67 18.34 -22.15
N ASP G 11 41.87 17.36 -22.52
CA ASP G 11 42.12 16.73 -23.79
C ASP G 11 41.67 17.64 -24.94
N GLY G 12 41.03 18.75 -24.61
CA GLY G 12 40.59 19.69 -25.61
C GLY G 12 39.31 19.42 -26.38
N ARG G 13 38.68 18.27 -26.18
CA ARG G 13 37.46 17.98 -26.94
C ARG G 13 36.29 17.32 -26.23
N THR G 14 36.54 16.75 -25.05
CA THR G 14 35.48 16.08 -24.32
C THR G 14 34.81 17.02 -23.34
N PHE G 15 33.77 17.70 -23.79
CA PHE G 15 33.05 18.63 -22.96
C PHE G 15 31.77 17.99 -22.45
N PRO G 16 31.47 18.18 -21.16
CA PRO G 16 30.25 17.61 -20.59
C PRO G 16 29.02 18.02 -21.35
N LYS G 17 28.05 17.12 -21.44
CA LYS G 17 26.79 17.37 -22.12
C LYS G 17 25.67 17.26 -21.10
N ARG G 18 24.53 17.89 -21.37
CA ARG G 18 23.40 17.83 -20.45
C ARG G 18 23.08 16.38 -20.13
N GLY G 19 22.86 16.08 -18.85
CA GLY G 19 22.52 14.72 -18.47
C GLY G 19 23.68 13.91 -17.93
N GLN G 20 24.90 14.26 -18.33
CA GLN G 20 26.08 13.55 -17.86
C GLN G 20 26.46 14.00 -16.47
N THR G 21 27.15 13.13 -15.75
CA THR G 21 27.60 13.45 -14.41
C THR G 21 29.06 13.86 -14.43
N CYS G 22 29.33 15.07 -13.97
CA CYS G 22 30.69 15.55 -13.93
C CYS G 22 31.29 15.19 -12.59
N VAL G 23 32.54 14.76 -12.62
CA VAL G 23 33.27 14.41 -11.40
C VAL G 23 34.40 15.42 -11.39
N VAL G 24 34.51 16.18 -10.31
CA VAL G 24 35.54 17.21 -10.27
C VAL G 24 36.18 17.34 -8.92
N HIS G 25 37.21 18.18 -8.86
CA HIS G 25 37.90 18.49 -7.63
C HIS G 25 37.93 20.02 -7.65
N TYR G 26 37.54 20.65 -6.55
CA TYR G 26 37.52 22.10 -6.52
C TYR G 26 37.93 22.70 -5.19
N THR G 27 38.08 24.02 -5.23
CA THR G 27 38.46 24.79 -4.08
C THR G 27 37.86 26.13 -4.36
N GLY G 28 36.96 26.56 -3.49
CA GLY G 28 36.29 27.83 -3.68
C GLY G 28 36.83 28.86 -2.72
N MET G 29 37.03 30.08 -3.21
CA MET G 29 37.54 31.19 -2.43
C MET G 29 36.75 32.43 -2.73
N LEU G 30 36.77 33.38 -1.80
CA LEU G 30 36.10 34.66 -2.03
C LEU G 30 37.19 35.47 -2.72
N GLU G 31 36.83 36.62 -3.27
CA GLU G 31 37.84 37.43 -3.95
C GLU G 31 39.11 37.69 -3.14
N ASP G 32 38.95 37.94 -1.84
CA ASP G 32 40.10 38.20 -0.98
C ASP G 32 40.98 36.99 -0.66
N GLY G 33 40.67 35.83 -1.24
CA GLY G 33 41.48 34.65 -0.99
C GLY G 33 41.09 33.68 0.11
N LYS G 34 40.00 33.96 0.82
CA LYS G 34 39.61 33.04 1.88
C LYS G 34 38.80 31.89 1.33
N LYS G 35 39.31 30.69 1.57
CA LYS G 35 38.68 29.49 1.11
C LYS G 35 37.37 29.25 1.87
N PHE G 36 36.37 28.67 1.20
CA PHE G 36 35.10 28.42 1.87
C PHE G 36 34.57 27.00 1.64
N ASP G 37 35.24 26.25 0.77
CA ASP G 37 34.82 24.87 0.46
C ASP G 37 35.89 24.23 -0.41
N SER G 38 36.13 22.95 -0.23
CA SER G 38 37.14 22.26 -1.01
C SER G 38 37.02 20.76 -0.98
N SER G 39 36.60 20.15 -2.08
CA SER G 39 36.49 18.70 -2.14
C SER G 39 37.89 18.11 -2.02
N ARG G 40 38.91 18.91 -2.33
CA ARG G 40 40.26 18.41 -2.22
C ARG G 40 40.60 18.15 -0.76
N ASP G 41 40.27 19.10 0.11
CA ASP G 41 40.53 18.91 1.54
C ASP G 41 39.80 17.66 2.03
N ARG G 42 38.68 17.34 1.42
CA ARG G 42 37.92 16.15 1.79
C ARG G 42 38.49 14.88 1.17
N ASN G 43 39.38 15.03 0.19
CA ASN G 43 39.97 13.90 -0.52
C ASN G 43 38.86 13.03 -1.12
N LYS G 44 37.82 13.68 -1.65
CA LYS G 44 36.69 12.99 -2.24
C LYS G 44 36.16 13.89 -3.35
N PRO G 45 36.19 13.40 -4.59
CA PRO G 45 35.70 14.17 -5.73
C PRO G 45 34.24 14.51 -5.58
N PHE G 46 33.85 15.65 -6.13
CA PHE G 46 32.48 16.10 -6.08
C PHE G 46 31.76 15.75 -7.38
N LYS G 47 30.51 15.32 -7.29
CA LYS G 47 29.77 14.92 -8.48
C LYS G 47 28.46 15.65 -8.68
N PHE G 48 28.17 16.07 -9.90
CA PHE G 48 26.90 16.73 -10.15
C PHE G 48 26.45 16.47 -11.58
N MET G 49 25.15 16.45 -11.79
CA MET G 49 24.62 16.23 -13.12
C MET G 49 24.34 17.55 -13.80
N LEU G 50 25.02 17.76 -14.90
CA LEU G 50 24.87 18.98 -15.66
C LEU G 50 23.43 19.12 -16.16
N GLY G 51 22.86 20.31 -15.99
CA GLY G 51 21.51 20.52 -16.46
C GLY G 51 20.40 20.45 -15.43
N LYS G 52 20.65 19.81 -14.29
CA LYS G 52 19.61 19.71 -13.27
C LYS G 52 19.75 20.77 -12.19
N GLN G 53 20.62 21.74 -12.45
CA GLN G 53 20.88 22.86 -11.55
C GLN G 53 21.22 22.47 -10.12
N GLU G 54 22.05 21.46 -9.96
CA GLU G 54 22.43 21.03 -8.64
C GLU G 54 23.56 21.95 -8.17
N VAL G 55 24.06 22.78 -9.07
CA VAL G 55 25.12 23.72 -8.74
C VAL G 55 24.76 25.12 -9.24
N ILE G 56 25.48 26.13 -8.79
CA ILE G 56 25.19 27.49 -9.24
C ILE G 56 25.37 27.61 -10.75
N ARG G 57 24.71 28.61 -11.33
CA ARG G 57 24.75 28.85 -12.76
C ARG G 57 26.17 29.02 -13.31
N GLY G 58 27.01 29.79 -12.64
CA GLY G 58 28.37 29.96 -13.10
C GLY G 58 29.15 28.67 -13.23
N TRP G 59 28.77 27.65 -12.44
CA TRP G 59 29.44 26.35 -12.49
C TRP G 59 28.92 25.53 -13.66
N GLU G 60 27.61 25.49 -13.80
CA GLU G 60 26.94 24.73 -14.84
C GLU G 60 27.41 25.24 -16.20
N GLU G 61 27.67 26.54 -16.29
CA GLU G 61 28.13 27.11 -17.53
C GLU G 61 29.65 27.13 -17.64
N GLY G 62 30.32 27.21 -16.49
CA GLY G 62 31.76 27.23 -16.50
C GLY G 62 32.38 25.87 -16.78
N VAL G 63 31.87 24.82 -16.14
CA VAL G 63 32.41 23.48 -16.35
C VAL G 63 32.00 22.91 -17.71
N ALA G 64 30.94 23.45 -18.28
CA ALA G 64 30.49 22.99 -19.59
C ALA G 64 31.52 23.38 -20.66
N GLN G 65 32.57 24.09 -20.25
CA GLN G 65 33.62 24.53 -21.15
C GLN G 65 35.00 23.91 -20.97
N MET G 66 35.20 23.19 -19.87
CA MET G 66 36.50 22.51 -19.61
C MET G 66 36.24 21.21 -20.33
N SER G 67 37.33 20.57 -20.71
CA SER G 67 37.27 19.29 -21.37
C SER G 67 37.88 18.40 -20.31
N VAL G 68 37.55 17.12 -20.33
CA VAL G 68 38.09 16.21 -19.35
C VAL G 68 39.60 16.37 -19.16
N GLY G 69 40.01 16.46 -17.90
CA GLY G 69 41.42 16.59 -17.57
C GLY G 69 41.86 18.03 -17.37
N GLN G 70 40.99 18.96 -17.74
CA GLN G 70 41.33 20.37 -17.62
C GLN G 70 41.23 20.90 -16.17
N ARG G 71 42.07 21.87 -15.86
CA ARG G 71 42.05 22.49 -14.54
C ARG G 71 41.98 23.98 -14.83
N ALA G 72 40.97 24.66 -14.29
CA ALA G 72 40.81 26.08 -14.54
C ALA G 72 40.28 26.91 -13.39
N LYS G 73 40.44 28.23 -13.51
CA LYS G 73 39.94 29.14 -12.52
C LYS G 73 38.64 29.74 -13.02
N LEU G 74 37.55 29.46 -12.31
CA LEU G 74 36.28 30.02 -12.71
C LEU G 74 36.02 31.19 -11.78
N THR G 75 35.88 32.37 -12.34
CA THR G 75 35.60 33.56 -11.56
C THR G 75 34.14 33.85 -11.87
N ILE G 76 33.31 33.69 -10.85
CA ILE G 76 31.87 33.84 -11.01
C ILE G 76 31.30 35.08 -10.33
N SER G 77 30.51 35.85 -11.08
CA SER G 77 29.90 37.05 -10.54
C SER G 77 28.67 36.63 -9.73
N PRO G 78 28.28 37.46 -8.75
CA PRO G 78 27.13 37.25 -7.84
C PRO G 78 25.85 36.74 -8.51
N ASP G 79 25.45 37.37 -9.61
CA ASP G 79 24.23 36.94 -10.30
C ASP G 79 24.36 35.53 -10.90
N TYR G 80 25.58 35.02 -10.94
CA TYR G 80 25.84 33.67 -11.43
C TYR G 80 26.23 32.73 -10.29
N ALA G 81 26.22 33.27 -9.07
CA ALA G 81 26.56 32.51 -7.87
C ALA G 81 25.43 32.65 -6.86
N TYR G 82 25.71 33.19 -5.67
CA TYR G 82 24.63 33.29 -4.69
C TYR G 82 23.94 34.63 -4.54
N GLY G 83 24.06 35.45 -5.57
CA GLY G 83 23.41 36.75 -5.59
C GLY G 83 23.41 37.59 -4.35
N ALA G 84 22.30 38.29 -4.16
CA ALA G 84 22.10 39.20 -3.04
C ALA G 84 22.03 38.46 -1.72
N THR G 85 21.35 37.33 -1.71
CA THR G 85 21.22 36.56 -0.48
C THR G 85 22.56 36.05 0.06
N GLY G 86 23.42 35.56 -0.83
CA GLY G 86 24.68 34.98 -0.39
C GLY G 86 24.25 33.64 0.20
N HIS G 87 25.12 32.98 0.96
CA HIS G 87 24.73 31.72 1.58
C HIS G 87 25.07 31.90 3.05
N PRO G 88 24.06 31.84 3.94
CA PRO G 88 24.12 32.02 5.40
C PRO G 88 25.35 31.43 6.05
N GLY G 89 26.22 32.30 6.57
CA GLY G 89 27.43 31.84 7.24
C GLY G 89 28.63 31.50 6.38
N ILE G 90 28.43 31.27 5.09
CA ILE G 90 29.56 30.90 4.23
C ILE G 90 29.91 31.92 3.16
N ILE G 91 28.91 32.32 2.39
CA ILE G 91 29.13 33.26 1.32
C ILE G 91 28.39 34.58 1.48
N PRO G 92 29.15 35.68 1.60
CA PRO G 92 28.62 37.03 1.76
C PRO G 92 27.68 37.36 0.63
N PRO G 93 26.73 38.26 0.88
CA PRO G 93 25.78 38.66 -0.18
C PRO G 93 26.62 39.39 -1.25
N HIS G 94 26.17 39.35 -2.51
CA HIS G 94 26.90 39.98 -3.62
C HIS G 94 28.36 39.57 -3.70
N ALA G 95 28.62 38.28 -3.53
CA ALA G 95 29.99 37.80 -3.57
C ALA G 95 30.42 37.25 -4.93
N THR G 96 31.63 37.61 -5.32
CA THR G 96 32.21 37.11 -6.55
C THR G 96 33.04 35.92 -6.06
N LEU G 97 32.80 34.77 -6.65
CA LEU G 97 33.52 33.57 -6.24
C LEU G 97 34.60 33.19 -7.23
N VAL G 98 35.66 32.61 -6.71
CA VAL G 98 36.76 32.15 -7.52
C VAL G 98 36.95 30.66 -7.22
N PHE G 99 36.79 29.81 -8.24
CA PHE G 99 36.98 28.37 -8.05
C PHE G 99 38.16 27.80 -8.82
N ASP G 100 38.83 26.85 -8.21
CA ASP G 100 39.93 26.15 -8.86
C ASP G 100 39.26 24.81 -9.16
N VAL G 101 38.92 24.57 -10.42
CA VAL G 101 38.23 23.35 -10.79
C VAL G 101 39.01 22.41 -11.72
N GLU G 102 38.83 21.12 -11.52
CA GLU G 102 39.44 20.10 -12.35
C GLU G 102 38.40 19.04 -12.68
N LEU G 103 38.09 18.93 -13.97
CA LEU G 103 37.11 17.96 -14.42
C LEU G 103 37.80 16.62 -14.57
N LEU G 104 37.68 15.77 -13.55
CA LEU G 104 38.33 14.47 -13.57
C LEU G 104 37.79 13.50 -14.62
N LYS G 105 36.47 13.41 -14.73
CA LYS G 105 35.86 12.52 -15.70
C LYS G 105 34.35 12.73 -15.81
N LEU G 106 33.72 12.03 -16.74
CA LEU G 106 32.28 12.12 -16.96
C LEU G 106 31.69 10.73 -16.78
N GLU G 107 30.42 10.63 -16.42
CA GLU G 107 29.80 9.32 -16.25
C GLU G 107 28.40 9.28 -16.84
N THR H 14 26.06 4.23 3.03
CA THR H 14 26.03 4.83 4.40
C THR H 14 25.08 6.04 4.52
N THR H 15 24.82 6.47 5.75
CA THR H 15 23.89 7.56 6.01
C THR H 15 24.41 8.97 5.81
N LEU H 16 23.44 9.86 5.75
CA LEU H 16 23.66 11.29 5.59
C LEU H 16 24.47 11.81 6.78
N LYS H 17 24.34 11.16 7.94
CA LYS H 17 25.08 11.57 9.12
C LYS H 17 26.54 11.12 9.00
N ASP H 18 26.76 9.96 8.39
CA ASP H 18 28.12 9.45 8.17
C ASP H 18 28.79 10.46 7.25
N LEU H 19 28.06 10.75 6.19
CA LEU H 19 28.50 11.68 5.17
C LEU H 19 28.92 13.00 5.81
N ILE H 20 28.05 13.55 6.64
CA ILE H 20 28.36 14.81 7.31
C ILE H 20 29.66 14.68 8.09
N TYR H 21 29.89 13.50 8.66
CA TYR H 21 31.10 13.29 9.43
C TYR H 21 32.35 13.17 8.55
N ASP H 22 32.26 12.41 7.47
CA ASP H 22 33.39 12.23 6.57
C ASP H 22 33.83 13.54 5.92
N MET H 23 32.88 14.36 5.55
CA MET H 23 33.21 15.60 4.89
C MET H 23 33.58 16.75 5.82
N THR H 24 33.66 16.43 7.12
CA THR H 24 33.99 17.44 8.11
C THR H 24 35.44 17.81 8.04
N THR H 25 35.70 19.11 8.10
CA THR H 25 37.06 19.63 8.08
C THR H 25 37.10 20.80 9.03
N SER H 26 38.25 21.05 9.65
CA SER H 26 38.34 22.19 10.54
C SER H 26 37.83 23.32 9.63
N GLY H 27 36.80 24.03 10.10
CA GLY H 27 36.23 25.09 9.31
C GLY H 27 34.85 24.77 8.80
N SER H 28 34.44 23.51 8.85
CA SER H 28 33.11 23.19 8.36
C SER H 28 32.04 23.47 9.42
N GLY H 29 30.80 23.62 8.97
CA GLY H 29 29.69 23.89 9.86
C GLY H 29 29.05 22.60 10.33
N SER H 30 27.85 22.69 10.89
CA SER H 30 27.16 21.54 11.41
C SER H 30 26.76 20.48 10.40
N GLY H 31 26.39 20.92 9.18
CA GLY H 31 25.95 19.97 8.17
C GLY H 31 26.97 19.76 7.05
N LEU H 32 26.47 19.52 5.85
CA LEU H 32 27.32 19.29 4.68
C LEU H 32 28.01 20.54 4.15
N PRO H 33 29.09 20.35 3.37
CA PRO H 33 29.86 21.46 2.78
C PRO H 33 28.93 22.26 1.82
N LEU H 34 29.29 23.52 1.59
CA LEU H 34 28.49 24.41 0.73
C LEU H 34 27.88 23.77 -0.51
N LEU H 35 28.71 23.37 -1.47
CA LEU H 35 28.19 22.77 -2.70
C LEU H 35 27.41 21.47 -2.54
N VAL H 36 27.80 20.66 -1.56
CA VAL H 36 27.12 19.39 -1.37
C VAL H 36 25.73 19.63 -0.87
N GLN H 37 25.53 20.75 -0.20
CA GLN H 37 24.21 21.05 0.32
C GLN H 37 23.18 21.15 -0.77
N ARG H 38 23.54 21.81 -1.87
CA ARG H 38 22.61 21.97 -2.99
C ARG H 38 22.43 20.63 -3.70
N THR H 39 23.52 19.89 -3.83
CA THR H 39 23.50 18.57 -4.44
C THR H 39 22.41 17.74 -3.78
N ILE H 40 22.46 17.66 -2.46
CA ILE H 40 21.48 16.87 -1.74
C ILE H 40 20.09 17.49 -1.70
N ALA H 41 20.01 18.78 -1.45
CA ALA H 41 18.73 19.45 -1.40
C ALA H 41 17.93 19.23 -2.70
N ARG H 42 18.61 19.36 -3.84
CA ARG H 42 17.96 19.19 -5.14
C ARG H 42 17.63 17.74 -5.49
N THR H 43 18.28 16.79 -4.84
CA THR H 43 18.03 15.37 -5.09
C THR H 43 16.95 14.77 -4.18
N ILE H 44 16.50 15.54 -3.20
CA ILE H 44 15.50 15.05 -2.25
C ILE H 44 14.10 14.90 -2.86
N VAL H 45 13.46 13.79 -2.55
CA VAL H 45 12.11 13.53 -3.06
C VAL H 45 11.10 13.79 -1.96
N LEU H 46 10.32 14.86 -2.08
CA LEU H 46 9.30 15.16 -1.07
C LEU H 46 8.24 14.06 -1.03
N GLN H 47 7.81 13.69 0.17
CA GLN H 47 6.81 12.63 0.35
C GLN H 47 5.46 13.14 0.83
N GLU H 48 5.44 13.75 2.01
CA GLU H 48 4.18 14.20 2.57
C GLU H 48 4.32 15.44 3.41
N SER H 49 3.30 16.28 3.38
CA SER H 49 3.31 17.47 4.21
C SER H 49 3.15 16.93 5.62
N ILE H 50 3.98 17.38 6.53
CA ILE H 50 3.88 16.92 7.91
C ILE H 50 3.14 17.94 8.75
N GLY H 51 3.51 19.20 8.63
CA GLY H 51 2.86 20.23 9.40
C GLY H 51 2.91 21.57 8.69
N LYS H 52 1.89 22.39 8.90
CA LYS H 52 1.84 23.70 8.28
C LYS H 52 1.90 24.77 9.37
N GLY H 53 3.10 24.99 9.91
CA GLY H 53 3.30 25.97 10.96
C GLY H 53 3.17 27.44 10.57
N ARG H 54 3.36 28.32 11.54
CA ARG H 54 3.28 29.74 11.28
C ARG H 54 4.35 30.12 10.25
N PHE H 55 5.50 29.45 10.32
CA PHE H 55 6.60 29.74 9.40
C PHE H 55 6.85 28.67 8.33
N GLY H 56 5.88 28.51 7.43
CA GLY H 56 6.03 27.54 6.35
C GLY H 56 5.79 26.08 6.68
N GLU H 57 5.72 25.25 5.64
CA GLU H 57 5.48 23.83 5.78
C GLU H 57 6.71 22.97 6.04
N VAL H 58 6.47 21.83 6.69
CA VAL H 58 7.50 20.86 6.98
C VAL H 58 7.12 19.59 6.24
N TRP H 59 8.01 19.10 5.42
CA TRP H 59 7.75 17.90 4.66
C TRP H 59 8.69 16.77 5.01
N ARG H 60 8.17 15.56 4.89
CA ARG H 60 8.96 14.37 5.10
C ARG H 60 9.52 14.12 3.71
N GLY H 61 10.83 13.99 3.60
CA GLY H 61 11.42 13.74 2.32
C GLY H 61 12.43 12.62 2.37
N LYS H 62 12.75 12.06 1.21
CA LYS H 62 13.71 10.99 1.14
C LYS H 62 14.88 11.41 0.26
N TRP H 63 16.06 10.93 0.62
CA TRP H 63 17.28 11.18 -0.15
C TRP H 63 17.91 9.82 -0.33
N ARG H 64 17.90 9.33 -1.57
CA ARG H 64 18.44 8.01 -1.85
C ARG H 64 17.86 7.05 -0.81
N GLY H 65 16.53 7.11 -0.66
CA GLY H 65 15.85 6.25 0.28
C GLY H 65 15.78 6.71 1.73
N GLU H 66 16.82 7.37 2.24
CA GLU H 66 16.84 7.82 3.64
C GLU H 66 15.84 8.93 3.93
N GLU H 67 15.09 8.79 5.03
CA GLU H 67 14.10 9.81 5.40
C GLU H 67 14.78 11.05 5.96
N VAL H 68 14.26 12.19 5.55
CA VAL H 68 14.84 13.45 5.95
C VAL H 68 13.69 14.44 6.19
N ALA H 69 13.97 15.54 6.83
CA ALA H 69 12.94 16.53 7.08
C ALA H 69 13.26 17.80 6.31
N VAL H 70 12.25 18.35 5.64
CA VAL H 70 12.47 19.56 4.87
C VAL H 70 11.54 20.68 5.29
N LYS H 71 12.08 21.74 5.88
CA LYS H 71 11.18 22.82 6.23
C LYS H 71 11.28 23.82 5.08
N ILE H 72 10.13 24.12 4.51
CA ILE H 72 10.07 25.07 3.42
C ILE H 72 9.45 26.34 3.98
N PHE H 73 10.28 27.38 4.09
CA PHE H 73 9.83 28.66 4.62
C PHE H 73 9.16 29.52 3.56
N SER H 74 8.25 30.37 4.02
CA SER H 74 7.55 31.29 3.12
C SER H 74 8.29 32.63 3.13
N SER H 75 8.09 33.44 2.08
CA SER H 75 8.73 34.75 1.94
C SER H 75 9.01 35.52 3.22
N ARG H 76 8.00 35.65 4.08
CA ARG H 76 8.12 36.39 5.33
C ARG H 76 9.18 35.93 6.33
N GLU H 77 9.53 34.65 6.35
CA GLU H 77 10.52 34.21 7.31
C GLU H 77 11.88 34.02 6.69
N GLU H 78 12.10 34.62 5.52
CA GLU H 78 13.38 34.53 4.87
C GLU H 78 14.42 34.80 5.96
N ARG H 79 14.11 35.72 6.88
CA ARG H 79 15.01 36.06 7.97
C ARG H 79 15.19 34.95 9.03
N SER H 80 14.14 34.16 9.23
CA SER H 80 14.22 33.05 10.18
C SER H 80 15.00 31.92 9.49
N TRP H 81 14.66 31.67 8.23
CA TRP H 81 15.37 30.67 7.43
C TRP H 81 16.86 31.03 7.47
N PHE H 82 17.15 32.28 7.18
CA PHE H 82 18.51 32.75 7.14
C PHE H 82 19.28 32.59 8.45
N ARG H 83 18.64 33.00 9.55
CA ARG H 83 19.29 32.92 10.85
C ARG H 83 19.52 31.48 11.28
N GLU H 84 18.50 30.64 11.18
CA GLU H 84 18.70 29.26 11.59
C GLU H 84 19.87 28.62 10.84
N ALA H 85 19.86 28.77 9.52
CA ALA H 85 20.94 28.23 8.71
C ALA H 85 22.25 28.89 9.07
N GLU H 86 22.23 30.20 9.26
CA GLU H 86 23.44 30.93 9.61
C GLU H 86 24.04 30.41 10.92
N ILE H 87 23.19 30.08 11.88
CA ILE H 87 23.71 29.58 13.14
C ILE H 87 24.28 28.17 13.04
N TYR H 88 23.57 27.28 12.38
CA TYR H 88 24.09 25.93 12.25
C TYR H 88 25.40 25.94 11.46
N GLN H 89 25.54 26.94 10.62
CA GLN H 89 26.72 27.04 9.78
C GLN H 89 27.95 27.64 10.45
N THR H 90 27.74 28.66 11.28
CA THR H 90 28.85 29.32 11.93
C THR H 90 29.14 28.76 13.32
N VAL H 91 28.22 27.94 13.84
CA VAL H 91 28.41 27.36 15.16
C VAL H 91 28.33 25.86 15.03
N MET H 92 29.37 25.17 15.49
CA MET H 92 29.39 23.72 15.41
C MET H 92 28.37 23.14 16.39
N LEU H 93 27.24 22.69 15.84
CA LEU H 93 26.17 22.12 16.64
C LEU H 93 25.79 20.70 16.28
N ARG H 94 26.53 19.73 16.80
CA ARG H 94 26.20 18.34 16.55
C ARG H 94 26.09 17.72 17.93
N HIS H 95 24.85 17.52 18.39
CA HIS H 95 24.60 17.00 19.71
C HIS H 95 23.34 16.17 19.63
N GLU H 96 23.25 15.11 20.42
CA GLU H 96 22.05 14.28 20.36
C GLU H 96 20.79 15.00 20.84
N ASN H 97 20.93 16.14 21.49
CA ASN H 97 19.74 16.83 21.97
C ASN H 97 19.44 18.14 21.24
N ILE H 98 20.02 18.24 20.04
CA ILE H 98 19.82 19.38 19.18
C ILE H 98 19.52 18.86 17.77
N LEU H 99 18.39 19.27 17.22
CA LEU H 99 17.96 18.84 15.89
C LEU H 99 19.13 18.86 14.91
N GLY H 100 19.39 17.71 14.29
CA GLY H 100 20.48 17.56 13.35
C GLY H 100 20.27 18.31 12.04
N PHE H 101 21.16 19.25 11.77
CA PHE H 101 21.11 20.04 10.56
C PHE H 101 21.86 19.34 9.42
N ILE H 102 21.29 19.39 8.23
CA ILE H 102 21.90 18.75 7.08
C ILE H 102 22.33 19.75 6.01
N ALA H 103 21.37 20.53 5.51
CA ALA H 103 21.68 21.52 4.48
C ALA H 103 20.59 22.56 4.36
N ALA H 104 20.96 23.71 3.81
CA ALA H 104 20.02 24.80 3.58
C ALA H 104 20.09 25.09 2.08
N ASP H 105 18.97 25.40 1.45
CA ASP H 105 19.02 25.71 0.02
C ASP H 105 18.02 26.79 -0.38
N ASN H 106 18.45 27.60 -1.34
CA ASN H 106 17.65 28.70 -1.87
C ASN H 106 17.31 28.31 -3.31
N LYS H 107 16.14 27.71 -3.51
CA LYS H 107 15.74 27.31 -4.84
C LYS H 107 14.73 28.28 -5.41
N ASP H 108 15.23 29.34 -6.01
CA ASP H 108 14.36 30.36 -6.59
C ASP H 108 14.14 30.09 -8.08
N ASN H 109 12.91 29.71 -8.43
CA ASN H 109 12.56 29.47 -9.83
C ASN H 109 12.05 30.82 -10.36
N GLY H 110 12.19 31.07 -11.66
CA GLY H 110 11.74 32.32 -12.25
C GLY H 110 10.28 32.63 -11.95
N THR H 111 9.62 31.68 -11.29
CA THR H 111 8.21 31.78 -10.90
C THR H 111 8.00 32.14 -9.42
N TRP H 112 8.73 31.46 -8.52
CA TRP H 112 8.64 31.77 -7.09
C TRP H 112 9.80 31.17 -6.26
N THR H 113 10.47 32.01 -5.48
CA THR H 113 11.60 31.59 -4.65
C THR H 113 11.11 30.58 -3.61
N GLN H 114 11.97 29.67 -3.20
CA GLN H 114 11.58 28.66 -2.23
C GLN H 114 12.75 28.35 -1.28
N LEU H 115 12.60 28.73 -0.01
CA LEU H 115 13.64 28.53 1.00
C LEU H 115 13.57 27.19 1.75
N TRP H 116 14.60 26.37 1.59
CA TRP H 116 14.68 25.04 2.20
C TRP H 116 15.62 24.88 3.38
N LEU H 117 15.20 24.05 4.33
CA LEU H 117 16.00 23.74 5.49
C LEU H 117 15.88 22.23 5.68
N VAL H 118 16.98 21.51 5.47
CA VAL H 118 16.94 20.05 5.60
C VAL H 118 17.57 19.60 6.90
N SER H 119 16.89 18.69 7.59
CA SER H 119 17.40 18.20 8.87
C SER H 119 16.96 16.76 9.09
N ASP H 120 17.36 16.19 10.22
CA ASP H 120 16.96 14.83 10.56
C ASP H 120 15.45 14.77 10.66
N TYR H 121 14.90 13.57 10.52
CA TYR H 121 13.47 13.34 10.60
C TYR H 121 13.15 12.61 11.90
N HIS H 122 12.10 13.04 12.56
CA HIS H 122 11.68 12.44 13.81
C HIS H 122 10.21 12.25 13.72
N GLU H 123 9.99 10.88 13.36
CA GLU H 123 8.60 10.53 13.15
C GLU H 123 7.64 11.06 14.19
N HIS H 124 8.02 11.02 15.46
CA HIS H 124 7.12 11.51 16.49
C HIS H 124 6.72 12.96 16.30
N GLY H 125 7.63 13.80 15.80
CA GLY H 125 7.30 15.19 15.65
C GLY H 125 7.67 15.95 16.92
N SER H 126 6.96 17.06 17.15
CA SER H 126 7.21 17.90 18.31
C SER H 126 6.71 17.31 19.64
N LEU H 127 7.25 17.81 20.73
CA LEU H 127 6.84 17.42 22.06
C LEU H 127 5.34 17.75 22.14
N PHE H 128 4.96 18.84 21.50
CA PHE H 128 3.57 19.23 21.47
C PHE H 128 2.70 18.14 20.83
N ASP H 129 3.08 17.65 19.65
CA ASP H 129 2.29 16.59 19.03
C ASP H 129 2.30 15.32 19.89
N TYR H 130 3.47 15.03 20.43
CA TYR H 130 3.67 13.85 21.24
C TYR H 130 2.78 13.87 22.48
N LEU H 131 2.84 14.97 23.23
CA LEU H 131 2.03 15.12 24.46
C LEU H 131 0.55 15.16 24.19
N ASN H 132 0.17 15.54 22.98
CA ASN H 132 -1.24 15.57 22.64
C ASN H 132 -1.69 14.14 22.36
N ARG H 133 -0.76 13.36 21.83
CA ARG H 133 -1.03 11.98 21.47
C ARG H 133 -0.92 11.05 22.68
N TYR H 134 0.11 11.25 23.50
CA TYR H 134 0.37 10.33 24.61
C TYR H 134 0.45 10.89 26.02
N THR H 135 0.17 10.03 27.01
CA THR H 135 0.36 10.46 28.37
C THR H 135 1.74 9.90 28.58
N VAL H 136 2.34 10.20 29.71
CA VAL H 136 3.69 9.74 29.88
C VAL H 136 3.88 9.16 31.27
N THR H 137 4.93 8.39 31.39
CA THR H 137 5.34 7.70 32.60
C THR H 137 6.25 8.63 33.40
N VAL H 138 6.45 8.34 34.67
CA VAL H 138 7.36 9.14 35.47
C VAL H 138 8.72 9.09 34.79
N GLU H 139 9.11 7.89 34.37
CA GLU H 139 10.38 7.72 33.70
C GLU H 139 10.38 8.47 32.38
N GLY H 140 9.26 8.39 31.65
CA GLY H 140 9.16 9.08 30.38
C GLY H 140 9.29 10.59 30.57
N MET H 141 8.70 11.10 31.64
CA MET H 141 8.74 12.51 31.95
C MET H 141 10.16 12.92 32.19
N ILE H 142 10.85 12.18 33.05
CA ILE H 142 12.22 12.52 33.34
C ILE H 142 13.07 12.44 32.08
N LYS H 143 12.89 11.42 31.24
CA LYS H 143 13.67 11.35 30.01
C LYS H 143 13.42 12.66 29.22
N LEU H 144 12.15 12.97 28.94
CA LEU H 144 11.84 14.18 28.19
C LEU H 144 12.46 15.44 28.77
N ALA H 145 12.24 15.65 30.07
CA ALA H 145 12.74 16.84 30.72
C ALA H 145 14.24 16.89 30.82
N LEU H 146 14.84 15.75 31.16
CA LEU H 146 16.29 15.70 31.30
C LEU H 146 16.95 16.08 29.98
N SER H 147 16.52 15.42 28.91
CA SER H 147 17.11 15.66 27.61
C SER H 147 16.86 17.09 27.13
N THR H 148 15.69 17.65 27.42
CA THR H 148 15.43 19.04 27.03
C THR H 148 16.44 19.98 27.73
N ALA H 149 16.63 19.78 29.02
CA ALA H 149 17.56 20.59 29.81
C ALA H 149 18.97 20.39 29.30
N SER H 150 19.31 19.18 28.88
CA SER H 150 20.67 18.95 28.40
C SER H 150 20.92 19.70 27.10
N GLY H 151 19.92 19.67 26.23
CA GLY H 151 20.02 20.35 24.96
C GLY H 151 20.17 21.82 25.21
N LEU H 152 19.30 22.37 26.04
CA LEU H 152 19.35 23.79 26.32
C LEU H 152 20.62 24.17 27.02
N ALA H 153 21.09 23.32 27.93
CA ALA H 153 22.32 23.63 28.64
C ALA H 153 23.46 23.58 27.66
N HIS H 154 23.35 22.75 26.63
CA HIS H 154 24.42 22.67 25.65
C HIS H 154 24.45 23.95 24.83
N LEU H 155 23.28 24.41 24.38
CA LEU H 155 23.20 25.68 23.65
C LEU H 155 23.79 26.83 24.46
N HIS H 156 23.29 27.02 25.68
CA HIS H 156 23.75 28.13 26.54
C HIS H 156 25.23 28.10 26.93
N MET H 157 25.88 26.97 26.71
CA MET H 157 27.26 26.86 27.13
C MET H 157 28.33 27.26 26.12
N GLU H 158 29.32 27.98 26.61
CA GLU H 158 30.43 28.36 25.76
C GLU H 158 31.47 27.26 25.97
N ILE H 159 31.88 26.61 24.90
CA ILE H 159 32.87 25.54 24.97
C ILE H 159 34.13 25.95 24.24
N VAL H 160 35.22 26.01 24.99
CA VAL H 160 36.51 26.41 24.44
C VAL H 160 37.15 25.37 23.50
N GLY H 161 37.99 25.83 22.57
CA GLY H 161 38.67 24.90 21.68
C GLY H 161 38.21 24.87 20.23
N THR H 162 38.93 24.08 19.42
CA THR H 162 38.65 23.92 17.99
C THR H 162 37.23 23.41 17.78
N GLN H 163 36.91 22.32 18.46
CA GLN H 163 35.60 21.72 18.35
C GLN H 163 34.67 22.52 19.26
N GLY H 164 35.12 23.72 19.60
CA GLY H 164 34.41 24.64 20.49
C GLY H 164 33.04 25.13 20.06
N LYS H 165 32.59 26.22 20.69
CA LYS H 165 31.27 26.74 20.42
C LYS H 165 30.89 27.93 21.29
N PRO H 166 30.38 29.01 20.70
CA PRO H 166 30.00 30.16 21.52
C PRO H 166 28.66 29.85 22.18
N ALA H 167 28.30 30.63 23.20
CA ALA H 167 27.02 30.44 23.88
C ALA H 167 25.90 30.94 22.96
N ILE H 168 24.75 30.27 23.02
CA ILE H 168 23.60 30.62 22.21
C ILE H 168 22.32 30.65 23.04
N ALA H 169 21.44 31.60 22.76
CA ALA H 169 20.16 31.70 23.45
C ALA H 169 19.11 31.41 22.40
N HIS H 170 18.16 30.57 22.74
CA HIS H 170 17.15 30.16 21.78
C HIS H 170 16.18 31.28 21.42
N ARG H 171 15.44 31.77 22.40
CA ARG H 171 14.46 32.85 22.25
C ARG H 171 13.08 32.43 21.80
N ASP H 172 12.88 31.16 21.48
CA ASP H 172 11.53 30.71 21.14
C ASP H 172 11.29 29.26 21.54
N LEU H 173 11.72 28.92 22.75
CA LEU H 173 11.54 27.59 23.30
C LEU H 173 10.05 27.34 23.53
N LYS H 174 9.57 26.16 23.17
CA LYS H 174 8.18 25.84 23.38
C LYS H 174 7.96 24.40 22.95
N SER H 175 6.87 23.78 23.39
CA SER H 175 6.56 22.39 23.03
C SER H 175 6.75 22.14 21.55
N LYS H 176 6.29 23.08 20.75
CA LYS H 176 6.37 22.92 19.30
C LYS H 176 7.75 23.01 18.71
N ASN H 177 8.74 23.42 19.50
CA ASN H 177 10.09 23.51 18.99
C ASN H 177 11.04 22.51 19.63
N ILE H 178 10.46 21.46 20.14
CA ILE H 178 11.27 20.41 20.69
C ILE H 178 10.75 19.16 19.97
N LEU H 179 11.68 18.35 19.50
CA LEU H 179 11.26 17.14 18.80
C LEU H 179 11.57 15.96 19.70
N VAL H 180 10.77 14.91 19.60
CA VAL H 180 11.06 13.74 20.42
C VAL H 180 11.40 12.54 19.55
N LYS H 181 12.62 12.04 19.74
CA LYS H 181 13.11 10.89 19.00
C LYS H 181 12.38 9.59 19.35
N LYS H 182 12.69 8.52 18.62
CA LYS H 182 12.03 7.26 18.91
C LYS H 182 12.48 6.67 20.22
N ASN H 183 13.65 7.07 20.72
CA ASN H 183 14.08 6.52 22.00
C ASN H 183 13.52 7.29 23.20
N GLY H 184 12.44 8.03 23.00
CA GLY H 184 11.82 8.77 24.11
C GLY H 184 12.54 10.02 24.62
N THR H 185 13.56 10.42 23.89
CA THR H 185 14.39 11.58 24.21
C THR H 185 14.01 12.77 23.36
N CYS H 186 14.49 13.95 23.72
CA CYS H 186 14.19 15.16 22.97
C CYS H 186 15.42 15.81 22.39
N CYS H 187 15.18 16.70 21.43
CA CYS H 187 16.24 17.51 20.86
C CYS H 187 15.58 18.86 20.55
N ILE H 188 16.29 19.94 20.81
CA ILE H 188 15.78 21.29 20.56
C ILE H 188 15.89 21.59 19.07
N ALA H 189 14.89 22.28 18.52
CA ALA H 189 14.90 22.64 17.12
C ALA H 189 14.59 24.13 16.94
N ASP H 190 14.50 24.56 15.68
CA ASP H 190 14.18 25.92 15.27
C ASP H 190 15.03 27.01 15.89
N LEU H 191 16.22 27.21 15.35
CA LEU H 191 17.13 28.24 15.85
C LEU H 191 17.03 29.55 15.07
N GLY H 192 15.88 29.79 14.45
CA GLY H 192 15.67 31.00 13.67
C GLY H 192 15.69 32.37 14.36
N LEU H 193 15.58 32.40 15.68
CA LEU H 193 15.62 33.65 16.42
C LEU H 193 16.76 33.66 17.43
N ALA H 194 17.63 32.66 17.35
CA ALA H 194 18.73 32.52 18.27
C ALA H 194 19.74 33.65 18.22
N VAL H 195 20.35 33.94 19.37
CA VAL H 195 21.37 34.96 19.44
C VAL H 195 22.65 34.33 19.93
N ARG H 196 23.76 34.78 19.37
CA ARG H 196 25.06 34.23 19.69
C ARG H 196 25.81 35.18 20.60
N HIS H 197 26.56 34.64 21.53
CA HIS H 197 27.36 35.49 22.41
C HIS H 197 28.80 35.38 21.97
N ASP H 198 29.34 36.47 21.48
CA ASP H 198 30.73 36.42 21.04
C ASP H 198 31.56 37.09 22.11
N SER H 199 31.87 36.29 23.12
CA SER H 199 32.65 36.72 24.28
C SER H 199 34.00 37.28 23.88
N ALA H 200 34.41 37.00 22.65
CA ALA H 200 35.68 37.47 22.13
C ALA H 200 35.61 38.97 21.79
N THR H 201 34.45 39.59 22.05
CA THR H 201 34.24 41.02 21.79
C THR H 201 33.14 41.53 22.69
N ASP H 202 32.72 40.69 23.63
CA ASP H 202 31.66 41.03 24.56
C ASP H 202 30.41 41.53 23.82
N THR H 203 30.16 40.98 22.64
CA THR H 203 28.99 41.42 21.88
C THR H 203 27.95 40.31 21.75
N ILE H 204 26.72 40.72 21.50
CA ILE H 204 25.63 39.79 21.32
C ILE H 204 25.13 39.90 19.89
N ASP H 205 25.40 38.87 19.11
CA ASP H 205 24.99 38.82 17.72
C ASP H 205 23.48 38.62 17.69
N ILE H 206 22.72 39.64 17.34
CA ILE H 206 21.27 39.48 17.27
C ILE H 206 20.77 39.77 15.87
N ALA H 207 20.26 38.75 15.21
CA ALA H 207 19.76 38.89 13.84
C ALA H 207 18.38 39.55 13.75
N PRO H 208 18.20 40.37 12.70
CA PRO H 208 16.98 41.13 12.37
C PRO H 208 15.86 40.24 11.84
N ASN H 209 14.65 40.41 12.37
CA ASN H 209 13.50 39.62 11.95
C ASN H 209 12.22 40.35 12.39
N HIS H 210 11.17 40.28 11.57
CA HIS H 210 9.89 40.91 11.91
C HIS H 210 9.22 40.03 12.97
N ARG H 211 9.79 38.85 13.15
CA ARG H 211 9.31 37.83 14.08
C ARG H 211 9.96 37.91 15.47
N VAL H 212 9.19 37.59 16.49
CA VAL H 212 9.70 37.56 17.86
C VAL H 212 9.08 36.32 18.53
N GLY H 213 9.56 35.96 19.71
CA GLY H 213 9.05 34.78 20.38
C GLY H 213 7.53 34.60 20.40
N THR H 214 7.11 33.37 20.64
CA THR H 214 5.72 33.00 20.74
C THR H 214 5.28 33.67 22.03
N LYS H 215 4.20 34.43 22.00
CA LYS H 215 3.79 35.20 23.17
C LYS H 215 3.45 34.50 24.48
N ARG H 216 2.82 33.32 24.44
CA ARG H 216 2.51 32.72 25.73
C ARG H 216 3.76 32.20 26.44
N TYR H 217 4.88 32.06 25.74
CA TYR H 217 6.06 31.57 26.44
C TYR H 217 7.05 32.69 26.78
N MET H 218 6.70 33.93 26.49
CA MET H 218 7.60 35.03 26.80
C MET H 218 7.76 35.30 28.29
N ALA H 219 9.01 35.46 28.70
CA ALA H 219 9.31 35.75 30.09
C ALA H 219 8.75 37.12 30.47
N PRO H 220 8.57 37.35 31.77
CA PRO H 220 8.03 38.63 32.27
C PRO H 220 8.82 39.85 31.73
N GLU H 221 10.16 39.78 31.85
CA GLU H 221 11.04 40.86 31.40
C GLU H 221 10.89 41.14 29.91
N VAL H 222 10.44 40.14 29.14
CA VAL H 222 10.27 40.34 27.71
C VAL H 222 8.92 40.93 27.47
N LEU H 223 7.95 40.45 28.22
CA LEU H 223 6.60 40.95 28.10
C LEU H 223 6.50 42.42 28.46
N ASP H 224 7.26 42.87 29.45
CA ASP H 224 7.19 44.26 29.87
C ASP H 224 8.34 45.11 29.31
N ASP H 225 9.10 44.55 28.38
CA ASP H 225 10.23 45.24 27.76
C ASP H 225 11.39 45.65 28.64
N SER H 226 11.42 45.20 29.88
CA SER H 226 12.51 45.60 30.74
C SER H 226 13.81 44.81 30.53
N ILE H 227 13.73 43.68 29.83
CA ILE H 227 14.93 42.87 29.61
C ILE H 227 16.11 43.65 29.06
N ASN H 228 17.24 43.60 29.74
CA ASN H 228 18.43 44.29 29.30
C ASN H 228 19.09 43.48 28.17
N MET H 229 18.89 43.90 26.93
CA MET H 229 19.46 43.17 25.82
C MET H 229 20.94 43.31 25.57
N LYS H 230 21.62 43.98 26.47
CA LYS H 230 23.06 44.13 26.33
C LYS H 230 23.77 43.07 27.19
N HIS H 231 23.01 42.32 27.96
CA HIS H 231 23.57 41.26 28.82
C HIS H 231 23.10 39.89 28.38
N PHE H 232 24.02 39.07 27.90
CA PHE H 232 23.68 37.75 27.41
C PHE H 232 22.90 36.92 28.41
N GLU H 233 23.28 36.98 29.68
CA GLU H 233 22.58 36.21 30.70
C GLU H 233 21.07 36.44 30.64
N SER H 234 20.66 37.65 30.32
CA SER H 234 19.23 37.94 30.24
C SER H 234 18.52 36.99 29.28
N PHE H 235 19.17 36.67 28.16
CA PHE H 235 18.55 35.77 27.20
C PHE H 235 18.45 34.33 27.72
N LYS H 236 19.48 33.87 28.41
CA LYS H 236 19.42 32.52 28.94
C LYS H 236 18.30 32.42 29.98
N ARG H 237 18.20 33.45 30.82
CA ARG H 237 17.18 33.46 31.85
C ARG H 237 15.80 33.45 31.29
N ALA H 238 15.64 34.09 30.13
CA ALA H 238 14.33 34.11 29.50
C ALA H 238 14.01 32.70 28.97
N ASP H 239 15.02 31.98 28.46
CA ASP H 239 14.82 30.61 27.98
C ASP H 239 14.39 29.72 29.16
N ILE H 240 15.05 29.87 30.30
CA ILE H 240 14.72 29.07 31.48
C ILE H 240 13.27 29.19 31.84
N TYR H 241 12.75 30.41 31.81
CA TYR H 241 11.36 30.62 32.15
C TYR H 241 10.51 29.80 31.20
N ALA H 242 10.88 29.80 29.93
CA ALA H 242 10.11 29.06 28.95
C ALA H 242 10.29 27.55 29.14
N MET H 243 11.50 27.11 29.48
CA MET H 243 11.69 25.68 29.67
C MET H 243 10.77 25.22 30.81
N GLY H 244 10.64 26.09 31.81
CA GLY H 244 9.78 25.79 32.94
C GLY H 244 8.35 25.55 32.49
N LEU H 245 7.86 26.38 31.59
CA LEU H 245 6.48 26.16 31.13
C LEU H 245 6.42 24.82 30.42
N VAL H 246 7.47 24.49 29.67
CA VAL H 246 7.50 23.22 28.96
C VAL H 246 7.42 22.06 29.97
N PHE H 247 8.19 22.16 31.07
CA PHE H 247 8.13 21.12 32.09
C PHE H 247 6.74 20.99 32.64
N TRP H 248 6.03 22.10 32.74
CA TRP H 248 4.67 22.04 33.22
C TRP H 248 3.82 21.24 32.21
N GLU H 249 3.96 21.53 30.91
CA GLU H 249 3.19 20.82 29.90
C GLU H 249 3.41 19.31 29.99
N ILE H 250 4.66 18.91 30.23
CA ILE H 250 5.01 17.52 30.33
C ILE H 250 4.42 16.87 31.59
N ALA H 251 4.69 17.47 32.75
CA ALA H 251 4.21 16.93 34.04
C ALA H 251 2.71 16.74 34.06
N ARG H 252 2.03 17.66 33.41
CA ARG H 252 0.59 17.62 33.32
C ARG H 252 0.13 16.31 32.66
N ARG H 253 1.02 15.67 31.90
CA ARG H 253 0.70 14.44 31.22
C ARG H 253 1.35 13.23 31.85
N CYS H 254 1.91 13.39 33.04
CA CYS H 254 2.50 12.24 33.67
C CYS H 254 1.29 11.47 34.17
N SER H 255 1.14 10.22 33.77
CA SER H 255 -0.01 9.45 34.20
C SER H 255 0.41 8.38 35.19
N ILE H 256 -0.06 8.47 36.42
CA ILE H 256 0.26 7.49 37.44
C ILE H 256 -1.00 6.81 37.93
N GLY H 257 -1.16 5.54 37.58
CA GLY H 257 -2.35 4.81 37.98
C GLY H 257 -3.59 5.39 37.32
N GLY H 258 -3.44 5.79 36.06
CA GLY H 258 -4.57 6.34 35.32
C GLY H 258 -4.87 7.83 35.50
N ILE H 259 -4.31 8.49 36.51
CA ILE H 259 -4.61 9.91 36.66
C ILE H 259 -3.61 10.86 35.99
N HIS H 260 -4.17 11.78 35.21
CA HIS H 260 -3.40 12.78 34.51
C HIS H 260 -4.38 13.83 34.02
N GLU H 261 -3.85 14.82 33.33
CA GLU H 261 -4.64 15.92 32.80
C GLU H 261 -4.72 15.83 31.27
N ASP H 262 -5.58 16.64 30.68
CA ASP H 262 -5.64 16.69 29.23
C ASP H 262 -4.46 17.56 28.86
N TYR H 263 -4.00 17.46 27.63
CA TYR H 263 -2.89 18.31 27.23
C TYR H 263 -3.35 19.77 27.22
N GLN H 264 -2.48 20.68 27.64
CA GLN H 264 -2.80 22.09 27.59
C GLN H 264 -1.53 22.89 27.44
N LEU H 265 -1.66 24.03 26.77
CA LEU H 265 -0.56 24.98 26.62
C LEU H 265 -0.54 25.80 27.94
N PRO H 266 0.61 26.39 28.29
CA PRO H 266 0.69 27.19 29.50
C PRO H 266 -0.28 28.35 29.39
N TYR H 267 -0.94 28.66 30.50
CA TYR H 267 -1.90 29.75 30.59
C TYR H 267 -3.14 29.55 29.75
N TYR H 268 -3.43 28.30 29.39
CA TYR H 268 -4.61 27.98 28.59
C TYR H 268 -5.90 28.47 29.24
N ASP H 269 -5.93 28.53 30.57
CA ASP H 269 -7.12 28.94 31.30
C ASP H 269 -7.26 30.44 31.57
N LEU H 270 -6.15 31.17 31.55
CA LEU H 270 -6.16 32.59 31.86
C LEU H 270 -6.08 33.45 30.62
N VAL H 271 -5.89 32.83 29.48
CA VAL H 271 -5.69 33.58 28.26
C VAL H 271 -6.35 33.01 27.01
N PRO H 272 -6.72 33.89 26.07
CA PRO H 272 -7.36 33.53 24.81
C PRO H 272 -6.35 32.80 23.97
N SER H 273 -6.81 32.08 22.96
CA SER H 273 -5.89 31.41 22.08
C SER H 273 -5.22 32.54 21.33
N ASP H 274 -3.98 32.33 20.89
CA ASP H 274 -3.27 33.39 20.17
C ASP H 274 -3.31 34.69 20.99
N PRO H 275 -2.68 34.69 22.16
CA PRO H 275 -2.60 35.81 23.10
C PRO H 275 -1.74 36.95 22.59
N SER H 276 -2.14 38.18 22.91
CA SER H 276 -1.37 39.36 22.50
C SER H 276 -0.40 39.65 23.63
N VAL H 277 0.63 40.44 23.33
CA VAL H 277 1.60 40.79 24.36
C VAL H 277 0.92 41.43 25.57
N GLU H 278 -0.07 42.26 25.30
CA GLU H 278 -0.81 42.96 26.34
C GLU H 278 -1.56 41.96 27.24
N GLU H 279 -2.28 41.02 26.67
CA GLU H 279 -3.01 40.02 27.45
C GLU H 279 -2.09 39.17 28.31
N MET H 280 -0.96 38.73 27.75
CA MET H 280 -0.01 37.93 28.50
C MET H 280 0.58 38.75 29.64
N ARG H 281 0.83 40.02 29.34
CA ARG H 281 1.41 40.93 30.30
C ARG H 281 0.55 41.13 31.54
N LYS H 282 -0.77 41.19 31.33
CA LYS H 282 -1.68 41.39 32.45
C LYS H 282 -1.59 40.21 33.40
N VAL H 283 -1.67 39.01 32.83
CA VAL H 283 -1.61 37.78 33.62
C VAL H 283 -0.26 37.53 34.30
N VAL H 284 0.81 37.64 33.54
CA VAL H 284 2.13 37.36 34.05
C VAL H 284 2.88 38.45 34.83
N CYS H 285 2.76 39.72 34.43
CA CYS H 285 3.46 40.78 35.14
C CYS H 285 2.63 41.50 36.19
N GLU H 286 1.42 41.90 35.81
CA GLU H 286 0.53 42.60 36.72
C GLU H 286 -0.06 41.67 37.75
N GLN H 287 -0.74 40.62 37.29
CA GLN H 287 -1.36 39.67 38.19
C GLN H 287 -0.38 38.65 38.74
N LYS H 288 0.82 38.63 38.19
CA LYS H 288 1.85 37.70 38.65
C LYS H 288 1.39 36.24 38.77
N LEU H 289 0.59 35.79 37.81
CA LEU H 289 0.12 34.42 37.82
C LEU H 289 1.10 33.49 37.05
N ARG H 290 1.04 32.22 37.39
CA ARG H 290 1.87 31.18 36.77
C ARG H 290 0.94 30.01 36.53
N PRO H 291 1.35 29.05 35.69
CA PRO H 291 0.44 27.92 35.48
C PRO H 291 0.18 27.21 36.82
N ASN H 292 -0.98 26.60 36.95
CA ASN H 292 -1.28 25.92 38.22
C ASN H 292 -0.50 24.65 38.45
N ILE H 293 0.05 24.52 39.65
CA ILE H 293 0.79 23.33 40.07
C ILE H 293 -0.13 22.60 41.05
N PRO H 294 -0.72 21.46 40.62
CA PRO H 294 -1.63 20.67 41.45
C PRO H 294 -1.00 20.28 42.77
N ASN H 295 -1.78 20.27 43.84
CA ASN H 295 -1.24 19.89 45.14
C ASN H 295 -0.75 18.45 45.11
N ARG H 296 -1.47 17.58 44.40
CA ARG H 296 -1.10 16.18 44.32
C ARG H 296 0.34 15.93 43.87
N TRP H 297 0.94 16.85 43.10
CA TRP H 297 2.32 16.66 42.69
C TRP H 297 3.29 16.66 43.86
N GLN H 298 2.84 17.12 45.02
CA GLN H 298 3.73 17.17 46.17
C GLN H 298 3.99 15.83 46.82
N SER H 299 3.07 14.88 46.62
CA SER H 299 3.17 13.52 47.19
C SER H 299 4.26 12.68 46.54
N CYS H 300 4.12 12.51 45.23
CA CYS H 300 5.03 11.75 44.38
C CYS H 300 6.34 12.53 44.21
N GLU H 301 7.45 11.99 44.71
CA GLU H 301 8.71 12.70 44.61
C GLU H 301 9.14 13.22 43.23
N ALA H 302 8.96 12.43 42.17
CA ALA H 302 9.36 12.87 40.84
C ALA H 302 8.63 14.15 40.42
N LEU H 303 7.32 14.23 40.65
CA LEU H 303 6.58 15.44 40.30
C LEU H 303 6.96 16.59 41.22
N ARG H 304 7.32 16.27 42.45
CA ARG H 304 7.69 17.29 43.43
C ARG H 304 8.98 17.98 43.01
N VAL H 305 9.90 17.23 42.42
CA VAL H 305 11.14 17.82 41.97
C VAL H 305 10.85 18.68 40.74
N MET H 306 10.01 18.16 39.85
CA MET H 306 9.62 18.88 38.64
C MET H 306 8.95 20.19 39.05
N ALA H 307 7.99 20.10 39.98
CA ALA H 307 7.26 21.26 40.47
C ALA H 307 8.20 22.28 41.07
N LYS H 308 9.19 21.80 41.83
CA LYS H 308 10.12 22.72 42.43
C LYS H 308 10.96 23.40 41.33
N ILE H 309 11.32 22.66 40.29
CA ILE H 309 12.06 23.23 39.18
C ILE H 309 11.19 24.28 38.46
N MET H 310 9.93 23.96 38.21
CA MET H 310 9.03 24.91 37.57
C MET H 310 9.03 26.24 38.30
N ARG H 311 8.78 26.20 39.62
CA ARG H 311 8.77 27.42 40.43
C ARG H 311 10.10 28.18 40.35
N GLU H 312 11.24 27.47 40.36
CA GLU H 312 12.55 28.11 40.28
C GLU H 312 12.76 28.70 38.90
N CYS H 313 11.92 28.30 37.95
CA CYS H 313 12.06 28.84 36.62
C CYS H 313 11.13 30.03 36.45
N TRP H 314 10.12 30.13 37.30
CA TRP H 314 9.14 31.18 37.14
C TRP H 314 9.20 32.48 37.90
N TYR H 315 10.27 32.71 38.65
CA TYR H 315 10.42 33.96 39.38
C TYR H 315 10.38 35.14 38.43
N ALA H 316 9.79 36.25 38.87
CA ALA H 316 9.74 37.44 38.04
C ALA H 316 11.17 37.95 37.84
N ASN H 317 12.02 37.72 38.83
CA ASN H 317 13.40 38.17 38.79
C ASN H 317 14.29 37.13 38.09
N GLY H 318 14.63 37.42 36.84
CA GLY H 318 15.46 36.53 36.06
C GLY H 318 16.70 35.99 36.76
N ALA H 319 17.33 36.81 37.59
CA ALA H 319 18.54 36.39 38.29
C ALA H 319 18.35 35.32 39.37
N ALA H 320 17.12 35.12 39.83
CA ALA H 320 16.88 34.10 40.86
C ALA H 320 16.54 32.75 40.21
N ARG H 321 16.35 32.72 38.90
CA ARG H 321 16.00 31.48 38.23
C ARG H 321 17.14 30.49 38.14
N LEU H 322 16.78 29.23 38.08
CA LEU H 322 17.76 28.18 37.96
C LEU H 322 18.44 28.31 36.61
N THR H 323 19.57 27.64 36.52
CA THR H 323 20.40 27.62 35.35
C THR H 323 20.07 26.32 34.62
N ALA H 324 20.19 26.31 33.30
CA ALA H 324 19.90 25.09 32.54
C ALA H 324 20.78 23.93 33.04
N LEU H 325 22.03 24.23 33.36
CA LEU H 325 22.96 23.20 33.85
C LEU H 325 22.44 22.62 35.15
N ARG H 326 22.07 23.51 36.07
CA ARG H 326 21.57 23.07 37.35
C ARG H 326 20.35 22.18 37.16
N ILE H 327 19.42 22.57 36.30
CA ILE H 327 18.26 21.74 36.08
C ILE H 327 18.72 20.39 35.54
N LYS H 328 19.75 20.41 34.72
CA LYS H 328 20.29 19.19 34.14
C LYS H 328 20.74 18.31 35.30
N LYS H 329 21.49 18.91 36.21
CA LYS H 329 22.01 18.21 37.37
C LYS H 329 20.96 17.65 38.34
N THR H 330 20.06 18.50 38.84
CA THR H 330 19.08 17.99 39.78
C THR H 330 18.21 16.93 39.11
N LEU H 331 18.05 17.05 37.80
CA LEU H 331 17.27 16.07 37.07
C LEU H 331 18.05 14.75 36.93
N SER H 332 19.38 14.84 36.86
CA SER H 332 20.24 13.67 36.77
C SER H 332 20.21 12.88 38.06
N GLN H 333 20.28 13.61 39.18
CA GLN H 333 20.22 13.01 40.51
C GLN H 333 18.89 12.28 40.60
N LEU H 334 17.81 12.95 40.24
CA LEU H 334 16.49 12.32 40.29
C LEU H 334 16.43 11.06 39.43
N SER H 335 17.01 11.12 38.25
CA SER H 335 17.00 10.00 37.34
C SER H 335 17.74 8.76 37.84
N GLN H 336 18.70 8.95 38.74
CA GLN H 336 19.45 7.83 39.28
C GLN H 336 18.79 7.24 40.51
N GLN H 337 17.90 8.01 41.13
CA GLN H 337 17.21 7.53 42.32
C GLN H 337 15.95 6.78 41.92
N GLU H 338 15.81 6.52 40.63
CA GLU H 338 14.64 5.81 40.14
C GLU H 338 15.01 4.93 38.95
N GLY H 339 16.27 4.52 38.89
CA GLY H 339 16.72 3.67 37.79
C GLY H 339 16.57 4.37 36.45
#